data_3IRN
#
_entry.id   3IRN
#
_cell.length_a   81.345
_cell.length_b   165.593
_cell.length_c   84.848
_cell.angle_alpha   90.000
_cell.angle_beta   113.361
_cell.angle_gamma   90.000
#
_symmetry.space_group_name_H-M   'P 1 21 1'
#
loop_
_entity.id
_entity.type
_entity.pdbx_description
1 polymer 'Bifunctional dihydrofolate reductase-thymidylate synthase'
2 non-polymer 1-(4-chlorophenyl)-6,6-dimethyl-1,6-dihydro-1,3,5-triazine-2,4-diamine
3 non-polymer 'NADPH DIHYDRO-NICOTINAMIDE-ADENINE-DINUCLEOTIDE PHOSPHATE'
4 non-polymer 'PHOSPHATE ION'
5 water water
#
_entity_poly.entity_id   1
_entity_poly.type   'polypeptide(L)'
_entity_poly.pdbx_seq_one_letter_code
;MSLFKIRMPETVAEGTRLALRAFSLVVAVDEHGGIGDGRSIPWNVPEDMKFFRDLTTKLRGKNVKPSPAKRNAVVMGRKT
WDSIPPKFRPLPGRLNVVLSSTLTTQHLLDGLPDEEKRNLHADSIVAVNGGLEQALRLLASPNYTPSIETVYCIGGGSVY
AEALRPPCVHLLQAIYRTTIRASESSCSVFFRVPESGTEAAAGIEWQRETISEELTSANGNETKYYFEKLIPRNREEEQY
LSLVDRIIREGNVKHDRTGVGTLSIFGAQMRFSLRNNRLPLLTTKRVFWRGVCEELLWFLRGETYAKKLSDKGVHIWDDN
GSRAFLDSRGLTEYEEMDLGPVYGFQWRHFGAAYTHHDANYDGQGVDQIKAIVETLKTNPDDRRMLFTAWNPSALPRMAL
PPCHLLAQFYVSNGELSCMLYQRSCDMGLGVPFNIASYALLTILIAKATGLRPGELVHTLGDAHVYSNHVEPCNEQLKRV
PRAFPYLVFRREREFLEDYEEGDMEVIDYAPYPPISMKMAV
;
_entity_poly.pdbx_strand_id   A,B,C,D
#
loop_
_chem_comp.id
_chem_comp.type
_chem_comp.name
_chem_comp.formula
1CY non-polymer 1-(4-chlorophenyl)-6,6-dimethyl-1,6-dihydro-1,3,5-triazine-2,4-diamine 'C11 H14 Cl N5'
NDP non-polymer 'NADPH DIHYDRO-NICOTINAMIDE-ADENINE-DINUCLEOTIDE PHOSPHATE' 'C21 H30 N7 O17 P3'
PO4 non-polymer 'PHOSPHATE ION' 'O4 P -3'
#
# COMPACT_ATOMS: atom_id res chain seq x y z
N MET A 1 -15.30 29.81 39.81
CA MET A 1 -16.21 30.52 38.87
C MET A 1 -17.53 29.74 38.72
N SER A 2 -17.44 28.43 38.94
CA SER A 2 -18.58 27.53 38.88
C SER A 2 -19.35 27.55 37.58
N LEU A 3 -20.18 28.57 37.38
CA LEU A 3 -20.94 28.64 36.12
C LEU A 3 -20.08 29.05 34.90
N PHE A 4 -19.02 29.82 35.14
CA PHE A 4 -18.10 30.24 34.08
C PHE A 4 -17.24 29.02 33.74
N LYS A 5 -17.08 28.14 34.73
CA LYS A 5 -16.28 26.94 34.58
C LYS A 5 -17.14 25.80 34.08
N ILE A 6 -16.49 24.70 33.68
CA ILE A 6 -17.18 23.53 33.18
C ILE A 6 -17.16 22.46 34.26
N ARG A 7 -18.33 22.13 34.82
CA ARG A 7 -18.46 21.13 35.88
C ARG A 7 -18.29 19.70 35.40
N MET A 8 -17.31 18.99 35.95
CA MET A 8 -17.12 17.60 35.56
C MET A 8 -18.33 16.84 36.02
N PRO A 9 -18.81 15.88 35.20
CA PRO A 9 -19.97 15.04 35.49
C PRO A 9 -19.65 13.95 36.53
N GLU A 10 -20.67 13.19 36.90
CA GLU A 10 -20.51 12.11 37.88
C GLU A 10 -19.77 10.91 37.28
N THR A 11 -19.92 10.68 35.97
CA THR A 11 -19.23 9.58 35.29
C THR A 11 -17.79 10.00 35.00
N VAL A 12 -17.39 11.13 35.58
CA VAL A 12 -16.06 11.67 35.38
C VAL A 12 -14.96 10.60 35.45
N ALA A 13 -15.02 9.73 36.45
CA ALA A 13 -14.01 8.70 36.60
C ALA A 13 -14.38 7.37 35.95
N GLU A 14 -15.65 7.21 35.57
CA GLU A 14 -16.11 5.97 34.97
C GLU A 14 -15.55 5.62 33.57
N GLY A 15 -15.34 6.60 32.72
CA GLY A 15 -14.86 6.29 31.38
C GLY A 15 -13.38 6.46 31.13
N THR A 16 -12.58 6.40 32.19
CA THR A 16 -11.13 6.56 32.06
C THR A 16 -10.40 5.63 33.02
N ARG A 17 -11.16 4.91 33.85
CA ARG A 17 -10.54 4.01 34.82
C ARG A 17 -9.75 2.89 34.13
N LEU A 18 -8.52 2.72 34.56
CA LEU A 18 -7.66 1.69 33.99
C LEU A 18 -8.23 0.30 34.31
N ALA A 19 -8.73 -0.37 33.28
CA ALA A 19 -9.31 -1.70 33.45
C ALA A 19 -8.25 -2.75 33.61
N LEU A 20 -7.19 -2.67 32.81
CA LEU A 20 -6.12 -3.67 32.88
C LEU A 20 -4.73 -3.07 32.74
N ARG A 21 -3.85 -3.42 33.66
CA ARG A 21 -2.50 -2.89 33.62
C ARG A 21 -1.62 -3.55 32.54
N ALA A 22 -0.76 -2.75 31.91
CA ALA A 22 0.16 -3.24 30.88
C ALA A 22 1.33 -4.04 31.49
N PHE A 23 1.81 -5.02 30.75
CA PHE A 23 2.89 -5.86 31.25
C PHE A 23 3.80 -6.45 30.17
N SER A 24 4.87 -7.07 30.65
CA SER A 24 5.86 -7.68 29.80
C SER A 24 5.96 -9.15 30.20
N LEU A 25 6.61 -9.95 29.37
CA LEU A 25 6.72 -11.37 29.62
C LEU A 25 8.12 -11.95 29.45
N VAL A 26 8.60 -12.63 30.49
CA VAL A 26 9.93 -13.27 30.52
C VAL A 26 9.72 -14.77 30.47
N VAL A 27 10.47 -15.45 29.60
CA VAL A 27 10.31 -16.90 29.46
C VAL A 27 11.51 -17.58 28.84
N ALA A 28 11.67 -18.87 29.11
CA ALA A 28 12.76 -19.63 28.54
C ALA A 28 12.13 -20.83 27.83
N VAL A 29 12.71 -21.24 26.70
CA VAL A 29 12.17 -22.37 25.96
C VAL A 29 13.30 -23.13 25.31
N ASP A 30 12.98 -24.30 24.77
CA ASP A 30 13.95 -25.12 24.07
C ASP A 30 13.73 -24.86 22.58
N GLU A 31 14.65 -25.33 21.75
CA GLU A 31 14.54 -25.12 20.30
C GLU A 31 13.21 -25.57 19.71
N HIS A 32 12.41 -26.32 20.46
CA HIS A 32 11.13 -26.78 19.95
C HIS A 32 9.98 -25.97 20.53
N GLY A 33 10.29 -25.13 21.50
CA GLY A 33 9.25 -24.31 22.12
C GLY A 33 8.82 -24.80 23.49
N GLY A 34 9.30 -25.97 23.90
CA GLY A 34 8.93 -26.47 25.20
C GLY A 34 9.29 -25.46 26.28
N ILE A 35 8.59 -25.51 27.40
CA ILE A 35 8.87 -24.57 28.49
C ILE A 35 9.11 -25.26 29.81
N GLY A 36 8.34 -26.31 30.09
CA GLY A 36 8.51 -27.01 31.36
C GLY A 36 8.23 -28.50 31.37
N ASP A 37 9.05 -29.20 32.13
CA ASP A 37 8.96 -30.65 32.30
C ASP A 37 7.92 -30.97 33.37
N GLY A 38 6.70 -30.45 33.16
CA GLY A 38 5.59 -30.68 34.08
C GLY A 38 5.53 -29.84 35.35
N ARG A 39 6.65 -29.78 36.07
CA ARG A 39 6.72 -29.03 37.33
C ARG A 39 8.05 -28.29 37.44
N SER A 40 9.04 -28.75 36.68
CA SER A 40 10.37 -28.16 36.69
C SER A 40 10.82 -27.83 35.28
N ILE A 41 11.97 -27.16 35.20
CA ILE A 41 12.59 -26.81 33.95
C ILE A 41 13.88 -27.63 33.98
N PRO A 42 13.94 -28.74 33.24
CA PRO A 42 15.17 -29.55 33.25
C PRO A 42 16.44 -28.82 32.76
N TRP A 43 16.31 -27.54 32.41
CA TRP A 43 17.47 -26.79 31.91
C TRP A 43 17.75 -25.44 32.60
N ASN A 44 18.35 -25.48 33.79
CA ASN A 44 18.68 -24.23 34.48
C ASN A 44 19.94 -23.69 33.80
N VAL A 45 19.87 -22.45 33.34
CA VAL A 45 21.00 -21.83 32.67
C VAL A 45 21.44 -20.56 33.41
N PRO A 46 22.66 -20.58 33.97
CA PRO A 46 23.26 -19.49 34.71
C PRO A 46 22.95 -18.12 34.12
N GLU A 47 23.44 -17.88 32.89
CA GLU A 47 23.21 -16.61 32.24
C GLU A 47 21.73 -16.22 32.17
N ASP A 48 20.89 -17.11 31.65
CA ASP A 48 19.46 -16.81 31.56
C ASP A 48 18.85 -16.46 32.92
N MET A 49 19.26 -17.18 33.96
CA MET A 49 18.72 -16.94 35.31
C MET A 49 19.07 -15.55 35.83
N LYS A 50 20.32 -15.13 35.63
CA LYS A 50 20.76 -13.81 36.06
C LYS A 50 19.98 -12.74 35.28
N PHE A 51 19.70 -13.04 34.02
CA PHE A 51 18.97 -12.13 33.16
C PHE A 51 17.57 -11.91 33.74
N PHE A 52 16.87 -13.00 34.03
CA PHE A 52 15.54 -12.89 34.59
C PHE A 52 15.59 -12.08 35.85
N ARG A 53 16.57 -12.39 36.70
CA ARG A 53 16.78 -11.69 37.96
C ARG A 53 16.96 -10.19 37.73
N ASP A 54 17.87 -9.84 36.82
CA ASP A 54 18.14 -8.43 36.50
C ASP A 54 16.96 -7.72 35.84
N LEU A 55 16.45 -8.31 34.75
CA LEU A 55 15.33 -7.76 34.01
C LEU A 55 14.15 -7.37 34.91
N THR A 56 13.67 -8.34 35.68
CA THR A 56 12.52 -8.16 36.54
C THR A 56 12.72 -7.28 37.79
N THR A 57 13.95 -7.18 38.30
CA THR A 57 14.22 -6.38 39.48
C THR A 57 14.59 -4.92 39.19
N LYS A 58 15.38 -4.69 38.15
CA LYS A 58 15.80 -3.33 37.81
C LYS A 58 14.72 -2.35 37.31
N LEU A 59 14.92 -1.07 37.60
CA LEU A 59 13.98 -0.01 37.22
C LEU A 59 14.54 0.92 36.14
N ARG A 60 13.67 1.60 35.41
CA ARG A 60 14.12 2.53 34.38
C ARG A 60 14.89 3.57 35.14
N GLY A 61 16.04 3.95 34.63
CA GLY A 61 16.85 4.94 35.31
C GLY A 61 17.74 4.26 36.31
N LYS A 62 19.00 4.06 35.95
CA LYS A 62 19.94 3.41 36.86
C LYS A 62 20.29 4.32 38.04
N ASN A 63 20.56 3.67 39.18
CA ASN A 63 20.89 4.33 40.43
C ASN A 63 19.68 4.37 41.36
N VAL A 64 18.62 3.70 40.95
CA VAL A 64 17.41 3.64 41.75
C VAL A 64 17.14 2.19 42.08
N LYS A 65 17.28 1.83 43.35
CA LYS A 65 17.04 0.46 43.82
C LYS A 65 15.57 0.29 44.14
N PRO A 66 15.02 -0.93 43.96
CA PRO A 66 13.60 -1.14 44.27
C PRO A 66 13.28 -0.80 45.72
N SER A 67 12.02 -0.49 45.98
CA SER A 67 11.55 -0.16 47.32
C SER A 67 10.03 -0.34 47.36
N PRO A 68 9.42 -0.29 48.54
CA PRO A 68 7.96 -0.46 48.63
C PRO A 68 7.09 0.60 47.94
N ALA A 69 7.65 1.75 47.58
CA ALA A 69 6.87 2.81 46.92
C ALA A 69 7.13 2.90 45.42
N LYS A 70 8.04 2.06 44.94
CA LYS A 70 8.39 2.02 43.52
C LYS A 70 9.21 0.77 43.27
N ARG A 71 8.58 -0.22 42.62
CA ARG A 71 9.23 -1.49 42.31
C ARG A 71 8.48 -2.19 41.19
N ASN A 72 8.99 -3.34 40.79
CA ASN A 72 8.33 -4.09 39.75
C ASN A 72 7.59 -5.28 40.38
N ALA A 73 6.59 -5.80 39.67
CA ALA A 73 5.85 -6.93 40.20
C ALA A 73 6.04 -8.10 39.24
N VAL A 74 5.75 -9.31 39.70
CA VAL A 74 5.84 -10.50 38.86
C VAL A 74 4.53 -11.22 39.15
N VAL A 75 3.98 -11.87 38.13
CA VAL A 75 2.72 -12.59 38.28
C VAL A 75 3.02 -14.03 37.87
N MET A 76 2.71 -14.99 38.74
CA MET A 76 2.99 -16.38 38.43
C MET A 76 1.89 -17.33 38.90
N GLY A 77 1.76 -18.43 38.17
CA GLY A 77 0.79 -19.46 38.51
C GLY A 77 1.21 -20.06 39.83
N ARG A 78 0.30 -20.78 40.47
CA ARG A 78 0.58 -21.38 41.78
C ARG A 78 1.66 -22.44 41.66
N LYS A 79 1.55 -23.28 40.65
CA LYS A 79 2.53 -24.34 40.44
C LYS A 79 3.94 -23.77 40.28
N THR A 80 4.06 -22.57 39.70
CA THR A 80 5.37 -21.93 39.53
C THR A 80 5.86 -21.44 40.90
N TRP A 81 5.00 -20.74 41.63
CA TRP A 81 5.33 -20.26 42.97
C TRP A 81 5.76 -21.43 43.85
N ASP A 82 5.14 -22.59 43.61
CA ASP A 82 5.47 -23.79 44.36
C ASP A 82 6.84 -24.37 43.96
N SER A 83 7.32 -24.05 42.76
CA SER A 83 8.60 -24.58 42.30
C SER A 83 9.79 -23.78 42.79
N ILE A 84 9.54 -22.76 43.59
CA ILE A 84 10.62 -21.93 44.14
C ILE A 84 10.98 -22.42 45.53
N PRO A 85 12.24 -22.79 45.76
CA PRO A 85 12.55 -23.25 47.11
C PRO A 85 12.09 -22.24 48.15
N PRO A 86 11.30 -22.69 49.13
CA PRO A 86 10.78 -21.84 50.21
C PRO A 86 11.81 -20.90 50.83
N LYS A 87 13.08 -21.25 50.70
CA LYS A 87 14.15 -20.41 51.27
C LYS A 87 14.44 -19.17 50.42
N PHE A 88 14.19 -19.26 49.12
CA PHE A 88 14.42 -18.12 48.25
C PHE A 88 13.10 -17.40 47.96
N ARG A 89 12.03 -17.87 48.61
CA ARG A 89 10.70 -17.31 48.48
C ARG A 89 10.44 -16.19 49.48
N PRO A 90 9.92 -15.05 49.02
CA PRO A 90 9.58 -14.75 47.64
C PRO A 90 10.76 -14.10 46.93
N LEU A 91 10.69 -14.00 45.61
CA LEU A 91 11.73 -13.36 44.85
C LEU A 91 11.84 -11.95 45.43
N PRO A 92 13.03 -11.58 45.93
CA PRO A 92 13.26 -10.26 46.53
C PRO A 92 13.27 -9.08 45.58
N GLY A 93 12.88 -7.93 46.11
CA GLY A 93 12.88 -6.70 45.31
C GLY A 93 11.77 -6.50 44.31
N ARG A 94 10.75 -7.35 44.41
CA ARG A 94 9.62 -7.28 43.51
C ARG A 94 8.35 -7.66 44.24
N LEU A 95 7.21 -7.26 43.71
CA LEU A 95 5.94 -7.60 44.32
C LEU A 95 5.57 -8.95 43.69
N ASN A 96 5.50 -9.99 44.51
CA ASN A 96 5.15 -11.31 43.96
C ASN A 96 3.63 -11.50 43.99
N VAL A 97 3.03 -11.55 42.80
CA VAL A 97 1.59 -11.76 42.69
C VAL A 97 1.43 -13.21 42.23
N VAL A 98 0.66 -13.99 42.99
CA VAL A 98 0.46 -15.39 42.66
C VAL A 98 -0.98 -15.68 42.26
N LEU A 99 -1.15 -16.44 41.18
CA LEU A 99 -2.48 -16.81 40.69
C LEU A 99 -2.85 -18.14 41.34
N SER A 100 -3.89 -18.14 42.17
CA SER A 100 -4.32 -19.36 42.82
C SER A 100 -5.76 -19.30 43.26
N SER A 101 -6.48 -20.40 43.06
CA SER A 101 -7.88 -20.48 43.46
C SER A 101 -8.01 -21.34 44.71
N THR A 102 -6.87 -21.75 45.26
CA THR A 102 -6.83 -22.57 46.47
C THR A 102 -6.07 -21.91 47.61
N LEU A 103 -5.15 -21.01 47.27
CA LEU A 103 -4.36 -20.35 48.28
C LEU A 103 -4.68 -18.87 48.43
N THR A 104 -4.77 -18.41 49.66
CA THR A 104 -5.05 -17.01 49.94
C THR A 104 -3.73 -16.36 50.25
N THR A 105 -3.69 -15.03 50.25
CA THR A 105 -2.46 -14.31 50.53
C THR A 105 -1.86 -14.89 51.82
N GLN A 106 -2.73 -15.07 52.81
CA GLN A 106 -2.36 -15.62 54.11
C GLN A 106 -1.70 -16.98 54.01
N HIS A 107 -2.29 -17.87 53.22
CA HIS A 107 -1.73 -19.21 53.05
C HIS A 107 -0.31 -19.19 52.49
N LEU A 108 -0.09 -18.40 51.43
CA LEU A 108 1.25 -18.33 50.85
C LEU A 108 2.23 -17.88 51.94
N LEU A 109 1.76 -16.98 52.79
CA LEU A 109 2.59 -16.49 53.86
C LEU A 109 2.95 -17.66 54.76
N ASP A 110 1.93 -18.40 55.20
CA ASP A 110 2.13 -19.56 56.07
C ASP A 110 3.25 -20.44 55.56
N GLY A 111 3.32 -20.60 54.24
CA GLY A 111 4.33 -21.43 53.62
C GLY A 111 5.77 -21.04 53.90
N LEU A 112 6.04 -19.75 54.05
CA LEU A 112 7.41 -19.34 54.33
C LEU A 112 7.82 -20.06 55.63
N PRO A 113 9.10 -20.49 55.71
CA PRO A 113 9.69 -21.20 56.86
C PRO A 113 9.35 -20.75 58.30
N ASP A 114 9.52 -19.46 58.61
CA ASP A 114 9.24 -18.97 59.96
C ASP A 114 8.38 -17.72 59.95
N GLU A 115 7.93 -17.31 61.14
CA GLU A 115 7.10 -16.13 61.29
C GLU A 115 7.81 -14.84 60.87
N GLU A 116 8.95 -14.57 61.49
CA GLU A 116 9.74 -13.37 61.19
C GLU A 116 9.70 -13.06 59.70
N LYS A 117 10.12 -14.04 58.91
CA LYS A 117 10.16 -13.90 57.47
C LYS A 117 8.76 -13.60 56.95
N ARG A 118 7.76 -14.28 57.48
CA ARG A 118 6.37 -14.05 57.08
C ARG A 118 5.93 -12.61 57.33
N ASN A 119 6.50 -11.96 58.33
CA ASN A 119 6.14 -10.58 58.62
C ASN A 119 6.98 -9.64 57.77
N LEU A 120 8.25 -10.00 57.58
CA LEU A 120 9.18 -9.22 56.78
C LEU A 120 8.82 -9.19 55.28
N HIS A 121 8.01 -10.15 54.85
CA HIS A 121 7.63 -10.24 53.45
C HIS A 121 6.12 -10.06 53.23
N ALA A 122 5.45 -9.53 54.25
CA ALA A 122 4.02 -9.31 54.20
C ALA A 122 3.56 -8.38 53.08
N ASP A 123 4.25 -7.27 52.89
CA ASP A 123 3.87 -6.32 51.85
C ASP A 123 4.45 -6.68 50.48
N SER A 124 5.03 -7.88 50.37
CA SER A 124 5.64 -8.28 49.13
C SER A 124 5.01 -9.55 48.59
N ILE A 125 3.87 -9.96 49.15
CA ILE A 125 3.22 -11.19 48.71
C ILE A 125 1.70 -11.09 48.76
N VAL A 126 1.04 -11.26 47.61
CA VAL A 126 -0.42 -11.21 47.56
C VAL A 126 -0.98 -12.21 46.54
N ALA A 127 -2.04 -12.89 46.95
CA ALA A 127 -2.67 -13.89 46.11
C ALA A 127 -3.84 -13.27 45.37
N VAL A 128 -4.18 -13.83 44.21
CA VAL A 128 -5.32 -13.35 43.44
C VAL A 128 -6.03 -14.60 42.96
N ASN A 129 -7.29 -14.69 43.33
CA ASN A 129 -8.11 -15.81 42.95
C ASN A 129 -8.64 -15.59 41.55
N GLY A 130 -7.77 -15.79 40.56
CA GLY A 130 -8.17 -15.62 39.18
C GLY A 130 -6.95 -15.81 38.32
N GLY A 131 -7.10 -15.63 37.01
CA GLY A 131 -5.96 -15.77 36.12
C GLY A 131 -5.21 -14.47 35.95
N LEU A 132 -4.47 -14.35 34.86
CA LEU A 132 -3.69 -13.14 34.58
C LEU A 132 -4.56 -11.87 34.59
N GLU A 133 -5.62 -11.86 33.77
CA GLU A 133 -6.55 -10.74 33.65
C GLU A 133 -6.97 -10.15 35.00
N GLN A 134 -7.52 -10.98 35.89
CA GLN A 134 -7.92 -10.50 37.19
C GLN A 134 -6.72 -10.01 37.97
N ALA A 135 -5.52 -10.42 37.58
CA ALA A 135 -4.32 -9.97 38.27
C ALA A 135 -3.91 -8.63 37.70
N LEU A 136 -3.99 -8.51 36.37
CA LEU A 136 -3.64 -7.26 35.70
C LEU A 136 -4.63 -6.22 36.18
N ARG A 137 -5.86 -6.67 36.42
CA ARG A 137 -6.91 -5.79 36.89
C ARG A 137 -6.57 -5.28 38.29
N LEU A 138 -6.23 -6.20 39.18
CA LEU A 138 -5.87 -5.84 40.55
C LEU A 138 -4.74 -4.84 40.53
N LEU A 139 -3.81 -5.04 39.61
CA LEU A 139 -2.66 -4.17 39.52
C LEU A 139 -2.98 -2.73 39.13
N ALA A 140 -3.94 -2.55 38.22
CA ALA A 140 -4.32 -1.21 37.76
C ALA A 140 -4.87 -0.31 38.89
N SER A 141 -5.17 -0.90 40.04
CA SER A 141 -5.70 -0.17 41.20
C SER A 141 -4.80 0.98 41.66
N PRO A 142 -5.42 1.99 42.29
CA PRO A 142 -4.69 3.16 42.81
C PRO A 142 -3.49 2.74 43.64
N ASN A 143 -3.66 1.64 44.37
CA ASN A 143 -2.62 1.10 45.25
C ASN A 143 -1.37 0.55 44.56
N TYR A 144 -1.50 0.13 43.31
CA TYR A 144 -0.36 -0.43 42.59
C TYR A 144 0.03 0.39 41.36
N THR A 145 -0.87 1.23 40.87
CA THR A 145 -0.54 2.08 39.73
C THR A 145 -0.62 3.50 40.25
N PRO A 146 0.44 4.28 40.06
CA PRO A 146 1.71 3.96 39.38
C PRO A 146 2.78 3.27 40.21
N SER A 147 2.46 2.94 41.46
CA SER A 147 3.40 2.27 42.37
C SER A 147 4.31 1.24 41.67
N ILE A 148 3.71 0.25 41.02
CA ILE A 148 4.47 -0.77 40.32
C ILE A 148 4.92 -0.28 38.94
N GLU A 149 6.21 -0.04 38.79
CA GLU A 149 6.74 0.45 37.53
C GLU A 149 6.45 -0.49 36.37
N THR A 150 6.85 -1.74 36.48
CA THR A 150 6.58 -2.70 35.41
C THR A 150 6.08 -4.05 35.94
N VAL A 151 5.04 -4.59 35.29
CA VAL A 151 4.49 -5.89 35.62
C VAL A 151 5.18 -6.89 34.69
N TYR A 152 5.63 -8.02 35.22
CA TYR A 152 6.29 -9.05 34.41
C TYR A 152 5.58 -10.36 34.65
N CYS A 153 5.17 -11.00 33.56
CA CYS A 153 4.49 -12.28 33.63
C CYS A 153 5.62 -13.28 33.68
N ILE A 154 5.99 -13.75 34.87
CA ILE A 154 7.12 -14.66 34.98
C ILE A 154 6.79 -16.09 34.59
N GLY A 155 5.55 -16.30 34.19
CA GLY A 155 5.23 -17.64 33.74
C GLY A 155 4.26 -18.54 34.44
N GLY A 156 4.17 -19.71 33.80
CA GLY A 156 3.30 -20.78 34.19
C GLY A 156 2.69 -21.06 32.83
N GLY A 157 2.57 -22.33 32.47
CA GLY A 157 2.00 -22.68 31.17
C GLY A 157 0.62 -22.08 30.91
N SER A 158 -0.20 -21.99 31.94
CA SER A 158 -1.54 -21.43 31.78
C SER A 158 -1.52 -19.90 31.76
N VAL A 159 -0.56 -19.29 32.44
CA VAL A 159 -0.49 -17.83 32.44
C VAL A 159 -0.02 -17.37 31.06
N TYR A 160 1.04 -18.00 30.55
CA TYR A 160 1.55 -17.64 29.22
C TYR A 160 0.43 -17.75 28.18
N ALA A 161 -0.45 -18.73 28.36
CA ALA A 161 -1.57 -18.92 27.43
C ALA A 161 -2.56 -17.77 27.56
N GLU A 162 -2.82 -17.32 28.78
CA GLU A 162 -3.77 -16.25 28.98
C GLU A 162 -3.18 -14.95 28.44
N ALA A 163 -1.87 -14.80 28.60
CA ALA A 163 -1.16 -13.60 28.15
C ALA A 163 -1.07 -13.43 26.65
N LEU A 164 -1.03 -14.53 25.91
CA LEU A 164 -0.88 -14.45 24.46
C LEU A 164 -2.18 -14.47 23.67
N ARG A 165 -3.29 -14.16 24.32
CA ARG A 165 -4.58 -14.12 23.64
C ARG A 165 -5.46 -12.97 24.17
N PRO A 166 -6.36 -12.45 23.33
CA PRO A 166 -7.23 -11.37 23.77
C PRO A 166 -7.95 -11.85 25.04
N PRO A 167 -8.16 -10.97 26.03
CA PRO A 167 -7.77 -9.54 26.07
C PRO A 167 -6.37 -9.17 26.58
N CYS A 168 -5.78 -10.00 27.44
CA CYS A 168 -4.47 -9.71 28.02
C CYS A 168 -3.36 -9.44 27.03
N VAL A 169 -3.46 -9.97 25.82
CA VAL A 169 -2.39 -9.77 24.87
C VAL A 169 -2.29 -8.32 24.39
N HIS A 170 -3.43 -7.62 24.40
CA HIS A 170 -3.46 -6.24 23.95
C HIS A 170 -2.73 -5.31 24.90
N LEU A 171 -2.31 -5.84 26.04
CA LEU A 171 -1.57 -5.04 26.99
C LEU A 171 -0.11 -5.48 27.13
N LEU A 172 0.23 -6.61 26.49
CA LEU A 172 1.60 -7.14 26.53
C LEU A 172 2.55 -6.20 25.74
N GLN A 173 3.31 -5.39 26.46
CA GLN A 173 4.22 -4.44 25.83
C GLN A 173 5.48 -5.06 25.22
N ALA A 174 6.00 -6.12 25.84
CA ALA A 174 7.19 -6.76 25.32
C ALA A 174 7.27 -8.23 25.74
N ILE A 175 7.95 -9.03 24.91
CA ILE A 175 8.16 -10.45 25.15
C ILE A 175 9.67 -10.74 25.16
N TYR A 176 10.21 -11.14 26.32
CA TYR A 176 11.62 -11.47 26.45
C TYR A 176 11.70 -12.98 26.49
N ARG A 177 12.23 -13.57 25.42
CA ARG A 177 12.34 -15.00 25.33
C ARG A 177 13.77 -15.55 25.16
N THR A 178 14.13 -16.45 26.06
CA THR A 178 15.44 -17.07 26.03
C THR A 178 15.31 -18.44 25.42
N THR A 179 16.05 -18.68 24.35
CA THR A 179 15.97 -19.96 23.71
C THR A 179 17.24 -20.79 23.94
N ILE A 180 17.09 -21.83 24.76
CA ILE A 180 18.18 -22.73 25.08
C ILE A 180 18.13 -23.92 24.14
N ARG A 181 19.26 -24.27 23.55
CA ARG A 181 19.34 -25.40 22.64
C ARG A 181 19.62 -26.64 23.50
N ALA A 182 18.63 -27.06 24.28
CA ALA A 182 18.76 -28.23 25.17
C ALA A 182 19.22 -29.49 24.44
N SER A 183 19.97 -30.32 25.16
CA SER A 183 20.48 -31.57 24.59
C SER A 183 19.40 -32.64 24.45
N GLU A 184 18.27 -32.39 25.11
CA GLU A 184 17.10 -33.26 25.09
C GLU A 184 16.29 -32.91 26.32
N SER A 185 15.06 -32.44 26.11
CA SER A 185 14.19 -32.05 27.20
C SER A 185 12.75 -31.92 26.75
N SER A 186 12.46 -32.40 25.54
CA SER A 186 11.12 -32.34 24.95
C SER A 186 10.06 -32.50 26.04
N CYS A 187 9.56 -31.36 26.51
CA CYS A 187 8.56 -31.30 27.58
C CYS A 187 7.13 -31.52 27.09
N SER A 188 6.21 -30.67 27.56
CA SER A 188 4.81 -30.76 27.20
C SER A 188 4.27 -29.46 26.57
N VAL A 189 4.26 -28.40 27.38
CA VAL A 189 3.75 -27.09 26.97
C VAL A 189 4.61 -26.31 25.97
N PHE A 190 4.02 -25.94 24.84
CA PHE A 190 4.73 -25.17 23.82
C PHE A 190 4.36 -23.69 23.89
N PHE A 191 5.38 -22.83 23.97
CA PHE A 191 5.18 -21.38 24.02
C PHE A 191 5.34 -20.79 22.61
N ARG A 192 4.26 -20.35 22.00
CA ARG A 192 4.40 -19.79 20.64
C ARG A 192 3.83 -18.38 20.45
N VAL A 193 4.58 -17.56 19.73
CA VAL A 193 4.17 -16.18 19.43
C VAL A 193 3.21 -16.19 18.23
N PRO A 194 1.98 -15.66 18.39
CA PRO A 194 1.07 -15.67 17.25
C PRO A 194 1.73 -14.99 16.06
N GLU A 195 1.70 -15.65 14.89
CA GLU A 195 2.30 -15.06 13.71
C GLU A 195 1.47 -13.89 13.21
N SER A 196 2.11 -12.96 12.50
CA SER A 196 1.42 -11.79 11.96
C SER A 196 0.40 -12.20 10.90
N GLY A 197 -0.79 -11.62 10.97
CA GLY A 197 -1.84 -11.93 10.00
C GLY A 197 -2.75 -13.10 10.35
N THR A 198 -2.37 -13.92 11.33
CA THR A 198 -3.26 -15.02 11.66
C THR A 198 -4.31 -14.49 12.63
N GLU A 199 -5.35 -15.28 12.83
CA GLU A 199 -6.42 -14.88 13.72
C GLU A 199 -5.93 -14.81 15.16
N ALA A 200 -5.03 -15.72 15.52
CA ALA A 200 -4.47 -15.77 16.86
C ALA A 200 -3.81 -14.45 17.26
N ALA A 201 -2.94 -13.92 16.40
CA ALA A 201 -2.25 -12.67 16.70
C ALA A 201 -3.20 -11.50 16.95
N ALA A 202 -4.47 -11.68 16.68
CA ALA A 202 -5.46 -10.64 16.92
C ALA A 202 -5.10 -9.25 16.37
N GLY A 203 -4.53 -9.19 15.18
CA GLY A 203 -4.18 -7.92 14.58
C GLY A 203 -2.83 -7.36 15.01
N ILE A 204 -2.23 -7.97 16.02
CA ILE A 204 -0.93 -7.56 16.52
C ILE A 204 0.19 -8.15 15.63
N GLU A 205 1.25 -7.40 15.45
CA GLU A 205 2.34 -7.88 14.62
C GLU A 205 3.64 -7.87 15.44
N TRP A 206 4.02 -9.03 15.96
CA TRP A 206 5.22 -9.14 16.77
C TRP A 206 6.48 -9.18 15.92
N GLN A 207 7.38 -8.24 16.16
CA GLN A 207 8.66 -8.17 15.47
C GLN A 207 9.78 -7.99 16.46
N ARG A 208 10.90 -8.65 16.22
CA ARG A 208 12.04 -8.54 17.10
C ARG A 208 12.52 -7.08 17.18
N GLU A 209 13.04 -6.69 18.34
CA GLU A 209 13.61 -5.36 18.51
C GLU A 209 15.10 -5.64 18.57
N THR A 210 15.43 -6.75 19.21
CA THR A 210 16.80 -7.18 19.38
C THR A 210 16.90 -8.70 19.45
N ILE A 211 17.98 -9.25 18.89
CA ILE A 211 18.22 -10.68 18.97
C ILE A 211 19.70 -10.82 19.31
N SER A 212 19.99 -11.61 20.33
CA SER A 212 21.37 -11.77 20.73
C SER A 212 22.04 -12.79 19.82
N GLU A 213 23.37 -12.73 19.79
CA GLU A 213 24.17 -13.64 19.02
C GLU A 213 24.06 -14.95 19.80
N GLU A 214 24.29 -16.08 19.15
CA GLU A 214 24.22 -17.36 19.84
C GLU A 214 25.31 -17.28 20.89
N LEU A 215 25.02 -17.76 22.10
CA LEU A 215 26.00 -17.71 23.18
C LEU A 215 26.26 -19.08 23.77
N THR A 216 27.28 -19.17 24.63
CA THR A 216 27.62 -20.41 25.28
C THR A 216 27.62 -20.20 26.78
N SER A 217 26.84 -21.03 27.46
CA SER A 217 26.70 -20.97 28.91
C SER A 217 27.94 -21.52 29.60
N ALA A 218 28.27 -20.92 30.75
CA ALA A 218 29.43 -21.37 31.52
C ALA A 218 29.08 -22.61 32.31
N ASN A 219 27.85 -23.10 32.14
CA ASN A 219 27.38 -24.28 32.85
C ASN A 219 28.25 -25.51 32.59
N GLY A 220 27.67 -26.69 32.79
CA GLY A 220 28.43 -27.92 32.60
C GLY A 220 28.41 -28.53 31.21
N ASN A 221 27.45 -28.14 30.38
CA ASN A 221 27.36 -28.71 29.03
C ASN A 221 27.59 -27.69 27.92
N GLU A 222 28.21 -26.57 28.25
CA GLU A 222 28.46 -25.50 27.29
C GLU A 222 27.22 -25.31 26.40
N THR A 223 26.05 -25.32 27.04
CA THR A 223 24.78 -25.17 26.35
C THR A 223 24.74 -23.84 25.59
N LYS A 224 24.22 -23.90 24.37
CA LYS A 224 24.12 -22.71 23.55
C LYS A 224 22.70 -22.16 23.67
N TYR A 225 22.59 -20.84 23.66
CA TYR A 225 21.29 -20.16 23.78
C TYR A 225 21.41 -18.73 23.24
N TYR A 226 20.27 -18.09 23.03
CA TYR A 226 20.25 -16.71 22.55
C TYR A 226 19.03 -16.03 23.15
N PHE A 227 19.02 -14.70 23.15
CA PHE A 227 17.89 -13.94 23.71
C PHE A 227 17.15 -13.23 22.58
N GLU A 228 15.97 -12.72 22.91
CA GLU A 228 15.16 -11.98 21.96
C GLU A 228 14.16 -11.13 22.70
N LYS A 229 14.01 -9.88 22.29
CA LYS A 229 13.01 -9.04 22.90
C LYS A 229 12.05 -8.78 21.78
N LEU A 230 10.79 -9.16 21.98
CA LEU A 230 9.80 -8.98 20.93
C LEU A 230 8.79 -7.94 21.37
N ILE A 231 8.36 -7.09 20.44
CA ILE A 231 7.37 -6.05 20.74
C ILE A 231 6.30 -5.98 19.66
N PRO A 232 5.11 -5.47 20.02
CA PRO A 232 3.94 -5.32 19.13
C PRO A 232 4.18 -4.12 18.22
N ARG A 233 4.59 -4.39 16.99
CA ARG A 233 4.88 -3.33 16.03
C ARG A 233 3.91 -2.17 16.16
N ASN A 234 4.45 -0.95 16.09
CA ASN A 234 3.66 0.26 16.25
C ASN A 234 3.51 1.03 14.93
N ARG A 235 2.45 0.72 14.19
CA ARG A 235 2.21 1.41 12.94
C ARG A 235 2.00 2.90 13.22
N GLU A 236 1.21 3.20 14.24
CA GLU A 236 0.92 4.58 14.61
C GLU A 236 2.16 5.45 14.74
N GLU A 237 3.11 5.06 15.59
CA GLU A 237 4.30 5.87 15.72
C GLU A 237 5.10 5.88 14.43
N GLU A 238 4.94 4.83 13.64
CA GLU A 238 5.65 4.75 12.39
C GLU A 238 5.19 5.80 11.37
N GLN A 239 3.90 6.14 11.41
CA GLN A 239 3.36 7.15 10.49
C GLN A 239 4.32 8.30 10.57
N TYR A 240 4.54 8.70 11.81
CA TYR A 240 5.39 9.80 12.15
C TYR A 240 6.79 9.62 11.58
N LEU A 241 7.45 8.51 11.92
CA LEU A 241 8.80 8.27 11.42
C LEU A 241 8.81 8.22 9.88
N SER A 242 7.75 7.72 9.27
CA SER A 242 7.69 7.67 7.81
C SER A 242 7.71 9.10 7.27
N LEU A 243 6.87 9.97 7.85
CA LEU A 243 6.74 11.35 7.41
C LEU A 243 8.02 12.16 7.62
N VAL A 244 8.76 11.88 8.68
CA VAL A 244 10.00 12.61 8.90
C VAL A 244 10.97 12.19 7.80
N ASP A 245 11.07 10.88 7.58
CA ASP A 245 11.96 10.37 6.57
C ASP A 245 11.66 10.94 5.19
N ARG A 246 10.37 11.07 4.83
CA ARG A 246 10.04 11.60 3.51
C ARG A 246 10.46 13.08 3.40
N ILE A 247 10.27 13.84 4.48
CA ILE A 247 10.64 15.25 4.49
C ILE A 247 12.14 15.41 4.31
N ILE A 248 12.89 14.49 4.89
CA ILE A 248 14.34 14.55 4.81
C ILE A 248 14.86 14.12 3.45
N ARG A 249 14.19 13.16 2.83
CA ARG A 249 14.63 12.69 1.52
C ARG A 249 14.06 13.50 0.37
N GLU A 250 12.83 13.97 0.52
CA GLU A 250 12.19 14.71 -0.55
C GLU A 250 11.72 16.14 -0.25
N GLY A 251 11.71 16.53 1.01
CA GLY A 251 11.25 17.87 1.35
C GLY A 251 11.99 18.99 0.62
N ASN A 252 11.35 20.15 0.55
CA ASN A 252 11.94 21.31 -0.11
C ASN A 252 12.76 22.08 0.91
N VAL A 253 13.93 22.56 0.50
CA VAL A 253 14.82 23.33 1.38
C VAL A 253 14.49 24.82 1.39
N LYS A 254 14.42 25.41 2.58
CA LYS A 254 14.12 26.83 2.71
C LYS A 254 14.88 27.48 3.89
N HIS A 255 15.39 28.68 3.67
CA HIS A 255 16.08 29.42 4.72
C HIS A 255 15.31 30.72 4.88
N ASP A 256 14.89 31.04 6.10
CA ASP A 256 14.15 32.29 6.29
C ASP A 256 15.08 33.49 6.34
N ARG A 257 14.57 34.61 6.85
CA ARG A 257 15.35 35.83 6.93
C ARG A 257 16.49 35.72 7.95
N THR A 258 16.31 34.86 8.95
CA THR A 258 17.31 34.66 9.99
C THR A 258 18.44 33.77 9.49
N GLY A 259 18.18 33.06 8.39
CA GLY A 259 19.16 32.13 7.88
C GLY A 259 18.79 30.78 8.41
N VAL A 260 17.65 30.72 9.10
CA VAL A 260 17.11 29.49 9.69
C VAL A 260 16.64 28.56 8.57
N GLY A 261 17.27 27.40 8.46
CA GLY A 261 16.92 26.47 7.40
C GLY A 261 15.97 25.36 7.80
N THR A 262 15.17 24.90 6.83
CA THR A 262 14.22 23.83 7.05
C THR A 262 13.91 23.06 5.77
N LEU A 263 13.53 21.79 5.93
CA LEU A 263 13.11 20.97 4.81
C LEU A 263 11.63 20.77 5.10
N SER A 264 10.78 20.78 4.09
CA SER A 264 9.37 20.62 4.38
C SER A 264 8.49 20.21 3.23
N ILE A 265 7.40 19.55 3.60
CA ILE A 265 6.39 19.11 2.65
C ILE A 265 5.09 19.72 3.15
N PHE A 266 4.06 19.74 2.30
CA PHE A 266 2.79 20.35 2.67
C PHE A 266 1.63 19.39 2.65
N GLY A 267 0.89 19.37 3.76
CA GLY A 267 -0.29 18.51 3.85
C GLY A 267 -0.06 17.05 4.23
N ALA A 268 -0.50 16.68 5.43
CA ALA A 268 -0.39 15.29 5.91
C ALA A 268 -1.37 15.02 7.07
N GLN A 269 -1.57 13.74 7.35
CA GLN A 269 -2.51 13.34 8.40
C GLN A 269 -2.06 12.08 9.12
N MET A 270 -2.34 12.03 10.42
CA MET A 270 -1.99 10.90 11.25
C MET A 270 -3.14 10.52 12.18
N ARG A 271 -3.21 9.24 12.52
CA ARG A 271 -4.26 8.76 13.40
C ARG A 271 -3.67 8.17 14.65
N PHE A 272 -4.24 8.53 15.78
CA PHE A 272 -3.78 7.99 17.03
C PHE A 272 -4.93 7.49 17.87
N SER A 273 -4.89 6.19 18.16
CA SER A 273 -5.89 5.54 18.99
C SER A 273 -5.80 6.13 20.41
N LEU A 274 -6.93 6.33 21.06
CA LEU A 274 -6.91 6.88 22.41
C LEU A 274 -7.77 6.03 23.35
N ARG A 275 -8.12 4.82 22.90
CA ARG A 275 -8.96 3.91 23.66
C ARG A 275 -8.23 3.19 24.79
N ASN A 276 -9.01 2.79 25.80
CA ASN A 276 -8.50 2.07 26.96
C ASN A 276 -7.27 2.68 27.61
N ASN A 277 -7.28 4.00 27.80
CA ASN A 277 -6.20 4.71 28.45
C ASN A 277 -4.90 4.78 27.68
N ARG A 278 -4.96 4.74 26.36
CA ARG A 278 -3.77 4.81 25.51
C ARG A 278 -3.33 6.25 25.24
N LEU A 279 -2.10 6.59 25.59
CA LEU A 279 -1.56 7.94 25.35
C LEU A 279 -0.48 7.83 24.28
N PRO A 280 -0.63 8.54 23.15
CA PRO A 280 0.41 8.42 22.13
C PRO A 280 1.70 9.22 22.30
N LEU A 281 2.38 9.02 23.43
CA LEU A 281 3.65 9.70 23.64
C LEU A 281 4.66 8.89 22.85
N LEU A 282 5.29 9.51 21.85
CA LEU A 282 6.26 8.78 21.03
C LEU A 282 7.38 8.12 21.82
N THR A 283 7.77 6.92 21.38
CA THR A 283 8.83 6.15 22.06
C THR A 283 10.26 6.31 21.52
N THR A 284 10.41 6.68 20.25
CA THR A 284 11.75 6.82 19.69
C THR A 284 12.49 8.08 20.14
N LYS A 285 11.91 8.82 21.08
CA LYS A 285 12.49 10.05 21.63
C LYS A 285 11.57 10.52 22.76
N ARG A 286 12.11 10.63 23.97
CA ARG A 286 11.32 11.06 25.12
C ARG A 286 10.64 12.40 24.87
N VAL A 287 9.40 12.53 25.34
CA VAL A 287 8.61 13.74 25.16
C VAL A 287 8.41 14.38 26.52
N PHE A 288 8.49 15.71 26.57
CA PHE A 288 8.34 16.51 27.79
C PHE A 288 6.87 16.56 28.22
N TRP A 289 6.33 15.44 28.75
CA TRP A 289 4.92 15.39 29.14
C TRP A 289 4.49 16.32 30.25
N ARG A 290 5.38 16.64 31.19
CA ARG A 290 4.99 17.57 32.26
C ARG A 290 4.79 18.89 31.55
N GLY A 291 5.73 19.23 30.68
CA GLY A 291 5.57 20.48 29.93
C GLY A 291 4.27 20.46 29.15
N VAL A 292 4.00 19.33 28.50
CA VAL A 292 2.79 19.15 27.70
C VAL A 292 1.54 19.31 28.53
N CYS A 293 1.52 18.66 29.68
CA CYS A 293 0.39 18.65 30.61
C CYS A 293 0.07 20.04 31.18
N GLU A 294 1.08 20.70 31.72
CA GLU A 294 0.93 22.03 32.31
C GLU A 294 0.40 23.07 31.32
N GLU A 295 0.84 22.98 30.06
CA GLU A 295 0.41 23.94 29.06
C GLU A 295 -1.02 23.72 28.56
N LEU A 296 -1.42 22.46 28.39
CA LEU A 296 -2.78 22.18 27.92
C LEU A 296 -3.74 22.64 29.01
N LEU A 297 -3.43 22.30 30.25
CA LEU A 297 -4.23 22.70 31.38
C LEU A 297 -4.22 24.22 31.37
N TRP A 298 -3.07 24.78 31.05
CA TRP A 298 -2.90 26.23 30.96
C TRP A 298 -3.88 26.76 29.91
N PHE A 299 -4.03 26.05 28.80
CA PHE A 299 -4.95 26.48 27.74
C PHE A 299 -6.41 26.48 28.20
N LEU A 300 -6.97 25.30 28.43
CA LEU A 300 -8.36 25.17 28.83
C LEU A 300 -8.79 26.17 29.91
N ARG A 301 -7.83 26.70 30.67
CA ARG A 301 -8.14 27.67 31.72
C ARG A 301 -8.17 29.11 31.20
N GLY A 302 -7.89 29.29 29.90
CA GLY A 302 -7.90 30.62 29.29
C GLY A 302 -6.76 31.55 29.71
N GLU A 303 -5.61 30.98 30.01
CA GLU A 303 -4.46 31.76 30.46
C GLU A 303 -3.71 32.41 29.31
N THR A 304 -2.94 33.45 29.63
CA THR A 304 -2.15 34.18 28.65
C THR A 304 -0.83 34.63 29.26
N TYR A 305 -0.69 34.41 30.56
CA TYR A 305 0.51 34.81 31.30
C TYR A 305 1.47 33.62 31.45
N ALA A 306 2.44 33.56 30.55
CA ALA A 306 3.42 32.48 30.51
C ALA A 306 4.23 32.27 31.78
N LYS A 307 4.39 33.30 32.60
CA LYS A 307 5.15 33.15 33.83
C LYS A 307 4.63 31.97 34.65
N LYS A 308 3.32 31.69 34.57
CA LYS A 308 2.75 30.60 35.32
C LYS A 308 3.35 29.27 34.87
N LEU A 309 3.75 29.20 33.61
CA LEU A 309 4.37 28.01 33.07
C LEU A 309 5.82 28.00 33.51
N SER A 310 6.51 29.12 33.30
CA SER A 310 7.91 29.22 33.68
C SER A 310 8.12 29.15 35.19
N ASP A 311 7.06 29.29 35.97
CA ASP A 311 7.24 29.18 37.41
C ASP A 311 7.26 27.70 37.76
N LYS A 312 6.35 26.94 37.17
CA LYS A 312 6.30 25.50 37.39
C LYS A 312 7.44 24.86 36.58
N GLY A 313 8.46 25.67 36.29
CA GLY A 313 9.60 25.15 35.55
C GLY A 313 9.36 24.64 34.14
N VAL A 314 8.52 25.34 33.38
CA VAL A 314 8.22 24.99 32.00
C VAL A 314 8.58 26.28 31.25
N HIS A 315 9.61 26.20 30.41
CA HIS A 315 10.09 27.39 29.70
C HIS A 315 9.86 27.44 28.20
N ILE A 316 8.84 26.75 27.73
CA ILE A 316 8.53 26.72 26.31
C ILE A 316 8.06 28.07 25.78
N TRP A 317 7.62 28.96 26.67
CA TRP A 317 7.14 30.28 26.26
C TRP A 317 8.00 31.49 26.64
N ASP A 318 9.21 31.26 27.12
CA ASP A 318 10.07 32.37 27.52
C ASP A 318 10.57 33.19 26.34
N ASP A 319 11.10 32.51 25.33
CA ASP A 319 11.61 33.21 24.15
C ASP A 319 10.55 34.10 23.54
N ASN A 320 9.35 33.56 23.38
CA ASN A 320 8.27 34.32 22.79
C ASN A 320 7.53 35.13 23.84
N GLY A 321 8.06 35.19 25.05
CA GLY A 321 7.42 35.96 26.10
C GLY A 321 8.27 37.10 26.62
N SER A 322 9.54 37.08 26.25
CA SER A 322 10.47 38.13 26.69
C SER A 322 9.99 39.53 26.32
N ARG A 323 10.68 40.54 26.86
CA ARG A 323 10.41 41.94 26.60
C ARG A 323 10.91 42.26 25.18
N ALA A 324 12.09 41.74 24.87
CA ALA A 324 12.72 41.96 23.59
C ALA A 324 11.88 41.49 22.41
N PHE A 325 11.34 40.27 22.52
CA PHE A 325 10.52 39.71 21.46
C PHE A 325 9.18 40.39 21.39
N LEU A 326 8.59 40.66 22.55
CA LEU A 326 7.31 41.35 22.63
C LEU A 326 7.46 42.73 21.97
N ASP A 327 8.57 43.39 22.27
CA ASP A 327 8.84 44.70 21.70
C ASP A 327 8.92 44.61 20.19
N SER A 328 9.48 43.52 19.69
CA SER A 328 9.59 43.31 18.25
C SER A 328 8.23 42.95 17.63
N ARG A 329 7.21 42.75 18.48
CA ARG A 329 5.88 42.45 17.97
C ARG A 329 5.00 43.68 18.14
N GLY A 330 5.57 44.72 18.73
CA GLY A 330 4.83 45.94 18.95
C GLY A 330 3.98 45.89 20.21
N LEU A 331 4.22 44.89 21.05
CA LEU A 331 3.45 44.74 22.27
C LEU A 331 4.20 45.36 23.45
N THR A 332 4.64 46.60 23.26
CA THR A 332 5.39 47.35 24.26
C THR A 332 4.58 47.68 25.50
N GLU A 333 3.28 47.42 25.43
CA GLU A 333 2.38 47.68 26.55
C GLU A 333 2.14 46.42 27.37
N TYR A 334 2.65 45.30 26.89
CA TYR A 334 2.46 44.04 27.59
C TYR A 334 3.53 43.76 28.64
N GLU A 335 3.11 43.21 29.77
CA GLU A 335 4.04 42.83 30.82
C GLU A 335 4.88 41.72 30.18
N GLU A 336 6.12 41.57 30.61
CA GLU A 336 6.95 40.53 30.03
C GLU A 336 6.31 39.18 30.27
N MET A 337 6.17 38.40 29.21
CA MET A 337 5.56 37.08 29.29
C MET A 337 4.04 37.15 29.35
N ASP A 338 3.51 38.24 28.82
CA ASP A 338 2.08 38.46 28.73
C ASP A 338 1.87 38.43 27.22
N LEU A 339 1.67 37.22 26.71
CA LEU A 339 1.50 36.95 25.29
C LEU A 339 0.31 37.58 24.61
N GLY A 340 -0.69 37.98 25.38
CA GLY A 340 -1.88 38.56 24.80
C GLY A 340 -2.95 37.48 24.63
N PRO A 341 -4.06 37.80 23.92
CA PRO A 341 -5.18 36.89 23.66
C PRO A 341 -4.89 35.60 22.87
N VAL A 342 -3.74 34.98 23.13
CA VAL A 342 -3.41 33.75 22.40
C VAL A 342 -4.18 32.49 22.79
N TYR A 343 -3.82 31.41 22.13
CA TYR A 343 -4.41 30.10 22.31
C TYR A 343 -5.67 30.02 23.18
N GLY A 344 -5.47 29.74 24.47
CA GLY A 344 -6.57 29.59 25.42
C GLY A 344 -7.56 30.74 25.49
N PHE A 345 -7.06 31.97 25.53
CA PHE A 345 -7.94 33.11 25.59
C PHE A 345 -8.96 33.04 24.44
N GLN A 346 -8.50 32.67 23.24
CA GLN A 346 -9.41 32.57 22.08
C GLN A 346 -10.30 31.34 22.21
N TRP A 347 -9.88 30.39 23.03
CA TRP A 347 -10.66 29.19 23.25
C TRP A 347 -11.87 29.48 24.13
N ARG A 348 -11.63 30.20 25.22
CA ARG A 348 -12.69 30.53 26.19
C ARG A 348 -13.25 31.98 26.11
N HIS A 349 -12.67 32.86 25.31
CA HIS A 349 -13.15 34.24 25.20
C HIS A 349 -12.94 34.77 23.79
N PHE A 350 -13.43 34.05 22.80
CA PHE A 350 -13.23 34.48 21.42
C PHE A 350 -13.74 35.90 21.13
N GLY A 351 -12.87 36.74 20.59
CA GLY A 351 -13.27 38.09 20.25
C GLY A 351 -13.36 39.08 21.41
N ALA A 352 -13.12 38.62 22.63
CA ALA A 352 -13.17 39.48 23.80
C ALA A 352 -12.08 40.53 23.65
N ALA A 353 -12.28 41.70 24.24
CA ALA A 353 -11.27 42.75 24.15
C ALA A 353 -10.23 42.43 25.20
N TYR A 354 -8.96 42.48 24.80
CA TYR A 354 -7.87 42.17 25.71
C TYR A 354 -7.12 43.41 26.18
N THR A 355 -6.75 43.43 27.45
CA THR A 355 -6.00 44.55 27.99
C THR A 355 -4.71 44.02 28.59
N HIS A 356 -4.85 43.29 29.70
CA HIS A 356 -3.72 42.69 30.39
C HIS A 356 -4.19 41.32 30.92
N HIS A 357 -3.25 40.41 31.12
CA HIS A 357 -3.53 39.06 31.57
C HIS A 357 -4.22 38.89 32.92
N ASP A 358 -4.05 39.86 33.80
CA ASP A 358 -4.64 39.76 35.12
C ASP A 358 -6.04 40.37 35.21
N ALA A 359 -6.55 40.88 34.10
CA ALA A 359 -7.89 41.47 34.09
C ALA A 359 -8.95 40.38 34.20
N ASN A 360 -10.19 40.77 34.49
CA ASN A 360 -11.28 39.79 34.62
C ASN A 360 -11.98 39.58 33.28
N TYR A 361 -11.89 38.35 32.77
CA TYR A 361 -12.50 38.08 31.49
C TYR A 361 -13.76 37.22 31.55
N ASP A 362 -14.04 36.62 32.70
CA ASP A 362 -15.24 35.81 32.90
C ASP A 362 -16.41 36.36 32.11
N GLY A 363 -17.13 35.49 31.41
CA GLY A 363 -18.27 35.94 30.63
C GLY A 363 -17.98 36.78 29.40
N GLN A 364 -16.71 37.01 29.09
CA GLN A 364 -16.37 37.79 27.92
C GLN A 364 -16.01 36.92 26.72
N GLY A 365 -16.51 37.32 25.56
CA GLY A 365 -16.24 36.59 24.33
C GLY A 365 -16.90 35.22 24.30
N VAL A 366 -16.75 34.54 23.17
CA VAL A 366 -17.36 33.23 23.01
C VAL A 366 -16.51 32.12 23.61
N ASP A 367 -17.06 31.47 24.63
CA ASP A 367 -16.40 30.37 25.29
C ASP A 367 -16.69 29.11 24.44
N GLN A 368 -15.89 28.91 23.40
CA GLN A 368 -16.09 27.78 22.51
C GLN A 368 -16.08 26.43 23.23
N ILE A 369 -15.11 26.29 24.13
CA ILE A 369 -14.92 25.09 24.92
C ILE A 369 -16.15 24.68 25.71
N LYS A 370 -16.77 25.65 26.39
CA LYS A 370 -17.97 25.36 27.18
C LYS A 370 -19.16 24.93 26.32
N ALA A 371 -19.28 25.44 25.09
CA ALA A 371 -20.37 25.02 24.22
C ALA A 371 -20.13 23.61 23.65
N ILE A 372 -18.89 23.30 23.29
CA ILE A 372 -18.62 21.97 22.76
C ILE A 372 -18.91 20.88 23.80
N VAL A 373 -18.61 21.18 25.07
CA VAL A 373 -18.88 20.25 26.16
C VAL A 373 -20.40 20.03 26.29
N GLU A 374 -21.18 21.10 26.10
CA GLU A 374 -22.61 21.02 26.23
C GLU A 374 -23.31 20.37 25.04
N THR A 375 -22.76 20.55 23.84
CA THR A 375 -23.37 19.97 22.65
C THR A 375 -23.16 18.44 22.59
N LEU A 376 -22.01 18.00 23.07
CA LEU A 376 -21.66 16.58 23.08
C LEU A 376 -22.60 15.78 23.98
N LYS A 377 -23.10 16.42 25.04
CA LYS A 377 -23.98 15.75 25.97
C LYS A 377 -25.46 15.89 25.63
N THR A 378 -25.78 16.44 24.46
CA THR A 378 -27.18 16.60 24.11
C THR A 378 -27.45 16.33 22.63
N ASN A 379 -26.45 16.59 21.79
CA ASN A 379 -26.57 16.36 20.37
C ASN A 379 -25.20 15.94 19.79
N PRO A 380 -24.62 14.84 20.30
CA PRO A 380 -23.32 14.32 19.87
C PRO A 380 -23.05 14.18 18.35
N ASP A 381 -24.10 14.24 17.52
CA ASP A 381 -23.89 14.15 16.07
C ASP A 381 -23.83 15.53 15.40
N ASP A 382 -23.92 16.60 16.19
CA ASP A 382 -23.86 17.94 15.63
C ASP A 382 -22.53 18.06 14.88
N ARG A 383 -22.57 18.53 13.64
CA ARG A 383 -21.35 18.64 12.85
C ARG A 383 -20.65 20.00 12.90
N ARG A 384 -20.85 20.74 13.98
CA ARG A 384 -20.27 22.07 14.10
C ARG A 384 -19.49 22.26 15.40
N MET A 385 -19.05 21.15 16.00
CA MET A 385 -18.34 21.18 17.27
C MET A 385 -16.83 21.39 17.11
N LEU A 386 -16.40 22.62 16.87
CA LEU A 386 -14.98 22.89 16.72
C LEU A 386 -14.55 24.26 17.26
N PHE A 387 -13.33 24.35 17.79
CA PHE A 387 -12.83 25.61 18.30
C PHE A 387 -11.61 26.08 17.54
N THR A 388 -11.43 27.40 17.50
CA THR A 388 -10.33 28.02 16.80
C THR A 388 -9.77 29.19 17.60
N ALA A 389 -8.47 29.36 17.50
CA ALA A 389 -7.78 30.45 18.18
C ALA A 389 -7.27 31.33 17.07
N TRP A 390 -7.65 30.99 15.84
CA TRP A 390 -7.21 31.78 14.71
C TRP A 390 -8.20 32.87 14.50
N ASN A 391 -7.92 34.01 15.12
CA ASN A 391 -8.77 35.19 15.07
C ASN A 391 -8.01 36.33 14.38
N PRO A 392 -8.28 36.56 13.07
CA PRO A 392 -7.58 37.64 12.36
C PRO A 392 -7.66 39.03 13.01
N SER A 393 -8.67 39.25 13.85
CA SER A 393 -8.82 40.53 14.54
C SER A 393 -7.81 40.68 15.69
N ALA A 394 -7.72 39.64 16.53
CA ALA A 394 -6.83 39.62 17.68
C ALA A 394 -5.37 39.26 17.35
N LEU A 395 -5.17 38.63 16.20
CA LEU A 395 -3.84 38.20 15.78
C LEU A 395 -2.66 39.17 16.00
N PRO A 396 -2.77 40.43 15.56
CA PRO A 396 -1.66 41.38 15.76
C PRO A 396 -1.42 41.62 17.24
N ARG A 397 -2.48 41.45 18.02
CA ARG A 397 -2.44 41.64 19.46
C ARG A 397 -1.78 40.45 20.19
N MET A 398 -1.56 39.36 19.46
CA MET A 398 -0.96 38.14 19.98
C MET A 398 0.57 38.12 19.89
N ALA A 399 1.22 37.39 20.79
CA ALA A 399 2.68 37.26 20.79
C ALA A 399 3.03 36.73 19.41
N LEU A 400 2.17 35.84 18.93
CA LEU A 400 2.31 35.24 17.61
C LEU A 400 1.09 34.37 17.35
N PRO A 401 0.75 34.16 16.06
CA PRO A 401 -0.40 33.34 15.67
C PRO A 401 -0.21 31.92 16.19
N PRO A 402 -1.31 31.27 16.58
CA PRO A 402 -1.22 29.89 17.09
C PRO A 402 -0.82 28.89 16.00
N CYS A 403 -0.01 27.90 16.38
CA CYS A 403 0.43 26.85 15.45
C CYS A 403 -0.73 25.85 15.39
N HIS A 404 -1.18 25.35 16.54
CA HIS A 404 -2.33 24.46 16.54
C HIS A 404 -3.49 25.43 16.81
N LEU A 405 -4.16 25.80 15.72
CA LEU A 405 -5.24 26.78 15.71
C LEU A 405 -6.66 26.27 15.46
N LEU A 406 -6.83 24.97 15.26
CA LEU A 406 -8.17 24.46 15.00
C LEU A 406 -8.33 23.02 15.46
N ALA A 407 -9.50 22.66 15.98
CA ALA A 407 -9.78 21.30 16.43
C ALA A 407 -11.28 20.99 16.34
N GLN A 408 -11.61 19.79 15.85
CA GLN A 408 -13.01 19.37 15.72
C GLN A 408 -13.32 18.04 16.42
N PHE A 409 -14.51 17.92 16.98
CA PHE A 409 -14.89 16.71 17.68
C PHE A 409 -15.95 15.89 16.95
N TYR A 410 -15.76 14.57 16.98
CA TYR A 410 -16.67 13.63 16.35
C TYR A 410 -17.08 12.59 17.37
N VAL A 411 -18.34 12.17 17.29
CA VAL A 411 -18.87 11.18 18.21
C VAL A 411 -19.49 10.01 17.49
N SER A 412 -19.11 8.81 17.92
CA SER A 412 -19.61 7.56 17.38
C SER A 412 -19.46 6.49 18.46
N ASN A 413 -20.50 5.70 18.69
CA ASN A 413 -20.46 4.62 19.67
C ASN A 413 -19.91 5.12 21.02
N GLY A 414 -20.40 6.27 21.46
CA GLY A 414 -19.97 6.86 22.71
C GLY A 414 -18.49 7.17 22.83
N GLU A 415 -17.78 7.22 21.69
CA GLU A 415 -16.35 7.50 21.70
C GLU A 415 -16.04 8.89 21.15
N LEU A 416 -15.36 9.69 21.96
CA LEU A 416 -15.00 11.04 21.56
C LEU A 416 -13.76 11.09 20.65
N SER A 417 -13.92 11.60 19.43
CA SER A 417 -12.79 11.72 18.52
C SER A 417 -12.45 13.19 18.31
N CYS A 418 -11.17 13.48 18.04
CA CYS A 418 -10.76 14.85 17.81
C CYS A 418 -9.78 14.99 16.64
N MET A 419 -10.08 15.96 15.78
CA MET A 419 -9.29 16.27 14.60
C MET A 419 -8.51 17.56 14.88
N LEU A 420 -7.25 17.57 14.48
CA LEU A 420 -6.38 18.72 14.70
C LEU A 420 -5.88 19.37 13.40
N TYR A 421 -5.75 20.70 13.39
CA TYR A 421 -5.23 21.46 12.24
C TYR A 421 -4.03 22.32 12.59
N GLN A 422 -2.83 21.82 12.35
CA GLN A 422 -1.61 22.55 12.63
C GLN A 422 -1.02 23.19 11.35
N ARG A 423 -1.10 24.54 11.26
CA ARG A 423 -0.58 25.30 10.11
C ARG A 423 0.92 25.12 9.93
N SER A 424 1.65 25.13 11.05
CA SER A 424 3.09 24.96 11.01
C SER A 424 3.41 23.87 12.02
N CYS A 425 4.26 22.94 11.60
CA CYS A 425 4.60 21.80 12.44
C CYS A 425 6.08 21.42 12.41
N ASP A 426 6.76 21.58 13.54
CA ASP A 426 8.16 21.21 13.67
C ASP A 426 8.09 19.73 14.02
N MET A 427 8.51 18.87 13.09
CA MET A 427 8.47 17.44 13.32
C MET A 427 9.33 16.98 14.50
N GLY A 428 10.55 17.51 14.57
CA GLY A 428 11.49 17.15 15.61
C GLY A 428 10.98 17.28 17.03
N LEU A 429 10.69 18.49 17.49
CA LEU A 429 10.23 18.63 18.85
C LEU A 429 8.78 19.05 19.01
N GLY A 430 8.27 19.78 18.01
CA GLY A 430 6.92 20.26 18.07
C GLY A 430 5.78 19.26 17.89
N VAL A 431 5.84 18.47 16.83
CA VAL A 431 4.78 17.52 16.54
C VAL A 431 4.46 16.51 17.65
N PRO A 432 5.49 15.88 18.26
CA PRO A 432 5.24 14.90 19.34
C PRO A 432 4.55 15.55 20.54
N PHE A 433 4.99 16.75 20.86
CA PHE A 433 4.45 17.55 21.96
C PHE A 433 2.98 17.78 21.66
N ASN A 434 2.70 18.32 20.48
CA ASN A 434 1.33 18.58 20.07
C ASN A 434 0.44 17.33 20.03
N ILE A 435 1.01 16.16 19.75
CA ILE A 435 0.22 14.94 19.71
C ILE A 435 -0.21 14.59 21.12
N ALA A 436 0.68 14.84 22.07
CA ALA A 436 0.41 14.57 23.47
C ALA A 436 -0.65 15.56 24.00
N SER A 437 -0.46 16.84 23.67
CA SER A 437 -1.38 17.89 24.08
C SER A 437 -2.82 17.64 23.68
N TYR A 438 -3.06 17.43 22.40
CA TYR A 438 -4.41 17.19 21.95
C TYR A 438 -4.95 15.86 22.37
N ALA A 439 -4.08 14.89 22.59
CA ALA A 439 -4.55 13.59 23.07
C ALA A 439 -5.15 13.85 24.45
N LEU A 440 -4.44 14.65 25.25
CA LEU A 440 -4.86 15.00 26.62
C LEU A 440 -6.19 15.75 26.59
N LEU A 441 -6.30 16.70 25.69
CA LEU A 441 -7.53 17.47 25.58
C LEU A 441 -8.72 16.56 25.27
N THR A 442 -8.56 15.62 24.33
CA THR A 442 -9.66 14.73 23.99
C THR A 442 -10.02 13.88 25.21
N ILE A 443 -9.01 13.47 25.97
CA ILE A 443 -9.29 12.66 27.16
C ILE A 443 -10.06 13.51 28.18
N LEU A 444 -9.50 14.66 28.55
CA LEU A 444 -10.14 15.56 29.51
C LEU A 444 -11.54 15.98 29.06
N ILE A 445 -11.72 16.29 27.78
CA ILE A 445 -13.03 16.68 27.29
C ILE A 445 -13.97 15.47 27.31
N ALA A 446 -13.42 14.30 27.01
CA ALA A 446 -14.22 13.07 27.01
C ALA A 446 -14.78 12.87 28.40
N LYS A 447 -13.91 12.92 29.41
CA LYS A 447 -14.31 12.72 30.80
C LYS A 447 -15.36 13.73 31.26
N ALA A 448 -15.38 14.89 30.63
CA ALA A 448 -16.30 15.95 30.98
C ALA A 448 -17.65 15.87 30.30
N THR A 449 -17.78 15.03 29.30
CA THR A 449 -19.06 14.91 28.59
C THR A 449 -19.69 13.52 28.66
N GLY A 450 -19.06 12.61 29.42
CA GLY A 450 -19.61 11.28 29.57
C GLY A 450 -19.31 10.37 28.39
N LEU A 451 -18.17 10.59 27.75
CA LEU A 451 -17.78 9.78 26.61
C LEU A 451 -16.43 9.13 26.82
N ARG A 452 -16.12 8.14 26.00
CA ARG A 452 -14.87 7.41 26.07
C ARG A 452 -13.92 7.97 25.01
N PRO A 453 -12.62 8.16 25.36
CA PRO A 453 -11.67 8.68 24.37
C PRO A 453 -11.62 7.77 23.15
N GLY A 454 -11.56 8.37 21.96
CA GLY A 454 -11.54 7.58 20.75
C GLY A 454 -10.24 7.72 19.98
N GLU A 455 -10.24 8.60 18.98
CA GLU A 455 -9.08 8.81 18.16
C GLU A 455 -8.69 10.27 18.04
N LEU A 456 -7.42 10.48 17.76
CA LEU A 456 -6.91 11.81 17.54
C LEU A 456 -6.42 11.75 16.11
N VAL A 457 -6.91 12.67 15.30
CA VAL A 457 -6.47 12.75 13.92
C VAL A 457 -5.69 14.04 13.88
N HIS A 458 -4.60 14.04 13.11
CA HIS A 458 -3.72 15.19 13.02
C HIS A 458 -3.48 15.67 11.60
N THR A 459 -3.95 16.86 11.26
CA THR A 459 -3.75 17.42 9.92
C THR A 459 -2.60 18.42 9.93
N LEU A 460 -1.49 18.05 9.31
CA LEU A 460 -0.33 18.92 9.22
C LEU A 460 -0.46 19.86 8.01
N GLY A 461 0.11 21.06 8.12
CA GLY A 461 0.11 22.02 7.03
C GLY A 461 1.54 22.08 6.54
N ASP A 462 2.28 23.09 6.99
CA ASP A 462 3.69 23.20 6.62
C ASP A 462 4.45 22.49 7.73
N ALA A 463 4.85 21.25 7.45
CA ALA A 463 5.57 20.41 8.39
C ALA A 463 7.02 20.27 7.96
N HIS A 464 7.91 20.85 8.75
CA HIS A 464 9.33 20.86 8.47
C HIS A 464 10.22 20.06 9.42
N VAL A 465 11.51 20.11 9.12
CA VAL A 465 12.54 19.46 9.91
C VAL A 465 13.62 20.50 9.84
N TYR A 466 14.15 20.93 10.98
CA TYR A 466 15.20 21.92 10.90
C TYR A 466 16.43 21.27 10.32
N SER A 467 17.28 22.07 9.68
CA SER A 467 18.52 21.56 9.09
C SER A 467 19.41 21.07 10.22
N ASN A 468 19.40 21.81 11.32
CA ASN A 468 20.20 21.45 12.49
C ASN A 468 19.64 20.18 13.17
N HIS A 469 18.56 19.63 12.61
CA HIS A 469 17.95 18.43 13.16
C HIS A 469 18.07 17.20 12.23
N VAL A 470 18.44 17.42 10.98
CA VAL A 470 18.53 16.31 10.02
C VAL A 470 19.29 15.08 10.50
N GLU A 471 20.50 15.27 11.01
CA GLU A 471 21.30 14.13 11.47
C GLU A 471 20.72 13.45 12.70
N PRO A 472 20.43 14.21 13.77
CA PRO A 472 19.86 13.52 14.93
C PRO A 472 18.54 12.82 14.59
N CYS A 473 17.72 13.47 13.76
CA CYS A 473 16.43 12.92 13.34
C CYS A 473 16.67 11.72 12.44
N ASN A 474 17.91 11.54 11.99
CA ASN A 474 18.26 10.39 11.14
C ASN A 474 18.63 9.23 12.06
N GLU A 475 19.38 9.53 13.11
CA GLU A 475 19.80 8.53 14.08
C GLU A 475 18.56 7.90 14.68
N GLN A 476 17.62 8.76 15.09
CA GLN A 476 16.38 8.32 15.68
C GLN A 476 15.63 7.39 14.73
N LEU A 477 15.66 7.73 13.44
CA LEU A 477 14.96 6.91 12.46
C LEU A 477 15.32 5.43 12.53
N LYS A 478 16.53 5.14 12.99
CA LYS A 478 16.97 3.74 13.13
C LYS A 478 16.01 2.98 14.05
N ARG A 479 15.89 3.45 15.28
CA ARG A 479 15.01 2.81 16.27
C ARG A 479 13.65 2.41 15.77
N VAL A 480 13.22 1.21 16.19
CA VAL A 480 11.91 0.68 15.84
C VAL A 480 11.03 1.02 17.04
N PRO A 481 9.94 1.75 16.80
CA PRO A 481 8.99 2.18 17.84
C PRO A 481 8.49 1.04 18.72
N ARG A 482 8.32 1.33 20.01
CA ARG A 482 7.81 0.37 21.00
C ARG A 482 6.35 0.69 21.27
N ALA A 483 5.71 -0.14 22.07
CA ALA A 483 4.31 0.07 22.43
C ALA A 483 4.15 1.40 23.18
N PHE A 484 3.02 2.07 22.99
CA PHE A 484 2.78 3.35 23.64
C PHE A 484 2.42 3.11 25.08
N PRO A 485 2.58 4.13 25.92
CA PRO A 485 2.24 3.98 27.35
C PRO A 485 0.76 4.25 27.55
N TYR A 486 0.36 4.46 28.81
CA TYR A 486 -1.03 4.73 29.16
C TYR A 486 -1.04 5.81 30.23
N LEU A 487 -2.12 6.59 30.32
CA LEU A 487 -2.21 7.63 31.35
C LEU A 487 -3.41 7.39 32.25
N VAL A 488 -3.19 7.48 33.56
CA VAL A 488 -4.29 7.31 34.52
C VAL A 488 -4.42 8.50 35.46
N PHE A 489 -5.64 8.73 35.92
CA PHE A 489 -5.94 9.82 36.84
C PHE A 489 -6.07 9.29 38.27
N ARG A 490 -5.29 9.87 39.18
CA ARG A 490 -5.29 9.45 40.57
C ARG A 490 -6.37 10.16 41.35
N ARG A 491 -6.91 11.21 40.76
CA ARG A 491 -7.98 11.98 41.38
C ARG A 491 -8.77 12.74 40.33
N GLU A 492 -10.02 13.01 40.61
CA GLU A 492 -10.85 13.75 39.67
C GLU A 492 -11.19 15.09 40.32
N ARG A 493 -11.76 16.00 39.55
CA ARG A 493 -12.10 17.31 40.07
C ARG A 493 -13.56 17.60 39.92
N GLU A 494 -13.95 18.78 40.37
CA GLU A 494 -15.33 19.22 40.31
C GLU A 494 -15.54 19.99 39.02
N PHE A 495 -14.49 20.69 38.58
CA PHE A 495 -14.51 21.45 37.34
C PHE A 495 -13.26 21.14 36.49
N LEU A 496 -13.45 21.12 35.17
CA LEU A 496 -12.37 20.87 34.21
C LEU A 496 -11.11 21.68 34.53
N GLU A 497 -11.33 22.95 34.86
CA GLU A 497 -10.25 23.90 35.16
C GLU A 497 -9.43 23.57 36.41
N ASP A 498 -9.94 22.68 37.25
CA ASP A 498 -9.27 22.30 38.48
C ASP A 498 -8.16 21.28 38.38
N TYR A 499 -8.11 20.56 37.26
CA TYR A 499 -7.09 19.55 37.11
C TYR A 499 -5.67 20.08 37.13
N GLU A 500 -4.82 19.35 37.82
CA GLU A 500 -3.41 19.67 37.96
C GLU A 500 -2.58 18.54 37.35
N GLU A 501 -1.38 18.86 36.89
CA GLU A 501 -0.50 17.87 36.29
C GLU A 501 -0.35 16.63 37.20
N GLY A 502 -0.33 16.85 38.51
CA GLY A 502 -0.18 15.75 39.44
C GLY A 502 -1.36 14.79 39.52
N ASP A 503 -2.55 15.27 39.16
CA ASP A 503 -3.76 14.45 39.21
C ASP A 503 -3.69 13.20 38.36
N MET A 504 -2.77 13.20 37.40
CA MET A 504 -2.64 12.08 36.50
C MET A 504 -1.23 11.54 36.48
N GLU A 505 -1.09 10.32 35.98
CA GLU A 505 0.20 9.65 35.90
C GLU A 505 0.34 8.83 34.62
N VAL A 506 1.50 8.97 33.99
CA VAL A 506 1.80 8.24 32.78
C VAL A 506 2.48 6.95 33.26
N ILE A 507 1.92 5.79 32.90
CA ILE A 507 2.52 4.53 33.31
C ILE A 507 3.08 3.78 32.10
N ASP A 508 4.14 2.99 32.33
CA ASP A 508 4.76 2.18 31.26
C ASP A 508 5.29 2.91 30.00
N TYR A 509 5.96 4.03 30.21
CA TYR A 509 6.52 4.81 29.11
C TYR A 509 7.99 4.41 29.07
N ALA A 510 8.37 3.64 28.07
CA ALA A 510 9.75 3.19 27.97
C ALA A 510 10.37 3.72 26.70
N PRO A 511 10.64 5.02 26.65
CA PRO A 511 11.24 5.65 25.46
C PRO A 511 12.73 5.36 25.34
N TYR A 512 13.19 5.19 24.11
CA TYR A 512 14.60 4.94 23.87
C TYR A 512 15.40 6.07 24.50
N PRO A 513 16.69 5.84 24.76
CA PRO A 513 17.58 6.84 25.37
C PRO A 513 17.89 8.06 24.49
N PRO A 514 18.42 9.13 25.10
CA PRO A 514 18.78 10.36 24.39
C PRO A 514 19.73 10.03 23.25
N ILE A 515 19.43 10.53 22.07
CA ILE A 515 20.27 10.23 20.91
C ILE A 515 21.66 10.84 21.13
N SER A 516 22.69 10.04 20.86
CA SER A 516 24.10 10.44 21.05
C SER A 516 24.65 11.48 20.07
N LEU B 3 -8.29 50.19 -5.29
CA LEU B 3 -7.79 50.56 -3.93
C LEU B 3 -8.18 49.50 -2.88
N PHE B 4 -9.35 48.89 -3.07
CA PHE B 4 -9.83 47.84 -2.17
C PHE B 4 -9.73 46.52 -2.92
N LYS B 5 -9.70 46.62 -4.26
CA LYS B 5 -9.61 45.45 -5.15
C LYS B 5 -8.16 44.99 -5.34
N ILE B 6 -8.00 43.69 -5.60
CA ILE B 6 -6.67 43.08 -5.80
C ILE B 6 -6.24 43.13 -7.25
N ARG B 7 -5.24 43.97 -7.52
CA ARG B 7 -4.70 44.16 -8.88
C ARG B 7 -3.87 42.98 -9.37
N MET B 8 -4.17 42.53 -10.59
CA MET B 8 -3.47 41.40 -11.20
C MET B 8 -2.12 41.84 -11.68
N PRO B 9 -1.11 40.97 -11.58
CA PRO B 9 0.23 41.32 -12.04
C PRO B 9 0.22 41.22 -13.56
N GLU B 10 1.34 41.56 -14.22
CA GLU B 10 1.39 41.47 -15.68
C GLU B 10 1.82 40.08 -16.14
N THR B 11 2.17 39.23 -15.18
CA THR B 11 2.54 37.86 -15.50
C THR B 11 1.23 37.07 -15.41
N VAL B 12 0.13 37.82 -15.32
CA VAL B 12 -1.23 37.27 -15.20
C VAL B 12 -1.60 36.19 -16.20
N ALA B 13 -1.30 36.39 -17.47
CA ALA B 13 -1.63 35.41 -18.49
C ALA B 13 -0.63 34.27 -18.54
N GLU B 14 0.64 34.59 -18.33
CA GLU B 14 1.71 33.60 -18.38
C GLU B 14 1.63 32.52 -17.32
N GLY B 15 1.01 32.83 -16.19
CA GLY B 15 0.89 31.85 -15.12
C GLY B 15 0.10 30.61 -15.49
N THR B 16 -0.75 30.70 -16.50
CA THR B 16 -1.56 29.56 -16.90
C THR B 16 -1.83 29.44 -18.41
N ARG B 17 -0.83 29.71 -19.22
CA ARG B 17 -1.01 29.60 -20.66
C ARG B 17 -1.05 28.11 -21.03
N LEU B 18 -2.03 27.72 -21.83
CA LEU B 18 -2.18 26.32 -22.24
C LEU B 18 -1.11 25.94 -23.26
N ALA B 19 -0.06 25.29 -22.80
CA ALA B 19 1.04 24.87 -23.67
C ALA B 19 0.56 24.01 -24.85
N LEU B 20 0.02 22.84 -24.56
CA LEU B 20 -0.46 21.94 -25.60
C LEU B 20 -1.90 21.58 -25.31
N ARG B 21 -2.70 21.46 -26.35
CA ARG B 21 -4.10 21.12 -26.16
C ARG B 21 -4.19 19.59 -26.02
N ALA B 22 -5.21 19.12 -25.31
CA ALA B 22 -5.40 17.70 -25.10
C ALA B 22 -6.11 17.02 -26.27
N PHE B 23 -5.65 15.80 -26.58
CA PHE B 23 -6.18 15.02 -27.69
C PHE B 23 -6.37 13.55 -27.35
N SER B 24 -6.95 12.84 -28.31
CA SER B 24 -7.17 11.40 -28.23
C SER B 24 -6.58 10.81 -29.51
N LEU B 25 -6.45 9.49 -29.57
CA LEU B 25 -5.86 8.83 -30.72
C LEU B 25 -6.72 7.66 -31.16
N VAL B 26 -7.01 7.59 -32.46
CA VAL B 26 -7.81 6.49 -32.98
C VAL B 26 -6.88 5.71 -33.89
N VAL B 27 -6.93 4.38 -33.83
CA VAL B 27 -6.06 3.57 -34.68
C VAL B 27 -6.58 2.16 -34.91
N ALA B 28 -6.14 1.56 -36.01
CA ALA B 28 -6.53 0.20 -36.35
C ALA B 28 -5.27 -0.64 -36.52
N VAL B 29 -5.32 -1.86 -36.02
CA VAL B 29 -4.17 -2.74 -36.09
C VAL B 29 -4.62 -4.18 -36.31
N ASP B 30 -3.67 -5.05 -36.62
CA ASP B 30 -3.94 -6.46 -36.82
C ASP B 30 -3.33 -7.17 -35.60
N GLU B 31 -3.60 -8.46 -35.43
CA GLU B 31 -3.08 -9.21 -34.28
C GLU B 31 -1.59 -9.06 -33.94
N HIS B 32 -0.85 -8.32 -34.75
CA HIS B 32 0.58 -8.12 -34.51
C HIS B 32 0.90 -6.66 -34.20
N GLY B 33 -0.09 -5.80 -34.35
CA GLY B 33 0.09 -4.38 -34.09
C GLY B 33 0.48 -3.67 -35.37
N GLY B 34 0.00 -4.19 -36.49
CA GLY B 34 0.31 -3.58 -37.77
C GLY B 34 -0.69 -2.53 -38.19
N ILE B 35 -0.25 -1.29 -38.23
CA ILE B 35 -1.12 -0.20 -38.64
C ILE B 35 -1.40 -0.35 -40.12
N GLY B 36 -0.33 -0.61 -40.88
CA GLY B 36 -0.43 -0.79 -42.31
C GLY B 36 0.98 -0.92 -42.87
N ASP B 37 1.10 -1.29 -44.14
CA ASP B 37 2.42 -1.43 -44.75
C ASP B 37 3.02 -0.08 -45.16
N GLY B 38 2.72 0.94 -44.36
CA GLY B 38 3.21 2.28 -44.60
C GLY B 38 2.72 2.87 -45.91
N ARG B 39 2.29 1.99 -46.81
CA ARG B 39 1.79 2.40 -48.12
C ARG B 39 0.29 2.09 -48.22
N SER B 40 -0.48 2.64 -47.27
CA SER B 40 -1.92 2.49 -47.18
C SER B 40 -2.46 1.22 -46.51
N ILE B 41 -3.36 1.44 -45.56
CA ILE B 41 -4.01 0.37 -44.81
C ILE B 41 -4.69 -0.59 -45.79
N PRO B 42 -4.23 -1.86 -45.86
CA PRO B 42 -4.82 -2.85 -46.75
C PRO B 42 -6.20 -3.43 -46.36
N TRP B 43 -6.74 -3.03 -45.21
CA TRP B 43 -8.04 -3.53 -44.76
C TRP B 43 -9.14 -2.49 -44.56
N ASN B 44 -10.17 -2.64 -45.39
CA ASN B 44 -11.34 -1.77 -45.37
C ASN B 44 -12.36 -2.60 -44.59
N VAL B 45 -12.47 -2.32 -43.29
CA VAL B 45 -13.42 -3.02 -42.44
C VAL B 45 -14.53 -2.01 -42.12
N PRO B 46 -15.51 -1.88 -43.02
CA PRO B 46 -16.66 -0.98 -42.92
C PRO B 46 -17.09 -0.52 -41.52
N GLU B 47 -17.35 -1.47 -40.63
CA GLU B 47 -17.77 -1.12 -39.28
C GLU B 47 -16.78 -0.18 -38.62
N ASP B 48 -15.49 -0.44 -38.85
CA ASP B 48 -14.46 0.38 -38.28
C ASP B 48 -14.48 1.80 -38.85
N MET B 49 -14.75 1.91 -40.15
CA MET B 49 -14.82 3.19 -40.83
C MET B 49 -15.95 4.06 -40.31
N LYS B 50 -17.12 3.46 -40.10
CA LYS B 50 -18.25 4.22 -39.57
C LYS B 50 -17.93 4.55 -38.12
N PHE B 51 -17.26 3.63 -37.44
CA PHE B 51 -16.87 3.88 -36.05
C PHE B 51 -15.96 5.10 -36.04
N PHE B 52 -14.89 5.03 -36.84
CA PHE B 52 -13.94 6.13 -36.93
C PHE B 52 -14.66 7.42 -37.28
N ARG B 53 -15.46 7.38 -38.33
CA ARG B 53 -16.21 8.54 -38.77
C ARG B 53 -17.07 9.09 -37.63
N ASP B 54 -17.81 8.22 -36.94
CA ASP B 54 -18.67 8.63 -35.83
C ASP B 54 -17.93 9.34 -34.68
N LEU B 55 -16.93 8.67 -34.13
CA LEU B 55 -16.12 9.19 -33.03
C LEU B 55 -15.44 10.53 -33.35
N THR B 56 -14.74 10.59 -34.47
CA THR B 56 -14.02 11.79 -34.87
C THR B 56 -14.89 12.95 -35.36
N THR B 57 -16.12 12.68 -35.76
CA THR B 57 -17.00 13.72 -36.27
C THR B 57 -17.98 14.33 -35.26
N LYS B 58 -18.79 13.48 -34.63
CA LYS B 58 -19.79 13.91 -33.66
C LYS B 58 -19.25 14.73 -32.50
N LEU B 59 -20.14 15.48 -31.86
CA LEU B 59 -19.78 16.30 -30.71
C LEU B 59 -20.48 15.72 -29.50
N ARG B 60 -19.98 16.05 -28.29
CA ARG B 60 -20.58 15.53 -27.05
C ARG B 60 -22.02 16.02 -26.93
N GLY B 61 -22.22 17.31 -27.17
CA GLY B 61 -23.55 17.86 -27.11
C GLY B 61 -24.37 17.07 -28.12
N LYS B 62 -25.09 16.06 -27.63
CA LYS B 62 -25.91 15.23 -28.50
C LYS B 62 -27.08 16.04 -29.06
N ASN B 63 -26.72 17.19 -29.66
CA ASN B 63 -27.67 18.12 -30.26
C ASN B 63 -27.01 19.12 -31.22
N VAL B 64 -25.69 19.25 -31.17
CA VAL B 64 -25.00 20.21 -32.03
C VAL B 64 -24.36 19.59 -33.29
N LYS B 65 -24.33 20.38 -34.36
CA LYS B 65 -23.73 19.96 -35.62
C LYS B 65 -22.36 20.64 -35.75
N PRO B 66 -21.40 19.95 -36.38
CA PRO B 66 -20.05 20.50 -36.56
C PRO B 66 -20.01 21.76 -37.43
N SER B 67 -19.83 22.90 -36.79
CA SER B 67 -19.73 24.18 -37.50
C SER B 67 -18.30 24.63 -37.24
N PRO B 68 -17.77 25.54 -38.06
CA PRO B 68 -16.39 25.97 -37.80
C PRO B 68 -16.21 26.56 -36.40
N ALA B 69 -17.31 27.02 -35.81
CA ALA B 69 -17.29 27.61 -34.47
C ALA B 69 -17.17 26.52 -33.39
N LYS B 70 -17.76 25.36 -33.68
CA LYS B 70 -17.74 24.22 -32.76
C LYS B 70 -17.70 22.90 -33.56
N ARG B 71 -16.49 22.37 -33.75
CA ARG B 71 -16.26 21.12 -34.48
C ARG B 71 -15.04 20.38 -33.94
N ASN B 72 -14.88 19.13 -34.33
CA ASN B 72 -13.73 18.33 -33.88
C ASN B 72 -12.58 18.48 -34.85
N ALA B 73 -11.36 18.39 -34.34
CA ALA B 73 -10.17 18.48 -35.18
C ALA B 73 -9.65 17.08 -35.41
N VAL B 74 -8.88 16.91 -36.48
CA VAL B 74 -8.28 15.64 -36.84
C VAL B 74 -6.85 15.96 -37.29
N VAL B 75 -5.87 15.36 -36.63
CA VAL B 75 -4.47 15.59 -36.97
C VAL B 75 -3.87 14.32 -37.58
N MET B 76 -3.15 14.47 -38.68
CA MET B 76 -2.55 13.34 -39.39
C MET B 76 -1.26 13.75 -40.10
N GLY B 77 -0.42 12.78 -40.42
CA GLY B 77 0.82 13.09 -41.12
C GLY B 77 0.52 13.18 -42.60
N ARG B 78 1.39 13.85 -43.35
CA ARG B 78 1.22 14.02 -44.80
C ARG B 78 0.86 12.72 -45.52
N LYS B 79 1.63 11.66 -45.26
CA LYS B 79 1.36 10.39 -45.89
C LYS B 79 -0.08 9.90 -45.68
N THR B 80 -0.61 10.06 -44.47
CA THR B 80 -1.98 9.65 -44.20
C THR B 80 -2.97 10.54 -44.93
N TRP B 81 -2.65 11.83 -45.03
CA TRP B 81 -3.49 12.78 -45.75
C TRP B 81 -3.54 12.41 -47.25
N ASP B 82 -2.41 11.96 -47.79
CA ASP B 82 -2.37 11.56 -49.18
C ASP B 82 -3.30 10.36 -49.36
N SER B 83 -3.20 9.40 -48.45
CA SER B 83 -4.02 8.19 -48.51
C SER B 83 -5.49 8.51 -48.73
N ILE B 84 -5.93 9.69 -48.28
CA ILE B 84 -7.32 10.08 -48.46
C ILE B 84 -7.56 10.37 -49.93
N PRO B 85 -8.50 9.65 -50.55
CA PRO B 85 -8.78 9.90 -51.96
C PRO B 85 -9.05 11.39 -52.19
N PRO B 86 -8.30 12.02 -53.12
CA PRO B 86 -8.43 13.44 -53.43
C PRO B 86 -9.88 13.88 -53.55
N LYS B 87 -10.71 13.02 -54.11
CA LYS B 87 -12.12 13.35 -54.26
C LYS B 87 -12.84 13.31 -52.90
N PHE B 88 -12.14 12.83 -51.87
CA PHE B 88 -12.73 12.75 -50.53
C PHE B 88 -11.96 13.56 -49.48
N ARG B 89 -11.22 14.55 -49.96
CA ARG B 89 -10.45 15.44 -49.08
C ARG B 89 -11.13 16.81 -49.02
N PRO B 90 -11.19 17.42 -47.83
CA PRO B 90 -10.67 16.90 -46.57
C PRO B 90 -11.72 16.04 -45.88
N LEU B 91 -11.38 15.45 -44.75
CA LEU B 91 -12.38 14.67 -44.03
C LEU B 91 -13.45 15.71 -43.67
N PRO B 92 -14.67 15.54 -44.20
CA PRO B 92 -15.79 16.46 -43.95
C PRO B 92 -16.33 16.59 -42.53
N GLY B 93 -16.63 17.83 -42.15
CA GLY B 93 -17.17 18.10 -40.82
C GLY B 93 -16.15 18.12 -39.69
N ARG B 94 -14.87 18.12 -40.04
CA ARG B 94 -13.79 18.14 -39.06
C ARG B 94 -12.66 19.03 -39.56
N LEU B 95 -11.95 19.68 -38.65
CA LEU B 95 -10.82 20.53 -39.04
C LEU B 95 -9.68 19.57 -39.41
N ASN B 96 -9.25 19.59 -40.67
CA ASN B 96 -8.17 18.69 -41.07
C ASN B 96 -6.78 19.32 -40.82
N VAL B 97 -6.04 18.73 -39.88
CA VAL B 97 -4.71 19.20 -39.51
C VAL B 97 -3.69 18.23 -40.07
N VAL B 98 -2.82 18.73 -40.95
CA VAL B 98 -1.80 17.90 -41.56
C VAL B 98 -0.38 18.30 -41.22
N LEU B 99 0.41 17.32 -40.80
CA LEU B 99 1.80 17.57 -40.47
C LEU B 99 2.64 17.31 -41.72
N SER B 100 3.41 18.31 -42.13
CA SER B 100 4.27 18.17 -43.30
C SER B 100 5.33 19.26 -43.32
N SER B 101 6.52 18.91 -43.79
CA SER B 101 7.59 19.89 -43.85
C SER B 101 7.76 20.40 -45.27
N THR B 102 6.87 20.02 -46.17
CA THR B 102 6.96 20.46 -47.56
C THR B 102 5.61 21.00 -48.05
N LEU B 103 4.53 20.33 -47.66
CA LEU B 103 3.21 20.79 -48.05
C LEU B 103 2.83 22.03 -47.25
N THR B 104 1.98 22.87 -47.85
CA THR B 104 1.53 24.13 -47.27
C THR B 104 0.00 24.20 -47.23
N THR B 105 -0.57 25.05 -46.36
CA THR B 105 -2.02 25.14 -46.27
C THR B 105 -2.64 25.26 -47.67
N GLN B 106 -1.98 26.01 -48.55
CA GLN B 106 -2.48 26.16 -49.91
C GLN B 106 -2.24 24.90 -50.73
N HIS B 107 -1.10 24.25 -50.51
CA HIS B 107 -0.73 23.02 -51.23
C HIS B 107 -1.79 21.93 -51.09
N LEU B 108 -2.12 21.57 -49.84
CA LEU B 108 -3.13 20.56 -49.61
C LEU B 108 -4.39 20.92 -50.38
N LEU B 109 -4.83 22.16 -50.24
CA LEU B 109 -6.02 22.69 -50.90
C LEU B 109 -6.06 22.45 -52.42
N ASP B 110 -5.00 22.87 -53.12
CA ASP B 110 -4.93 22.71 -54.57
C ASP B 110 -5.07 21.26 -55.04
N GLY B 111 -4.65 20.32 -54.20
CA GLY B 111 -4.74 18.90 -54.55
C GLY B 111 -6.16 18.45 -54.78
N LEU B 112 -7.11 19.23 -54.26
CA LEU B 112 -8.53 18.93 -54.40
C LEU B 112 -8.99 19.49 -55.74
N PRO B 113 -9.70 18.68 -56.54
CA PRO B 113 -10.22 19.05 -57.86
C PRO B 113 -10.93 20.41 -57.97
N ASP B 114 -12.24 20.36 -58.19
CA ASP B 114 -13.10 21.53 -58.35
C ASP B 114 -12.85 22.65 -57.33
N GLU B 115 -12.98 23.89 -57.78
CA GLU B 115 -12.79 25.06 -56.91
C GLU B 115 -13.98 25.28 -55.97
N GLU B 116 -15.16 24.82 -56.35
CA GLU B 116 -16.34 25.00 -55.51
C GLU B 116 -16.03 24.53 -54.09
N LYS B 117 -15.33 23.40 -53.97
CA LYS B 117 -14.97 22.87 -52.66
C LYS B 117 -13.60 23.43 -52.23
N ARG B 118 -12.78 23.85 -53.18
CA ARG B 118 -11.46 24.40 -52.87
C ARG B 118 -11.60 25.68 -52.07
N ASN B 119 -12.81 26.22 -52.03
CA ASN B 119 -13.09 27.44 -51.28
C ASN B 119 -14.02 27.17 -50.10
N LEU B 120 -14.92 26.20 -50.27
CA LEU B 120 -15.84 25.83 -49.20
C LEU B 120 -15.08 25.06 -48.14
N HIS B 121 -13.84 24.70 -48.43
CA HIS B 121 -13.04 23.95 -47.47
C HIS B 121 -11.72 24.59 -47.02
N ALA B 122 -11.54 25.86 -47.35
CA ALA B 122 -10.33 26.56 -46.95
C ALA B 122 -10.33 26.66 -45.43
N ASP B 123 -11.53 26.63 -44.85
CA ASP B 123 -11.74 26.72 -43.40
C ASP B 123 -11.52 25.40 -42.65
N SER B 124 -11.75 24.28 -43.32
CA SER B 124 -11.60 22.98 -42.71
C SER B 124 -10.25 22.30 -43.00
N ILE B 125 -9.30 23.05 -43.54
CA ILE B 125 -7.97 22.50 -43.84
C ILE B 125 -6.89 23.46 -43.36
N VAL B 126 -5.83 22.91 -42.76
CA VAL B 126 -4.71 23.70 -42.27
C VAL B 126 -3.48 22.82 -42.10
N ALA B 127 -2.32 23.34 -42.49
CA ALA B 127 -1.06 22.60 -42.38
C ALA B 127 -0.15 23.12 -41.29
N VAL B 128 0.62 22.20 -40.69
CA VAL B 128 1.57 22.53 -39.63
C VAL B 128 2.92 21.97 -40.04
N ASN B 129 3.91 22.84 -40.13
CA ASN B 129 5.24 22.43 -40.50
C ASN B 129 5.99 22.02 -39.25
N GLY B 130 5.72 20.80 -38.79
CA GLY B 130 6.36 20.27 -37.61
C GLY B 130 5.66 18.98 -37.19
N GLY B 131 5.93 18.51 -35.98
CA GLY B 131 5.31 17.28 -35.52
C GLY B 131 4.05 17.47 -34.70
N LEU B 132 3.60 16.37 -34.11
CA LEU B 132 2.40 16.37 -33.29
C LEU B 132 2.49 17.40 -32.19
N GLU B 133 3.62 17.45 -31.50
CA GLU B 133 3.79 18.41 -30.43
C GLU B 133 3.48 19.84 -30.86
N GLN B 134 3.85 20.19 -32.08
CA GLN B 134 3.60 21.54 -32.59
C GLN B 134 2.10 21.67 -32.90
N ALA B 135 1.51 20.62 -33.45
CA ALA B 135 0.09 20.62 -33.76
C ALA B 135 -0.80 20.84 -32.54
N LEU B 136 -0.44 20.22 -31.42
CA LEU B 136 -1.21 20.38 -30.19
C LEU B 136 -1.00 21.79 -29.64
N ARG B 137 0.19 22.32 -29.83
CA ARG B 137 0.55 23.66 -29.36
C ARG B 137 -0.20 24.70 -30.19
N LEU B 138 -0.48 24.33 -31.43
CA LEU B 138 -1.19 25.18 -32.37
C LEU B 138 -2.69 25.13 -32.08
N LEU B 139 -3.22 23.97 -31.68
CA LEU B 139 -4.65 23.85 -31.37
C LEU B 139 -4.96 24.47 -30.02
N ALA B 140 -3.90 24.84 -29.30
CA ALA B 140 -3.99 25.45 -27.97
C ALA B 140 -4.09 26.98 -28.07
N SER B 141 -3.91 27.53 -29.27
CA SER B 141 -4.01 28.97 -29.46
C SER B 141 -5.49 29.32 -29.29
N PRO B 142 -5.78 30.58 -28.92
CA PRO B 142 -7.16 31.04 -28.71
C PRO B 142 -8.11 30.84 -29.87
N ASN B 143 -7.55 30.60 -31.06
CA ASN B 143 -8.37 30.39 -32.25
C ASN B 143 -9.05 29.04 -32.25
N TYR B 144 -8.33 28.04 -31.72
CA TYR B 144 -8.82 26.67 -31.68
C TYR B 144 -9.35 26.20 -30.32
N THR B 145 -8.76 26.71 -29.23
CA THR B 145 -9.23 26.37 -27.91
C THR B 145 -10.06 27.54 -27.39
N PRO B 146 -11.30 27.29 -26.97
CA PRO B 146 -12.02 26.01 -26.91
C PRO B 146 -12.93 25.64 -28.09
N SER B 147 -12.95 26.44 -29.15
CA SER B 147 -13.81 26.15 -30.29
C SER B 147 -13.78 24.67 -30.74
N ILE B 148 -12.59 24.05 -30.77
CA ILE B 148 -12.46 22.65 -31.14
C ILE B 148 -12.82 21.80 -29.90
N GLU B 149 -13.94 21.10 -29.94
CA GLU B 149 -14.35 20.29 -28.79
C GLU B 149 -13.39 19.16 -28.45
N THR B 150 -12.79 18.52 -29.45
CA THR B 150 -11.86 17.43 -29.20
C THR B 150 -10.88 17.21 -30.36
N VAL B 151 -9.66 16.80 -30.02
CA VAL B 151 -8.62 16.56 -31.03
C VAL B 151 -8.36 15.07 -31.20
N TYR B 152 -8.31 14.60 -32.45
CA TYR B 152 -8.08 13.19 -32.75
C TYR B 152 -6.85 12.87 -33.60
N CYS B 153 -5.78 12.37 -32.98
CA CYS B 153 -4.58 11.99 -33.74
C CYS B 153 -5.03 10.77 -34.53
N ILE B 154 -5.28 10.95 -35.83
CA ILE B 154 -5.79 9.85 -36.62
C ILE B 154 -4.78 9.05 -37.42
N GLY B 155 -3.49 9.26 -37.21
CA GLY B 155 -2.60 8.43 -37.98
C GLY B 155 -1.26 8.89 -38.47
N GLY B 156 -0.51 7.88 -38.87
CA GLY B 156 0.84 8.05 -39.32
C GLY B 156 1.62 7.37 -38.24
N GLY B 157 2.44 6.39 -38.62
CA GLY B 157 3.25 5.71 -37.63
C GLY B 157 4.13 6.69 -36.87
N SER B 158 4.60 7.73 -37.56
CA SER B 158 5.46 8.75 -36.96
C SER B 158 4.72 9.59 -35.93
N VAL B 159 3.45 9.85 -36.20
CA VAL B 159 2.64 10.64 -35.29
C VAL B 159 2.23 9.80 -34.07
N TYR B 160 1.89 8.53 -34.31
CA TYR B 160 1.48 7.65 -33.22
C TYR B 160 2.60 7.48 -32.22
N ALA B 161 3.82 7.34 -32.74
CA ALA B 161 5.01 7.18 -31.92
C ALA B 161 5.22 8.40 -31.02
N GLU B 162 4.96 9.58 -31.57
CA GLU B 162 5.13 10.83 -30.85
C GLU B 162 4.07 11.00 -29.77
N ALA B 163 2.84 10.63 -30.10
CA ALA B 163 1.75 10.74 -29.14
C ALA B 163 1.99 9.80 -27.95
N LEU B 164 2.67 8.68 -28.19
CA LEU B 164 2.93 7.68 -27.16
C LEU B 164 4.16 7.95 -26.31
N ARG B 165 4.79 9.09 -26.52
CA ARG B 165 5.96 9.45 -25.73
C ARG B 165 5.84 10.88 -25.20
N PRO B 166 6.63 11.21 -24.16
CA PRO B 166 6.48 12.59 -23.69
C PRO B 166 7.05 13.53 -24.75
N PRO B 167 6.60 14.79 -24.78
CA PRO B 167 5.60 15.43 -23.92
C PRO B 167 4.12 15.20 -24.25
N CYS B 168 3.82 14.77 -25.47
CA CYS B 168 2.43 14.56 -25.91
C CYS B 168 1.57 13.52 -25.16
N VAL B 169 2.18 12.46 -24.61
CA VAL B 169 1.40 11.44 -23.89
C VAL B 169 0.68 12.05 -22.70
N HIS B 170 1.41 12.83 -21.92
CA HIS B 170 0.83 13.44 -20.75
C HIS B 170 -0.43 14.21 -21.11
N LEU B 171 -0.68 14.34 -22.42
CA LEU B 171 -1.88 15.04 -22.90
C LEU B 171 -2.92 14.16 -23.59
N LEU B 172 -2.62 12.87 -23.72
CA LEU B 172 -3.51 11.88 -24.35
C LEU B 172 -4.68 11.44 -23.46
N GLN B 173 -5.89 11.90 -23.76
CA GLN B 173 -7.05 11.57 -22.93
C GLN B 173 -7.58 10.15 -23.09
N ALA B 174 -7.27 9.51 -24.21
CA ALA B 174 -7.74 8.16 -24.44
C ALA B 174 -7.24 7.62 -25.77
N ILE B 175 -7.35 6.32 -25.94
CA ILE B 175 -6.90 5.65 -27.15
C ILE B 175 -7.91 4.62 -27.62
N TYR B 176 -8.41 4.80 -28.83
CA TYR B 176 -9.37 3.86 -29.38
C TYR B 176 -8.58 2.95 -30.32
N ARG B 177 -8.66 1.64 -30.09
CA ARG B 177 -7.94 0.70 -30.96
C ARG B 177 -8.82 -0.45 -31.45
N THR B 178 -8.89 -0.58 -32.77
CA THR B 178 -9.65 -1.63 -33.41
C THR B 178 -8.61 -2.64 -33.88
N THR B 179 -8.83 -3.92 -33.61
CA THR B 179 -7.90 -4.95 -34.04
C THR B 179 -8.63 -5.80 -35.06
N ILE B 180 -7.97 -6.04 -36.19
CA ILE B 180 -8.56 -6.84 -37.25
C ILE B 180 -7.83 -8.18 -37.32
N ARG B 181 -8.55 -9.22 -37.74
CA ARG B 181 -7.95 -10.54 -37.95
C ARG B 181 -7.40 -10.38 -39.37
N ALA B 182 -6.13 -10.06 -39.47
CA ALA B 182 -5.50 -9.85 -40.77
C ALA B 182 -5.12 -11.13 -41.50
N SER B 183 -5.63 -11.25 -42.73
CA SER B 183 -5.31 -12.41 -43.57
C SER B 183 -3.99 -12.06 -44.25
N GLU B 184 -3.73 -10.75 -44.32
CA GLU B 184 -2.53 -10.22 -44.91
C GLU B 184 -1.70 -9.56 -43.81
N SER B 185 -0.45 -9.99 -43.67
CA SER B 185 0.45 -9.46 -42.66
C SER B 185 1.29 -8.32 -43.25
N SER B 186 0.92 -7.89 -44.46
CA SER B 186 1.62 -6.83 -45.17
C SER B 186 1.60 -5.51 -44.41
N CYS B 187 2.52 -5.38 -43.44
CA CYS B 187 2.64 -4.19 -42.62
C CYS B 187 4.11 -3.93 -42.34
N SER B 188 4.40 -3.17 -41.30
CA SER B 188 5.78 -2.86 -40.98
C SER B 188 5.97 -2.05 -39.69
N VAL B 189 5.06 -1.14 -39.42
CA VAL B 189 5.13 -0.31 -38.23
C VAL B 189 4.13 -0.80 -37.21
N PHE B 190 4.59 -1.01 -35.97
CA PHE B 190 3.73 -1.53 -34.91
C PHE B 190 3.29 -0.55 -33.82
N PHE B 191 2.00 -0.60 -33.49
CA PHE B 191 1.40 0.25 -32.46
C PHE B 191 1.63 -0.43 -31.12
N ARG B 192 2.06 0.34 -30.12
CA ARG B 192 2.30 -0.24 -28.82
C ARG B 192 2.06 0.72 -27.66
N VAL B 193 1.12 0.34 -26.80
CA VAL B 193 0.79 1.12 -25.62
C VAL B 193 1.84 0.76 -24.56
N PRO B 194 2.62 1.76 -24.10
CA PRO B 194 3.64 1.50 -23.08
C PRO B 194 3.09 0.64 -21.95
N GLU B 195 3.90 -0.28 -21.46
CA GLU B 195 3.45 -1.15 -20.38
C GLU B 195 3.55 -0.45 -19.03
N SER B 196 2.60 -0.78 -18.15
CA SER B 196 2.54 -0.21 -16.81
C SER B 196 3.85 -0.41 -16.04
N GLY B 197 4.32 0.66 -15.41
CA GLY B 197 5.53 0.56 -14.61
C GLY B 197 6.84 0.67 -15.35
N THR B 198 6.83 0.56 -16.67
CA THR B 198 8.05 0.67 -17.43
C THR B 198 8.35 2.14 -17.67
N GLU B 199 9.62 2.47 -17.81
CA GLU B 199 10.05 3.85 -18.05
C GLU B 199 9.30 4.47 -19.23
N ALA B 200 9.14 3.70 -20.29
CA ALA B 200 8.46 4.17 -21.50
C ALA B 200 7.08 4.71 -21.20
N ALA B 201 6.46 4.18 -20.16
CA ALA B 201 5.12 4.59 -19.77
C ALA B 201 5.11 5.93 -19.02
N ALA B 202 6.27 6.40 -18.63
CA ALA B 202 6.36 7.67 -17.94
C ALA B 202 5.32 7.86 -16.84
N GLY B 203 5.24 6.91 -15.92
CA GLY B 203 4.31 7.03 -14.81
C GLY B 203 2.85 6.85 -15.16
N ILE B 204 2.54 6.73 -16.44
CA ILE B 204 1.14 6.53 -16.82
C ILE B 204 0.81 5.03 -16.87
N GLU B 205 -0.37 4.67 -16.38
CA GLU B 205 -0.78 3.27 -16.38
C GLU B 205 -1.99 3.17 -17.28
N TRP B 206 -1.80 2.68 -18.50
CA TRP B 206 -2.93 2.57 -19.41
C TRP B 206 -3.83 1.39 -19.09
N GLN B 207 -5.12 1.64 -19.05
CA GLN B 207 -6.09 0.60 -18.76
C GLN B 207 -7.26 0.65 -19.74
N ARG B 208 -7.92 -0.49 -19.89
CA ARG B 208 -9.06 -0.61 -20.77
C ARG B 208 -10.30 -0.10 -20.07
N GLU B 209 -11.08 0.77 -20.73
CA GLU B 209 -12.33 1.21 -20.13
C GLU B 209 -13.35 0.25 -20.72
N THR B 210 -13.21 -0.01 -22.01
CA THR B 210 -14.11 -0.88 -22.75
C THR B 210 -13.38 -1.79 -23.74
N ILE B 211 -13.91 -2.99 -23.89
CA ILE B 211 -13.39 -3.94 -24.87
C ILE B 211 -14.63 -4.70 -25.32
N SER B 212 -14.86 -4.67 -26.62
CA SER B 212 -16.02 -5.32 -27.16
C SER B 212 -15.83 -6.82 -27.32
N GLU B 213 -16.92 -7.47 -27.70
CA GLU B 213 -16.93 -8.88 -27.96
C GLU B 213 -16.40 -8.99 -29.37
N GLU B 214 -16.13 -10.21 -29.81
CA GLU B 214 -15.63 -10.43 -31.17
C GLU B 214 -16.74 -10.19 -32.16
N LEU B 215 -16.56 -9.20 -33.02
CA LEU B 215 -17.57 -8.89 -34.01
C LEU B 215 -17.15 -9.40 -35.38
N THR B 216 -18.15 -9.57 -36.24
CA THR B 216 -17.90 -10.04 -37.59
C THR B 216 -18.48 -9.03 -38.56
N SER B 217 -17.64 -8.54 -39.48
CA SER B 217 -18.04 -7.55 -40.46
C SER B 217 -18.91 -8.11 -41.57
N ALA B 218 -19.87 -7.30 -42.01
CA ALA B 218 -20.77 -7.68 -43.08
C ALA B 218 -20.10 -7.27 -44.39
N ASN B 219 -18.78 -7.42 -44.45
CA ASN B 219 -18.04 -7.05 -45.65
C ASN B 219 -17.78 -8.24 -46.57
N GLY B 220 -18.35 -9.39 -46.24
CA GLY B 220 -18.18 -10.57 -47.07
C GLY B 220 -16.92 -11.39 -46.89
N ASN B 221 -16.05 -10.97 -45.99
CA ASN B 221 -14.81 -11.70 -45.72
C ASN B 221 -14.83 -12.32 -44.32
N GLU B 222 -15.94 -12.10 -43.61
CA GLU B 222 -16.09 -12.64 -42.27
C GLU B 222 -15.04 -12.06 -41.32
N THR B 223 -14.44 -10.95 -41.72
CA THR B 223 -13.40 -10.33 -40.90
C THR B 223 -13.74 -10.22 -39.43
N LYS B 224 -13.02 -10.97 -38.60
CA LYS B 224 -13.23 -10.90 -37.16
C LYS B 224 -12.48 -9.66 -36.69
N TYR B 225 -13.07 -8.93 -35.75
CA TYR B 225 -12.47 -7.71 -35.23
C TYR B 225 -13.06 -7.33 -33.87
N TYR B 226 -12.40 -6.40 -33.17
CA TYR B 226 -12.90 -5.93 -31.88
C TYR B 226 -12.39 -4.55 -31.51
N PHE B 227 -13.11 -3.85 -30.62
CA PHE B 227 -12.74 -2.51 -30.18
C PHE B 227 -12.12 -2.47 -28.79
N GLU B 228 -11.46 -1.34 -28.50
CA GLU B 228 -10.83 -1.08 -27.21
C GLU B 228 -10.81 0.43 -26.91
N LYS B 229 -10.98 0.79 -25.65
CA LYS B 229 -10.90 2.18 -25.25
C LYS B 229 -10.01 2.19 -24.03
N LEU B 230 -8.75 2.58 -24.20
CA LEU B 230 -7.82 2.63 -23.07
C LEU B 230 -7.71 4.08 -22.59
N ILE B 231 -7.57 4.24 -21.28
CA ILE B 231 -7.47 5.55 -20.65
C ILE B 231 -6.35 5.61 -19.62
N PRO B 232 -5.87 6.83 -19.29
CA PRO B 232 -4.78 6.94 -18.31
C PRO B 232 -5.44 6.76 -16.96
N ARG B 233 -4.90 5.88 -16.12
CA ARG B 233 -5.49 5.67 -14.81
C ARG B 233 -5.48 6.96 -14.02
N ASN B 234 -6.63 7.31 -13.47
CA ASN B 234 -6.75 8.51 -12.68
C ASN B 234 -6.83 8.14 -11.20
N ARG B 235 -5.68 7.95 -10.58
CA ARG B 235 -5.66 7.60 -9.16
C ARG B 235 -6.30 8.69 -8.30
N GLU B 236 -6.13 9.94 -8.71
CA GLU B 236 -6.69 11.05 -7.95
C GLU B 236 -8.20 10.94 -7.74
N GLU B 237 -8.96 10.59 -8.77
CA GLU B 237 -10.41 10.48 -8.60
C GLU B 237 -10.72 9.21 -7.85
N GLU B 238 -9.78 8.28 -7.86
CA GLU B 238 -9.99 7.02 -7.15
C GLU B 238 -9.81 7.27 -5.66
N GLN B 239 -9.21 8.40 -5.33
CA GLN B 239 -9.03 8.78 -3.94
C GLN B 239 -10.44 8.99 -3.44
N TYR B 240 -11.22 9.72 -4.22
CA TYR B 240 -12.59 10.03 -3.87
C TYR B 240 -13.53 8.84 -4.00
N LEU B 241 -13.33 8.02 -5.03
CA LEU B 241 -14.19 6.86 -5.19
C LEU B 241 -13.98 5.89 -4.04
N SER B 242 -12.72 5.74 -3.62
CA SER B 242 -12.41 4.84 -2.50
C SER B 242 -12.98 5.31 -1.19
N LEU B 243 -12.86 6.60 -0.90
CA LEU B 243 -13.38 7.14 0.34
C LEU B 243 -14.89 6.93 0.46
N VAL B 244 -15.59 6.95 -0.68
CA VAL B 244 -17.03 6.77 -0.67
C VAL B 244 -17.37 5.30 -0.45
N ASP B 245 -16.56 4.42 -1.05
CA ASP B 245 -16.75 3.00 -0.89
C ASP B 245 -16.55 2.63 0.57
N ARG B 246 -15.48 3.18 1.14
CA ARG B 246 -15.16 2.92 2.54
C ARG B 246 -16.29 3.40 3.44
N ILE B 247 -16.79 4.62 3.18
CA ILE B 247 -17.88 5.20 3.95
C ILE B 247 -19.14 4.37 3.81
N ILE B 248 -19.55 4.11 2.57
CA ILE B 248 -20.75 3.31 2.33
C ILE B 248 -20.59 1.96 3.02
N ARG B 249 -19.46 1.29 2.74
CA ARG B 249 -19.14 -0.02 3.32
C ARG B 249 -19.02 -0.13 4.85
N GLU B 250 -18.31 0.81 5.49
CA GLU B 250 -18.11 0.75 6.93
C GLU B 250 -18.49 1.95 7.80
N GLY B 251 -19.09 2.98 7.21
CA GLY B 251 -19.45 4.16 7.98
C GLY B 251 -20.49 4.02 9.10
N ASN B 252 -20.47 4.99 10.01
CA ASN B 252 -21.40 5.02 11.14
C ASN B 252 -22.76 5.55 10.69
N VAL B 253 -23.79 4.71 10.71
CA VAL B 253 -25.12 5.19 10.29
C VAL B 253 -25.73 6.07 11.37
N LYS B 254 -25.95 7.34 11.07
CA LYS B 254 -26.55 8.24 12.04
C LYS B 254 -27.82 8.79 11.45
N HIS B 255 -28.67 9.37 12.29
CA HIS B 255 -29.92 9.96 11.82
C HIS B 255 -30.15 11.35 12.38
N ASP B 256 -30.52 12.27 11.49
CA ASP B 256 -30.80 13.66 11.85
C ASP B 256 -31.88 13.67 12.91
N ARG B 257 -32.19 14.87 13.37
CA ARG B 257 -33.25 15.03 14.37
C ARG B 257 -34.54 15.13 13.56
N THR B 258 -34.39 15.19 12.24
CA THR B 258 -35.53 15.27 11.34
C THR B 258 -35.68 13.94 10.61
N GLY B 259 -34.87 12.96 11.00
CA GLY B 259 -34.94 11.64 10.38
C GLY B 259 -34.02 11.40 9.20
N VAL B 260 -33.32 12.43 8.74
CA VAL B 260 -32.39 12.28 7.61
C VAL B 260 -31.19 11.41 7.97
N GLY B 261 -30.93 10.37 7.18
CA GLY B 261 -29.82 9.47 7.47
C GLY B 261 -28.50 9.69 6.74
N THR B 262 -27.39 9.30 7.36
CA THR B 262 -26.07 9.44 6.75
C THR B 262 -25.10 8.34 7.20
N LEU B 263 -24.13 8.02 6.35
CA LEU B 263 -23.10 7.04 6.69
C LEU B 263 -21.83 7.89 6.76
N SER B 264 -21.04 7.71 7.81
CA SER B 264 -19.88 8.57 7.94
C SER B 264 -18.65 8.05 8.65
N ILE B 265 -17.56 8.77 8.43
CA ILE B 265 -16.28 8.52 9.05
C ILE B 265 -15.71 9.94 9.23
N PHE B 266 -14.83 10.09 10.20
CA PHE B 266 -14.23 11.37 10.53
C PHE B 266 -12.76 11.36 10.16
N GLY B 267 -12.28 12.43 9.53
CA GLY B 267 -10.88 12.51 9.15
C GLY B 267 -10.38 11.77 7.90
N ALA B 268 -10.07 12.53 6.86
CA ALA B 268 -9.54 11.98 5.60
C ALA B 268 -8.83 13.10 4.86
N GLN B 269 -8.03 12.75 3.86
CA GLN B 269 -7.28 13.75 3.12
C GLN B 269 -7.14 13.30 1.68
N MET B 270 -7.12 14.26 0.76
CA MET B 270 -6.98 13.99 -0.68
C MET B 270 -6.12 15.05 -1.36
N ARG B 271 -5.31 14.63 -2.33
CA ARG B 271 -4.44 15.56 -3.02
C ARG B 271 -4.88 15.64 -4.49
N PHE B 272 -4.76 16.82 -5.09
CA PHE B 272 -5.16 17.01 -6.50
C PHE B 272 -4.18 17.93 -7.21
N SER B 273 -3.67 17.49 -8.37
CA SER B 273 -2.71 18.29 -9.11
C SER B 273 -3.32 19.34 -10.03
N LEU B 274 -2.94 20.60 -9.79
CA LEU B 274 -3.43 21.73 -10.59
C LEU B 274 -2.37 22.20 -11.58
N ARG B 275 -1.48 21.30 -11.98
CA ARG B 275 -0.43 21.67 -12.90
C ARG B 275 -0.76 21.60 -14.39
N ASN B 276 -0.28 22.60 -15.11
CA ASN B 276 -0.45 22.66 -16.55
C ASN B 276 -1.89 22.68 -16.99
N ASN B 277 -2.66 23.56 -16.36
CA ASN B 277 -4.06 23.74 -16.69
C ASN B 277 -4.98 22.57 -16.33
N ARG B 278 -4.49 21.62 -15.52
CA ARG B 278 -5.29 20.48 -15.09
C ARG B 278 -6.42 20.96 -14.17
N LEU B 279 -7.65 20.52 -14.44
CA LEU B 279 -8.76 20.91 -13.61
C LEU B 279 -9.40 19.64 -13.06
N PRO B 280 -9.24 19.39 -11.77
CA PRO B 280 -9.79 18.19 -11.13
C PRO B 280 -11.30 18.14 -10.93
N LEU B 281 -12.01 18.03 -12.05
CA LEU B 281 -13.47 17.90 -12.06
C LEU B 281 -13.68 16.40 -12.25
N LEU B 282 -14.27 15.75 -11.24
CA LEU B 282 -14.53 14.32 -11.28
C LEU B 282 -15.19 13.96 -12.59
N THR B 283 -14.94 12.75 -13.06
CA THR B 283 -15.49 12.32 -14.33
C THR B 283 -16.58 11.27 -14.15
N THR B 284 -16.62 10.63 -12.98
CA THR B 284 -17.61 9.59 -12.72
C THR B 284 -19.02 10.15 -12.52
N LYS B 285 -19.11 11.49 -12.45
CA LYS B 285 -20.38 12.21 -12.30
C LYS B 285 -20.15 13.71 -12.55
N ARG B 286 -20.85 14.23 -13.54
CA ARG B 286 -20.74 15.62 -13.94
C ARG B 286 -20.95 16.61 -12.79
N VAL B 287 -19.99 17.51 -12.65
CA VAL B 287 -20.00 18.57 -11.63
C VAL B 287 -20.52 19.87 -12.25
N PHE B 288 -21.39 20.58 -11.54
CA PHE B 288 -21.94 21.83 -12.09
C PHE B 288 -20.88 22.92 -11.98
N TRP B 289 -20.06 23.06 -13.02
CA TRP B 289 -18.98 24.05 -13.03
C TRP B 289 -19.44 25.49 -13.12
N ARG B 290 -20.51 25.75 -13.85
CA ARG B 290 -21.00 27.10 -13.98
C ARG B 290 -21.43 27.62 -12.60
N GLY B 291 -21.87 26.72 -11.71
CA GLY B 291 -22.26 27.12 -10.38
C GLY B 291 -21.03 27.34 -9.50
N VAL B 292 -20.09 26.41 -9.58
CA VAL B 292 -18.85 26.48 -8.83
C VAL B 292 -18.19 27.83 -9.10
N CYS B 293 -17.84 28.02 -10.35
CA CYS B 293 -17.18 29.22 -10.80
C CYS B 293 -17.81 30.54 -10.36
N GLU B 294 -19.13 30.61 -10.45
CA GLU B 294 -19.89 31.81 -10.09
C GLU B 294 -19.89 32.08 -8.59
N GLU B 295 -20.10 31.03 -7.79
CA GLU B 295 -20.12 31.16 -6.32
C GLU B 295 -18.74 31.53 -5.77
N LEU B 296 -17.70 30.92 -6.33
CA LEU B 296 -16.35 31.21 -5.89
C LEU B 296 -16.11 32.69 -6.10
N LEU B 297 -16.37 33.12 -7.34
CA LEU B 297 -16.22 34.51 -7.74
C LEU B 297 -17.06 35.35 -6.78
N TRP B 298 -18.24 34.83 -6.46
CA TRP B 298 -19.18 35.46 -5.53
C TRP B 298 -18.44 35.60 -4.20
N PHE B 299 -17.74 34.55 -3.81
CA PHE B 299 -16.97 34.53 -2.56
C PHE B 299 -15.86 35.60 -2.58
N LEU B 300 -14.96 35.51 -3.57
CA LEU B 300 -13.84 36.45 -3.71
C LEU B 300 -14.30 37.90 -3.63
N ARG B 301 -15.47 38.19 -4.17
CA ARG B 301 -16.00 39.54 -4.15
C ARG B 301 -16.49 39.95 -2.73
N GLY B 302 -16.64 38.97 -1.84
CA GLY B 302 -17.09 39.27 -0.49
C GLY B 302 -18.60 39.51 -0.46
N GLU B 303 -19.26 38.93 -1.46
CA GLU B 303 -20.71 39.03 -1.62
C GLU B 303 -21.46 38.32 -0.49
N THR B 304 -22.62 38.85 -0.12
CA THR B 304 -23.43 38.23 0.93
C THR B 304 -24.87 38.06 0.46
N TYR B 305 -25.15 38.55 -0.75
CA TYR B 305 -26.49 38.48 -1.34
C TYR B 305 -26.57 37.35 -2.37
N ALA B 306 -27.35 36.31 -2.06
CA ALA B 306 -27.50 35.14 -2.93
C ALA B 306 -28.38 35.37 -4.15
N LYS B 307 -29.26 36.35 -4.07
CA LYS B 307 -30.14 36.64 -5.20
C LYS B 307 -29.27 36.86 -6.43
N LYS B 308 -28.06 37.36 -6.22
CA LYS B 308 -27.15 37.62 -7.32
C LYS B 308 -26.68 36.32 -7.97
N LEU B 309 -26.74 35.24 -7.20
CA LEU B 309 -26.32 33.94 -7.70
C LEU B 309 -27.52 33.21 -8.27
N SER B 310 -28.68 33.40 -7.65
CA SER B 310 -29.89 32.74 -8.13
C SER B 310 -30.34 33.43 -9.42
N ASP B 311 -29.93 34.68 -9.61
CA ASP B 311 -30.28 35.43 -10.81
C ASP B 311 -29.46 34.95 -12.00
N LYS B 312 -28.56 34.00 -11.74
CA LYS B 312 -27.71 33.41 -12.77
C LYS B 312 -27.90 31.89 -12.92
N GLY B 313 -29.09 31.42 -12.55
CA GLY B 313 -29.38 30.00 -12.67
C GLY B 313 -28.54 29.14 -11.76
N VAL B 314 -28.34 29.64 -10.54
CA VAL B 314 -27.56 28.94 -9.52
C VAL B 314 -28.33 29.16 -8.22
N HIS B 315 -29.28 28.27 -7.93
CA HIS B 315 -30.14 28.37 -6.75
C HIS B 315 -29.62 27.62 -5.52
N ILE B 316 -28.33 27.31 -5.48
CA ILE B 316 -27.76 26.58 -4.36
C ILE B 316 -28.01 27.21 -2.98
N TRP B 317 -28.28 28.51 -2.94
CA TRP B 317 -28.55 29.19 -1.67
C TRP B 317 -29.99 29.62 -1.52
N ASP B 318 -30.88 29.09 -2.34
CA ASP B 318 -32.27 29.50 -2.23
C ASP B 318 -32.97 29.00 -0.95
N ASP B 319 -32.58 27.83 -0.47
CA ASP B 319 -33.20 27.30 0.74
C ASP B 319 -32.79 28.08 1.97
N ASN B 320 -31.52 28.43 2.06
CA ASN B 320 -31.01 29.17 3.20
C ASN B 320 -31.21 30.65 3.01
N GLY B 321 -31.84 31.01 1.90
CA GLY B 321 -32.10 32.42 1.62
C GLY B 321 -33.57 32.71 1.77
N SER B 322 -34.30 31.75 2.33
CA SER B 322 -35.74 31.89 2.51
C SER B 322 -36.14 32.80 3.67
N ARG B 323 -37.23 33.53 3.46
CA ARG B 323 -37.78 34.42 4.47
C ARG B 323 -38.07 33.54 5.68
N ALA B 324 -38.35 32.27 5.40
CA ALA B 324 -38.65 31.28 6.43
C ALA B 324 -37.39 30.88 7.18
N PHE B 325 -36.39 30.40 6.44
CA PHE B 325 -35.14 30.00 7.05
C PHE B 325 -34.58 31.16 7.86
N LEU B 326 -34.41 32.30 7.19
CA LEU B 326 -33.89 33.51 7.81
C LEU B 326 -34.53 33.84 9.15
N ASP B 327 -35.86 33.78 9.20
CA ASP B 327 -36.60 34.09 10.41
C ASP B 327 -36.31 33.13 11.55
N SER B 328 -36.13 31.85 11.23
CA SER B 328 -35.84 30.86 12.25
C SER B 328 -34.55 31.27 12.94
N ARG B 329 -33.62 31.76 12.14
CA ARG B 329 -32.33 32.21 12.63
C ARG B 329 -32.49 33.53 13.37
N GLY B 330 -33.73 33.99 13.49
CA GLY B 330 -33.98 35.25 14.16
C GLY B 330 -33.45 36.43 13.35
N LEU B 331 -33.00 36.13 12.13
CA LEU B 331 -32.48 37.15 11.24
C LEU B 331 -33.70 37.83 10.62
N THR B 332 -34.59 38.32 11.47
CA THR B 332 -35.81 38.94 10.98
C THR B 332 -35.61 40.20 10.15
N GLU B 333 -34.58 40.98 10.44
CA GLU B 333 -34.37 42.19 9.67
C GLU B 333 -33.58 42.00 8.37
N TYR B 334 -33.30 40.76 7.98
CA TYR B 334 -32.57 40.50 6.74
C TYR B 334 -33.52 40.34 5.58
N GLU B 335 -33.37 41.18 4.57
CA GLU B 335 -34.21 41.08 3.39
C GLU B 335 -34.07 39.62 2.95
N GLU B 336 -35.02 39.10 2.19
CA GLU B 336 -34.88 37.71 1.74
C GLU B 336 -33.64 37.57 0.84
N MET B 337 -32.96 36.43 0.96
CA MET B 337 -31.76 36.11 0.20
C MET B 337 -30.47 36.71 0.77
N ASP B 338 -30.59 37.62 1.75
CA ASP B 338 -29.43 38.21 2.41
C ASP B 338 -29.02 37.23 3.50
N LEU B 339 -27.96 36.48 3.22
CA LEU B 339 -27.46 35.46 4.11
C LEU B 339 -26.75 35.95 5.37
N GLY B 340 -26.28 37.19 5.35
CA GLY B 340 -25.56 37.72 6.51
C GLY B 340 -24.08 37.69 6.17
N PRO B 341 -23.19 37.94 7.14
CA PRO B 341 -21.72 37.95 6.91
C PRO B 341 -21.06 36.58 6.79
N VAL B 342 -21.48 35.81 5.78
CA VAL B 342 -20.95 34.47 5.54
C VAL B 342 -19.80 34.43 4.54
N TYR B 343 -19.10 33.31 4.50
CA TYR B 343 -18.00 33.08 3.58
C TYR B 343 -17.23 34.29 3.05
N GLY B 344 -17.50 34.65 1.80
CA GLY B 344 -16.84 35.78 1.17
C GLY B 344 -16.64 36.98 2.08
N PHE B 345 -17.71 37.38 2.77
CA PHE B 345 -17.65 38.53 3.67
C PHE B 345 -16.55 38.36 4.73
N GLN B 346 -16.43 37.18 5.32
CA GLN B 346 -15.38 37.02 6.32
C GLN B 346 -14.03 36.90 5.63
N TRP B 347 -14.02 36.55 4.34
CA TRP B 347 -12.76 36.42 3.64
C TRP B 347 -12.11 37.77 3.38
N ARG B 348 -12.93 38.74 2.97
CA ARG B 348 -12.49 40.09 2.65
C ARG B 348 -12.78 41.14 3.71
N HIS B 349 -13.61 40.80 4.70
CA HIS B 349 -13.98 41.74 5.77
C HIS B 349 -14.12 41.08 7.15
N PHE B 350 -13.34 40.04 7.43
CA PHE B 350 -13.43 39.35 8.72
C PHE B 350 -13.61 40.31 9.89
N GLY B 351 -14.63 40.05 10.71
CA GLY B 351 -14.87 40.86 11.88
C GLY B 351 -15.67 42.14 11.74
N ALA B 352 -16.01 42.53 10.51
CA ALA B 352 -16.79 43.73 10.33
C ALA B 352 -18.20 43.51 10.85
N ALA B 353 -18.83 44.58 11.33
CA ALA B 353 -20.20 44.50 11.83
C ALA B 353 -21.08 44.50 10.60
N TYR B 354 -22.04 43.57 10.54
CA TYR B 354 -22.92 43.45 9.39
C TYR B 354 -24.33 43.94 9.63
N THR B 355 -24.78 44.86 8.78
CA THR B 355 -26.14 45.37 8.90
C THR B 355 -27.01 44.78 7.80
N HIS B 356 -26.66 45.09 6.55
CA HIS B 356 -27.39 44.59 5.38
C HIS B 356 -26.40 44.44 4.22
N HIS B 357 -26.71 43.55 3.28
CA HIS B 357 -25.82 43.33 2.15
C HIS B 357 -25.62 44.60 1.31
N ASP B 358 -26.45 45.62 1.55
CA ASP B 358 -26.40 46.89 0.82
C ASP B 358 -25.27 47.83 1.23
N ALA B 359 -24.80 47.70 2.46
CA ALA B 359 -23.75 48.57 2.97
C ALA B 359 -22.47 48.47 2.18
N ASN B 360 -21.65 49.50 2.28
CA ASN B 360 -20.38 49.50 1.59
C ASN B 360 -19.44 48.97 2.64
N TYR B 361 -18.74 47.89 2.34
CA TYR B 361 -17.83 47.32 3.30
C TYR B 361 -16.37 47.57 2.99
N ASP B 362 -16.13 48.13 1.82
CA ASP B 362 -14.78 48.42 1.40
C ASP B 362 -14.00 48.96 2.59
N GLY B 363 -12.82 48.38 2.84
CA GLY B 363 -11.97 48.81 3.92
C GLY B 363 -12.21 48.24 5.30
N GLN B 364 -13.38 47.64 5.51
CA GLN B 364 -13.75 47.08 6.82
C GLN B 364 -13.23 45.69 7.12
N GLY B 365 -13.09 45.41 8.42
CA GLY B 365 -12.62 44.12 8.89
C GLY B 365 -11.25 43.83 8.31
N VAL B 366 -10.79 42.59 8.44
CA VAL B 366 -9.49 42.21 7.89
C VAL B 366 -9.70 41.61 6.51
N ASP B 367 -8.90 42.00 5.52
CA ASP B 367 -9.06 41.43 4.19
C ASP B 367 -8.05 40.31 4.03
N GLN B 368 -8.40 39.16 4.58
CA GLN B 368 -7.55 37.97 4.54
C GLN B 368 -6.96 37.66 3.16
N ILE B 369 -7.78 37.78 2.11
CA ILE B 369 -7.30 37.50 0.77
C ILE B 369 -6.22 38.47 0.33
N LYS B 370 -6.46 39.77 0.50
CA LYS B 370 -5.47 40.77 0.11
C LYS B 370 -4.12 40.45 0.72
N ALA B 371 -4.10 40.35 2.06
CA ALA B 371 -2.87 40.09 2.81
C ALA B 371 -2.13 38.85 2.33
N ILE B 372 -2.85 37.78 1.99
CA ILE B 372 -2.21 36.57 1.50
C ILE B 372 -1.52 36.88 0.17
N VAL B 373 -2.28 37.41 -0.78
CA VAL B 373 -1.77 37.79 -2.09
C VAL B 373 -0.52 38.66 -2.01
N GLU B 374 -0.37 39.42 -0.92
CA GLU B 374 0.79 40.26 -0.77
C GLU B 374 1.96 39.48 -0.17
N THR B 375 1.70 38.75 0.91
CA THR B 375 2.76 37.96 1.51
C THR B 375 3.32 37.03 0.44
N LEU B 376 2.41 36.48 -0.36
CA LEU B 376 2.75 35.54 -1.42
C LEU B 376 3.81 36.06 -2.42
N LYS B 377 3.76 37.34 -2.75
CA LYS B 377 4.69 37.90 -3.71
C LYS B 377 6.00 38.45 -3.14
N THR B 378 6.07 38.55 -1.82
CA THR B 378 7.25 39.10 -1.15
C THR B 378 7.95 38.11 -0.21
N ASN B 379 7.18 37.23 0.42
CA ASN B 379 7.72 36.25 1.36
C ASN B 379 6.92 34.94 1.26
N PRO B 380 6.99 34.29 0.09
CA PRO B 380 6.27 33.02 -0.16
C PRO B 380 6.48 31.87 0.82
N ASP B 381 7.42 32.01 1.75
CA ASP B 381 7.67 30.93 2.70
C ASP B 381 6.93 31.09 4.01
N ASP B 382 6.47 32.31 4.26
CA ASP B 382 5.71 32.65 5.46
C ASP B 382 4.73 31.48 5.73
N ARG B 383 4.62 31.03 6.97
CA ARG B 383 3.73 29.91 7.31
C ARG B 383 2.43 30.36 7.94
N ARG B 384 1.95 31.54 7.55
CA ARG B 384 0.74 32.09 8.13
C ARG B 384 -0.22 32.56 7.05
N MET B 385 -0.08 31.98 5.86
CA MET B 385 -0.95 32.34 4.75
C MET B 385 -2.16 31.45 4.68
N LEU B 386 -3.11 31.67 5.59
CA LEU B 386 -4.35 30.91 5.57
C LEU B 386 -5.43 31.88 6.00
N PHE B 387 -6.65 31.63 5.54
CA PHE B 387 -7.76 32.50 5.85
C PHE B 387 -8.86 31.61 6.36
N THR B 388 -9.71 32.15 7.21
CA THR B 388 -10.76 31.36 7.79
C THR B 388 -12.10 32.08 7.70
N ALA B 389 -13.19 31.31 7.64
CA ALA B 389 -14.52 31.88 7.57
C ALA B 389 -15.19 31.62 8.91
N TRP B 390 -14.52 30.79 9.71
CA TRP B 390 -15.00 30.40 11.02
C TRP B 390 -14.78 31.50 12.05
N ASN B 391 -15.81 32.31 12.25
CA ASN B 391 -15.79 33.44 13.18
C ASN B 391 -16.95 33.26 14.16
N PRO B 392 -16.65 32.69 15.35
CA PRO B 392 -17.63 32.42 16.41
C PRO B 392 -18.47 33.62 16.90
N SER B 393 -17.93 34.83 16.79
CA SER B 393 -18.67 36.01 17.22
C SER B 393 -19.74 36.40 16.20
N ALA B 394 -19.58 35.97 14.96
CA ALA B 394 -20.53 36.32 13.92
C ALA B 394 -21.34 35.20 13.26
N LEU B 395 -21.21 33.96 13.72
CA LEU B 395 -21.98 32.89 13.10
C LEU B 395 -23.47 33.09 13.32
N PRO B 396 -23.87 33.49 14.54
CA PRO B 396 -25.28 33.72 14.90
C PRO B 396 -26.00 34.73 13.99
N ARG B 397 -25.23 35.45 13.19
CA ARG B 397 -25.77 36.43 12.26
C ARG B 397 -25.69 35.90 10.84
N MET B 398 -25.18 34.68 10.71
CA MET B 398 -25.05 34.02 9.41
C MET B 398 -26.21 33.08 9.19
N ALA B 399 -26.73 33.07 7.98
CA ALA B 399 -27.83 32.17 7.66
C ALA B 399 -27.42 30.80 8.12
N LEU B 400 -26.17 30.49 7.82
CA LEU B 400 -25.58 29.18 8.08
C LEU B 400 -24.08 29.33 8.36
N PRO B 401 -23.49 28.38 9.11
CA PRO B 401 -22.05 28.47 9.38
C PRO B 401 -21.35 27.84 8.18
N PRO B 402 -20.16 28.34 7.81
CA PRO B 402 -19.45 27.77 6.66
C PRO B 402 -19.09 26.28 6.79
N CYS B 403 -19.23 25.52 5.70
CA CYS B 403 -18.88 24.10 5.69
C CYS B 403 -17.39 23.99 5.40
N HIS B 404 -16.91 24.69 4.38
CA HIS B 404 -15.49 24.70 4.10
C HIS B 404 -15.11 26.04 4.74
N LEU B 405 -14.53 25.93 5.93
CA LEU B 405 -14.18 27.07 6.76
C LEU B 405 -12.74 27.55 6.82
N LEU B 406 -11.79 26.75 6.36
CA LEU B 406 -10.39 27.18 6.46
C LEU B 406 -9.53 26.72 5.32
N ALA B 407 -8.63 27.59 4.88
CA ALA B 407 -7.70 27.28 3.79
C ALA B 407 -6.31 27.90 4.02
N GLN B 408 -5.26 27.17 3.63
CA GLN B 408 -3.89 27.65 3.81
C GLN B 408 -3.11 27.51 2.52
N PHE B 409 -2.06 28.30 2.37
CA PHE B 409 -1.22 28.24 1.18
C PHE B 409 0.21 27.86 1.48
N TYR B 410 0.87 27.35 0.46
CA TYR B 410 2.24 26.92 0.58
C TYR B 410 2.85 27.12 -0.79
N VAL B 411 4.07 27.62 -0.79
CA VAL B 411 4.76 27.90 -2.03
C VAL B 411 6.08 27.14 -2.10
N SER B 412 6.22 26.34 -3.16
CA SER B 412 7.43 25.56 -3.38
C SER B 412 7.78 25.60 -4.87
N ASN B 413 9.05 25.87 -5.17
CA ASN B 413 9.49 25.93 -6.55
C ASN B 413 8.61 26.82 -7.43
N GLY B 414 8.09 27.89 -6.85
CA GLY B 414 7.26 28.81 -7.60
C GLY B 414 5.86 28.34 -7.95
N GLU B 415 5.47 27.19 -7.42
CA GLU B 415 4.13 26.65 -7.65
C GLU B 415 3.29 26.93 -6.41
N LEU B 416 2.01 27.20 -6.59
CA LEU B 416 1.18 27.47 -5.43
C LEU B 416 0.31 26.28 -5.05
N SER B 417 0.44 25.83 -3.81
CA SER B 417 -0.37 24.73 -3.31
C SER B 417 -1.37 25.32 -2.33
N CYS B 418 -2.47 24.60 -2.10
CA CYS B 418 -3.48 25.08 -1.19
C CYS B 418 -4.10 23.92 -0.43
N MET B 419 -4.31 24.11 0.87
CA MET B 419 -4.91 23.11 1.75
C MET B 419 -6.26 23.60 2.22
N LEU B 420 -7.31 22.86 1.88
CA LEU B 420 -8.67 23.22 2.28
C LEU B 420 -9.14 22.34 3.42
N TYR B 421 -9.88 22.92 4.38
CA TYR B 421 -10.43 22.18 5.53
C TYR B 421 -11.97 22.32 5.54
N GLN B 422 -12.66 21.21 5.33
CA GLN B 422 -14.12 21.22 5.32
C GLN B 422 -14.60 20.36 6.47
N ARG B 423 -15.44 20.94 7.33
CA ARG B 423 -15.95 20.28 8.53
C ARG B 423 -17.02 19.23 8.23
N SER B 424 -18.05 19.62 7.49
CA SER B 424 -19.08 18.65 7.13
C SER B 424 -18.87 18.45 5.64
N CYS B 425 -18.96 17.21 5.18
CA CYS B 425 -18.69 16.94 3.77
C CYS B 425 -19.65 15.97 3.10
N ASP B 426 -20.51 16.51 2.25
CA ASP B 426 -21.46 15.69 1.53
C ASP B 426 -20.71 15.07 0.36
N MET B 427 -20.31 13.82 0.50
CA MET B 427 -19.57 13.13 -0.56
C MET B 427 -20.37 13.07 -1.86
N GLY B 428 -21.68 12.95 -1.72
CA GLY B 428 -22.55 12.88 -2.86
C GLY B 428 -22.55 14.05 -3.84
N LEU B 429 -22.54 15.27 -3.32
CA LEU B 429 -22.58 16.44 -4.18
C LEU B 429 -21.57 17.55 -3.83
N GLY B 430 -21.43 17.82 -2.52
CA GLY B 430 -20.53 18.88 -2.09
C GLY B 430 -19.05 18.69 -2.38
N VAL B 431 -18.45 17.66 -1.76
CA VAL B 431 -17.03 17.37 -1.93
C VAL B 431 -16.55 17.55 -3.37
N PRO B 432 -17.27 17.01 -4.36
CA PRO B 432 -16.90 17.11 -5.78
C PRO B 432 -16.93 18.56 -6.26
N PHE B 433 -17.94 19.27 -5.76
CA PHE B 433 -18.18 20.67 -6.06
C PHE B 433 -17.09 21.54 -5.40
N ASN B 434 -16.79 21.20 -4.15
CA ASN B 434 -15.80 21.92 -3.35
C ASN B 434 -14.36 21.74 -3.82
N ILE B 435 -14.07 20.59 -4.44
CA ILE B 435 -12.72 20.33 -4.95
C ILE B 435 -12.56 21.23 -6.16
N ALA B 436 -13.67 21.40 -6.87
CA ALA B 436 -13.70 22.26 -8.04
C ALA B 436 -13.37 23.68 -7.58
N SER B 437 -14.22 24.25 -6.71
CA SER B 437 -14.05 25.62 -6.21
C SER B 437 -12.66 26.03 -5.70
N TYR B 438 -12.13 25.26 -4.78
CA TYR B 438 -10.82 25.57 -4.21
C TYR B 438 -9.67 25.38 -5.16
N ALA B 439 -9.91 24.67 -6.26
CA ALA B 439 -8.89 24.46 -7.27
C ALA B 439 -8.96 25.74 -8.09
N LEU B 440 -10.17 26.18 -8.38
CA LEU B 440 -10.35 27.40 -9.13
C LEU B 440 -9.72 28.51 -8.30
N LEU B 441 -10.11 28.61 -7.03
CA LEU B 441 -9.56 29.64 -6.16
C LEU B 441 -8.03 29.64 -6.13
N THR B 442 -7.44 28.45 -6.00
CA THR B 442 -5.98 28.33 -5.97
C THR B 442 -5.35 28.81 -7.29
N ILE B 443 -5.94 28.41 -8.40
CA ILE B 443 -5.47 28.80 -9.74
C ILE B 443 -5.51 30.32 -9.91
N LEU B 444 -6.61 30.95 -9.51
CA LEU B 444 -6.76 32.41 -9.62
C LEU B 444 -5.75 33.10 -8.70
N ILE B 445 -5.57 32.59 -7.49
CA ILE B 445 -4.62 33.20 -6.56
C ILE B 445 -3.21 33.19 -7.15
N ALA B 446 -2.87 32.11 -7.85
CA ALA B 446 -1.57 31.99 -8.48
C ALA B 446 -1.46 33.11 -9.50
N LYS B 447 -2.44 33.19 -10.40
CA LYS B 447 -2.45 34.24 -11.42
C LYS B 447 -2.25 35.63 -10.78
N ALA B 448 -2.81 35.83 -9.59
CA ALA B 448 -2.69 37.11 -8.91
C ALA B 448 -1.31 37.33 -8.23
N THR B 449 -0.54 36.26 -8.08
CA THR B 449 0.74 36.39 -7.40
C THR B 449 1.96 35.99 -8.19
N GLY B 450 1.85 35.92 -9.50
CA GLY B 450 2.99 35.53 -10.31
C GLY B 450 3.54 34.17 -9.94
N LEU B 451 2.65 33.19 -9.80
CA LEU B 451 3.05 31.84 -9.45
C LEU B 451 2.26 30.86 -10.34
N ARG B 452 2.62 29.57 -10.26
CA ARG B 452 1.95 28.54 -11.04
C ARG B 452 1.09 27.67 -10.16
N PRO B 453 -0.05 27.20 -10.68
CA PRO B 453 -0.88 26.36 -9.83
C PRO B 453 -0.09 25.09 -9.45
N GLY B 454 -0.05 24.77 -8.16
CA GLY B 454 0.67 23.57 -7.72
C GLY B 454 -0.26 22.40 -7.46
N GLU B 455 -0.60 22.19 -6.18
CA GLU B 455 -1.50 21.12 -5.75
C GLU B 455 -2.58 21.64 -4.79
N LEU B 456 -3.70 20.93 -4.75
CA LEU B 456 -4.79 21.28 -3.82
C LEU B 456 -4.90 20.10 -2.85
N VAL B 457 -4.81 20.38 -1.56
CA VAL B 457 -4.91 19.35 -0.55
C VAL B 457 -6.26 19.49 0.10
N HIS B 458 -7.06 18.42 0.08
CA HIS B 458 -8.37 18.46 0.71
C HIS B 458 -8.43 17.60 1.95
N THR B 459 -8.73 18.28 3.07
CA THR B 459 -8.83 17.66 4.37
C THR B 459 -10.32 17.64 4.74
N LEU B 460 -10.81 16.51 5.24
CA LEU B 460 -12.23 16.42 5.59
C LEU B 460 -12.47 16.13 7.08
N GLY B 461 -13.62 16.58 7.58
CA GLY B 461 -13.98 16.35 8.95
C GLY B 461 -15.00 15.24 8.94
N ASP B 462 -16.29 15.61 9.04
CA ASP B 462 -17.36 14.64 9.04
C ASP B 462 -17.75 14.35 7.59
N ALA B 463 -17.16 13.30 7.02
CA ALA B 463 -17.43 12.92 5.64
C ALA B 463 -18.57 11.91 5.62
N HIS B 464 -19.68 12.30 4.98
CA HIS B 464 -20.83 11.42 4.97
C HIS B 464 -21.49 11.25 3.61
N VAL B 465 -22.20 10.13 3.49
CA VAL B 465 -22.97 9.78 2.28
C VAL B 465 -24.40 9.70 2.78
N TYR B 466 -25.27 10.58 2.28
CA TYR B 466 -26.68 10.57 2.69
C TYR B 466 -27.30 9.20 2.44
N SER B 467 -28.05 8.71 3.43
CA SER B 467 -28.69 7.41 3.34
C SER B 467 -29.31 7.08 2.00
N ASN B 468 -30.19 7.93 1.51
CA ASN B 468 -30.84 7.62 0.24
C ASN B 468 -30.01 7.95 -1.00
N HIS B 469 -28.70 7.77 -0.89
CA HIS B 469 -27.78 8.02 -2.01
C HIS B 469 -26.92 6.79 -2.23
N VAL B 470 -27.06 5.83 -1.31
CA VAL B 470 -26.30 4.61 -1.38
C VAL B 470 -26.35 3.95 -2.75
N GLU B 471 -27.57 3.62 -3.19
CA GLU B 471 -27.75 2.96 -4.48
C GLU B 471 -27.11 3.71 -5.65
N PRO B 472 -27.29 5.04 -5.72
CA PRO B 472 -26.70 5.81 -6.80
C PRO B 472 -25.16 5.79 -6.71
N CYS B 473 -24.62 6.15 -5.56
CA CYS B 473 -23.17 6.15 -5.37
C CYS B 473 -22.59 4.79 -5.72
N ASN B 474 -23.31 3.72 -5.38
CA ASN B 474 -22.87 2.36 -5.68
C ASN B 474 -22.79 2.21 -7.20
N GLU B 475 -23.70 2.90 -7.91
CA GLU B 475 -23.72 2.87 -9.35
C GLU B 475 -22.49 3.58 -9.87
N GLN B 476 -22.28 4.80 -9.38
CA GLN B 476 -21.14 5.62 -9.78
C GLN B 476 -19.80 4.93 -9.54
N LEU B 477 -19.70 4.20 -8.43
CA LEU B 477 -18.48 3.49 -8.06
C LEU B 477 -18.04 2.42 -9.06
N LYS B 478 -18.94 2.05 -9.97
CA LYS B 478 -18.65 1.05 -10.97
C LYS B 478 -17.93 1.65 -12.18
N ARG B 479 -17.92 2.97 -12.27
CA ARG B 479 -17.27 3.65 -13.38
C ARG B 479 -15.79 3.91 -13.09
N VAL B 480 -14.93 3.52 -14.02
CA VAL B 480 -13.50 3.73 -13.85
C VAL B 480 -13.23 5.19 -14.19
N PRO B 481 -12.69 5.97 -13.24
CA PRO B 481 -12.39 7.39 -13.47
C PRO B 481 -11.63 7.66 -14.76
N ARG B 482 -12.01 8.75 -15.43
CA ARG B 482 -11.36 9.17 -16.68
C ARG B 482 -10.37 10.31 -16.40
N ALA B 483 -9.61 10.72 -17.41
CA ALA B 483 -8.64 11.81 -17.25
C ALA B 483 -9.36 13.12 -16.91
N PHE B 484 -8.81 13.88 -15.95
CA PHE B 484 -9.41 15.17 -15.58
C PHE B 484 -9.27 16.13 -16.75
N PRO B 485 -10.14 17.14 -16.81
CA PRO B 485 -10.13 18.15 -17.89
C PRO B 485 -9.12 19.29 -17.64
N TYR B 486 -9.18 20.33 -18.47
CA TYR B 486 -8.28 21.48 -18.32
C TYR B 486 -9.06 22.79 -18.24
N LEU B 487 -8.49 23.76 -17.54
CA LEU B 487 -9.10 25.07 -17.41
C LEU B 487 -8.24 26.06 -18.17
N VAL B 488 -8.87 26.97 -18.90
CA VAL B 488 -8.12 27.97 -19.64
C VAL B 488 -8.75 29.34 -19.49
N PHE B 489 -8.08 30.34 -20.02
CA PHE B 489 -8.59 31.70 -19.90
C PHE B 489 -8.60 32.41 -21.24
N ARG B 490 -9.79 32.72 -21.74
CA ARG B 490 -9.90 33.45 -23.01
C ARG B 490 -9.24 34.83 -22.85
N ARG B 491 -9.66 35.56 -21.82
CA ARG B 491 -9.14 36.90 -21.56
C ARG B 491 -8.75 37.02 -20.09
N GLU B 492 -8.12 38.14 -19.74
CA GLU B 492 -7.72 38.35 -18.35
C GLU B 492 -8.45 39.54 -17.73
N ARG B 493 -7.93 40.06 -16.62
CA ARG B 493 -8.55 41.18 -15.95
C ARG B 493 -7.51 42.06 -15.25
N GLU B 494 -7.92 43.29 -14.93
CA GLU B 494 -7.02 44.21 -14.24
C GLU B 494 -7.06 43.92 -12.76
N PHE B 495 -8.20 43.40 -12.31
CA PHE B 495 -8.38 43.07 -10.89
C PHE B 495 -9.02 41.70 -10.74
N LEU B 496 -8.81 41.08 -9.57
CA LEU B 496 -9.36 39.75 -9.30
C LEU B 496 -10.88 39.75 -9.12
N GLU B 497 -11.40 40.80 -8.48
CA GLU B 497 -12.84 40.92 -8.23
C GLU B 497 -13.60 41.11 -9.53
N ASP B 498 -12.86 41.42 -10.58
CA ASP B 498 -13.45 41.68 -11.89
C ASP B 498 -13.70 40.44 -12.73
N TYR B 499 -12.99 39.36 -12.45
CA TYR B 499 -13.13 38.14 -13.22
C TYR B 499 -14.57 37.61 -13.30
N GLU B 500 -14.98 37.28 -14.53
CA GLU B 500 -16.32 36.76 -14.80
C GLU B 500 -16.24 35.31 -15.23
N GLU B 501 -17.30 34.56 -14.97
CA GLU B 501 -17.38 33.15 -15.31
C GLU B 501 -17.00 32.87 -16.76
N GLY B 502 -17.42 33.77 -17.66
CA GLY B 502 -17.13 33.59 -19.07
C GLY B 502 -15.71 33.96 -19.50
N ASP B 503 -14.80 34.13 -18.55
CA ASP B 503 -13.42 34.49 -18.90
C ASP B 503 -12.56 33.25 -19.00
N MET B 504 -13.07 32.16 -18.44
CA MET B 504 -12.41 30.88 -18.42
C MET B 504 -13.27 29.84 -19.11
N GLU B 505 -12.63 28.87 -19.73
CA GLU B 505 -13.34 27.83 -20.42
C GLU B 505 -12.84 26.47 -19.94
N VAL B 506 -13.76 25.56 -19.67
CA VAL B 506 -13.39 24.22 -19.24
C VAL B 506 -13.39 23.31 -20.45
N ILE B 507 -12.20 22.97 -20.96
CA ILE B 507 -12.05 22.11 -22.16
C ILE B 507 -11.77 20.64 -21.89
N ASP B 508 -12.18 19.80 -22.82
CA ASP B 508 -11.95 18.35 -22.73
C ASP B 508 -12.51 17.66 -21.48
N TYR B 509 -13.75 17.97 -21.15
CA TYR B 509 -14.42 17.38 -20.00
C TYR B 509 -15.42 16.37 -20.58
N ALA B 510 -15.11 15.09 -20.41
CA ALA B 510 -15.96 14.02 -20.93
C ALA B 510 -16.45 13.12 -19.79
N PRO B 511 -17.31 13.66 -18.92
CA PRO B 511 -17.84 12.87 -17.80
C PRO B 511 -18.79 11.76 -18.24
N TYR B 512 -18.99 10.76 -17.38
CA TYR B 512 -19.93 9.69 -17.69
C TYR B 512 -21.34 10.26 -17.54
N PRO B 513 -22.32 9.69 -18.27
CA PRO B 513 -23.73 10.10 -18.26
C PRO B 513 -24.40 9.94 -16.90
N PRO B 514 -25.52 10.67 -16.69
CA PRO B 514 -26.28 10.65 -15.44
C PRO B 514 -26.54 9.25 -14.86
N ILE B 515 -26.70 9.18 -13.53
CA ILE B 515 -26.96 7.92 -12.83
C ILE B 515 -28.39 7.49 -13.10
N SER B 516 -28.56 6.29 -13.64
CA SER B 516 -29.88 5.75 -13.96
C SER B 516 -30.78 5.57 -12.72
N MET B 517 -30.88 6.62 -11.90
CA MET B 517 -31.72 6.60 -10.69
C MET B 517 -33.19 6.51 -11.10
N LYS B 518 -33.59 5.34 -11.61
CA LYS B 518 -34.96 5.06 -12.06
C LYS B 518 -36.09 5.81 -11.36
N SER C 2 28.63 -28.17 -32.80
CA SER C 2 28.20 -27.09 -33.73
C SER C 2 26.68 -27.13 -33.89
N LEU C 3 26.14 -28.28 -34.29
CA LEU C 3 24.70 -28.42 -34.40
C LEU C 3 24.24 -28.73 -32.99
N PHE C 4 25.22 -28.92 -32.12
CA PHE C 4 24.97 -29.20 -30.71
C PHE C 4 24.78 -27.87 -29.98
N LYS C 5 25.34 -26.81 -30.57
CA LYS C 5 25.28 -25.45 -30.02
C LYS C 5 24.10 -24.66 -30.60
N ILE C 6 23.77 -23.53 -29.96
CA ILE C 6 22.69 -22.64 -30.38
C ILE C 6 23.33 -21.50 -31.17
N ARG C 7 23.07 -21.44 -32.47
CA ARG C 7 23.62 -20.37 -33.31
C ARG C 7 22.94 -19.03 -33.05
N MET C 8 23.73 -17.97 -32.97
CA MET C 8 23.19 -16.64 -32.74
C MET C 8 22.66 -16.08 -34.06
N PRO C 9 21.39 -15.62 -34.06
CA PRO C 9 20.73 -15.05 -35.24
C PRO C 9 21.48 -13.80 -35.67
N GLU C 10 21.04 -13.17 -36.76
CA GLU C 10 21.70 -11.97 -37.27
C GLU C 10 21.26 -10.69 -36.56
N THR C 11 20.36 -10.82 -35.61
CA THR C 11 19.87 -9.68 -34.83
C THR C 11 20.51 -9.70 -33.44
N VAL C 12 21.50 -10.58 -33.26
CA VAL C 12 22.15 -10.73 -31.97
C VAL C 12 22.57 -9.39 -31.33
N ALA C 13 23.39 -8.63 -32.04
CA ALA C 13 23.87 -7.35 -31.54
C ALA C 13 22.81 -6.26 -31.50
N GLU C 14 22.18 -6.00 -32.65
CA GLU C 14 21.17 -4.96 -32.77
C GLU C 14 20.16 -4.86 -31.63
N GLY C 15 19.58 -6.00 -31.25
CA GLY C 15 18.58 -6.03 -30.20
C GLY C 15 19.01 -5.61 -28.80
N THR C 16 20.29 -5.71 -28.49
CA THR C 16 20.77 -5.32 -27.15
C THR C 16 21.71 -4.10 -27.16
N ARG C 17 21.76 -3.41 -28.29
CA ARG C 17 22.62 -2.24 -28.45
C ARG C 17 22.27 -1.11 -27.47
N LEU C 18 23.27 -0.61 -26.74
CA LEU C 18 23.08 0.49 -25.80
C LEU C 18 22.81 1.73 -26.62
N ALA C 19 21.63 2.32 -26.41
CA ALA C 19 21.20 3.50 -27.17
C ALA C 19 21.71 4.81 -26.61
N LEU C 20 21.60 4.99 -25.29
CA LEU C 20 22.05 6.22 -24.65
C LEU C 20 22.88 5.87 -23.41
N ARG C 21 24.07 6.43 -23.33
CA ARG C 21 24.92 6.18 -22.19
C ARG C 21 24.31 6.90 -20.97
N ALA C 22 24.49 6.35 -19.79
CA ALA C 22 23.95 6.96 -18.57
C ALA C 22 24.92 8.03 -18.10
N PHE C 23 24.47 8.90 -17.20
CA PHE C 23 25.31 9.99 -16.71
C PHE C 23 24.78 10.63 -15.43
N SER C 24 25.56 11.57 -14.90
CA SER C 24 25.22 12.32 -13.68
C SER C 24 25.11 13.79 -14.02
N LEU C 25 24.52 14.58 -13.13
CA LEU C 25 24.35 16.01 -13.37
C LEU C 25 24.96 16.88 -12.27
N VAL C 26 25.74 17.89 -12.66
CA VAL C 26 26.35 18.80 -11.69
C VAL C 26 25.92 20.22 -12.01
N VAL C 27 25.48 20.95 -11.00
CA VAL C 27 25.02 22.31 -11.21
C VAL C 27 25.05 23.11 -9.91
N ALA C 28 25.18 24.42 -10.02
CA ALA C 28 25.17 25.30 -8.85
C ALA C 28 24.00 26.23 -9.05
N VAL C 29 23.22 26.46 -8.00
CA VAL C 29 22.05 27.32 -8.14
C VAL C 29 21.97 28.30 -6.99
N ASP C 30 21.13 29.33 -7.12
CA ASP C 30 20.96 30.28 -6.04
C ASP C 30 19.80 29.70 -5.23
N GLU C 31 19.31 30.45 -4.25
CA GLU C 31 18.23 29.94 -3.41
C GLU C 31 16.90 29.83 -4.13
N HIS C 32 16.74 30.57 -5.23
CA HIS C 32 15.50 30.53 -6.01
C HIS C 32 15.63 29.52 -7.13
N GLY C 33 16.82 28.95 -7.24
CA GLY C 33 17.10 27.96 -8.25
C GLY C 33 17.53 28.53 -9.59
N GLY C 34 18.16 29.71 -9.57
CA GLY C 34 18.60 30.33 -10.82
C GLY C 34 20.05 30.02 -11.16
N ILE C 35 20.26 29.24 -12.21
CA ILE C 35 21.61 28.86 -12.63
C ILE C 35 22.48 30.05 -13.06
N GLY C 36 21.89 31.00 -13.79
CA GLY C 36 22.67 32.14 -14.21
C GLY C 36 21.95 33.25 -14.96
N ASP C 37 22.75 34.22 -15.42
CA ASP C 37 22.27 35.38 -16.16
C ASP C 37 21.76 34.95 -17.55
N GLY C 38 22.64 34.33 -18.33
CA GLY C 38 22.29 33.86 -19.66
C GLY C 38 23.52 33.76 -20.54
N ARG C 39 24.48 34.63 -20.27
CA ARG C 39 25.73 34.67 -21.00
C ARG C 39 26.86 34.40 -20.04
N SER C 40 26.58 34.56 -18.75
CA SER C 40 27.58 34.34 -17.71
C SER C 40 26.99 33.99 -16.35
N ILE C 41 27.72 33.17 -15.60
CA ILE C 41 27.31 32.80 -14.25
C ILE C 41 27.48 34.10 -13.48
N PRO C 42 26.59 34.38 -12.50
CA PRO C 42 26.74 35.63 -11.76
C PRO C 42 27.78 35.60 -10.62
N TRP C 43 27.84 34.48 -9.89
CA TRP C 43 28.72 34.30 -8.74
C TRP C 43 30.01 33.47 -8.90
N ASN C 44 30.34 32.74 -7.84
CA ASN C 44 31.51 31.86 -7.74
C ASN C 44 31.96 31.65 -6.29
N VAL C 45 32.01 30.39 -5.88
CA VAL C 45 32.45 30.03 -4.54
C VAL C 45 33.51 28.97 -4.74
N PRO C 46 34.78 29.30 -4.44
CA PRO C 46 35.93 28.40 -4.59
C PRO C 46 35.70 26.95 -4.14
N GLU C 47 34.90 26.75 -3.10
CA GLU C 47 34.65 25.38 -2.63
C GLU C 47 33.75 24.62 -3.58
N ASP C 48 32.99 25.33 -4.40
CA ASP C 48 32.11 24.68 -5.35
C ASP C 48 32.94 24.38 -6.59
N MET C 49 33.70 25.36 -7.04
CA MET C 49 34.54 25.21 -8.21
C MET C 49 35.43 23.98 -8.01
N LYS C 50 35.91 23.84 -6.78
CA LYS C 50 36.76 22.72 -6.40
C LYS C 50 35.94 21.43 -6.43
N PHE C 51 34.87 21.38 -5.65
CA PHE C 51 34.04 20.17 -5.61
C PHE C 51 33.74 19.67 -7.03
N PHE C 52 33.44 20.59 -7.95
CA PHE C 52 33.15 20.21 -9.32
C PHE C 52 34.37 19.57 -9.99
N ARG C 53 35.53 20.17 -9.81
CA ARG C 53 36.79 19.67 -10.38
C ARG C 53 37.04 18.20 -10.01
N ASP C 54 36.87 17.87 -8.74
CA ASP C 54 37.11 16.52 -8.26
C ASP C 54 36.05 15.52 -8.72
N LEU C 55 34.80 15.82 -8.42
CA LEU C 55 33.68 14.96 -8.80
C LEU C 55 33.77 14.54 -10.26
N THR C 56 33.97 15.51 -11.15
CA THR C 56 34.04 15.21 -12.57
C THR C 56 35.39 14.70 -13.07
N THR C 57 36.46 14.94 -12.32
CA THR C 57 37.77 14.47 -12.80
C THR C 57 38.13 13.11 -12.25
N LYS C 58 38.08 12.99 -10.92
CA LYS C 58 38.42 11.75 -10.24
C LYS C 58 37.68 10.52 -10.69
N LEU C 59 38.41 9.41 -10.78
CA LEU C 59 37.85 8.15 -11.19
C LEU C 59 37.61 7.28 -9.98
N ARG C 60 36.83 6.23 -10.14
CA ARG C 60 36.54 5.35 -9.01
C ARG C 60 37.74 4.59 -8.50
N GLY C 61 37.70 4.27 -7.22
CA GLY C 61 38.80 3.52 -6.62
C GLY C 61 40.12 4.25 -6.54
N LYS C 62 41.20 3.46 -6.41
CA LYS C 62 42.58 3.95 -6.30
C LYS C 62 42.87 5.29 -6.93
N ASN C 63 44.06 5.81 -6.64
CA ASN C 63 44.52 7.06 -7.21
C ASN C 63 44.86 6.74 -8.65
N VAL C 64 43.85 6.46 -9.47
CA VAL C 64 44.06 6.14 -10.87
C VAL C 64 44.02 7.41 -11.70
N LYS C 65 45.09 7.65 -12.47
CA LYS C 65 45.20 8.83 -13.31
C LYS C 65 44.48 8.67 -14.63
N PRO C 66 43.52 9.56 -14.92
CA PRO C 66 42.79 9.47 -16.18
C PRO C 66 43.72 9.42 -17.39
N SER C 67 43.22 8.89 -18.50
CA SER C 67 43.96 8.78 -19.75
C SER C 67 42.90 8.55 -20.81
N PRO C 68 43.28 8.57 -22.09
CA PRO C 68 42.25 8.35 -23.12
C PRO C 68 41.61 6.96 -22.99
N ALA C 69 42.29 6.04 -22.30
CA ALA C 69 41.78 4.68 -22.13
C ALA C 69 40.88 4.54 -20.91
N LYS C 70 40.94 5.51 -20.00
CA LYS C 70 40.11 5.50 -18.79
C LYS C 70 40.07 6.91 -18.16
N ARG C 71 39.01 7.65 -18.47
CA ARG C 71 38.79 9.01 -18.00
C ARG C 71 37.30 9.32 -17.94
N ASN C 72 36.95 10.44 -17.33
CA ASN C 72 35.56 10.86 -17.26
C ASN C 72 35.27 11.86 -18.38
N ALA C 73 34.01 11.97 -18.77
CA ALA C 73 33.62 12.90 -19.80
C ALA C 73 32.60 13.90 -19.23
N VAL C 74 32.64 15.14 -19.73
CA VAL C 74 31.72 16.19 -19.32
C VAL C 74 31.13 16.81 -20.58
N VAL C 75 29.80 16.83 -20.68
CA VAL C 75 29.09 17.41 -21.82
C VAL C 75 28.67 18.83 -21.43
N MET C 76 28.48 19.70 -22.42
CA MET C 76 28.09 21.08 -22.14
C MET C 76 27.56 21.77 -23.39
N GLY C 77 26.79 22.85 -23.18
CA GLY C 77 26.27 23.60 -24.31
C GLY C 77 27.42 24.41 -24.88
N ARG C 78 27.25 24.91 -26.11
CA ARG C 78 28.32 25.69 -26.71
C ARG C 78 28.62 26.95 -25.90
N LYS C 79 27.57 27.62 -25.45
CA LYS C 79 27.74 28.83 -24.66
C LYS C 79 28.60 28.59 -23.41
N THR C 80 28.43 27.43 -22.78
CA THR C 80 29.21 27.10 -21.58
C THR C 80 30.67 26.82 -21.92
N TRP C 81 30.92 26.52 -23.19
CA TRP C 81 32.30 26.30 -23.61
C TRP C 81 32.93 27.68 -23.78
N ASP C 82 32.12 28.63 -24.24
CA ASP C 82 32.54 30.02 -24.42
C ASP C 82 32.84 30.68 -23.06
N SER C 83 32.23 30.17 -21.99
CA SER C 83 32.42 30.74 -20.66
C SER C 83 33.79 30.41 -20.08
N ILE C 84 34.36 29.30 -20.53
CA ILE C 84 35.66 28.85 -20.06
C ILE C 84 36.81 29.71 -20.60
N PRO C 85 37.77 30.07 -19.73
CA PRO C 85 38.92 30.87 -20.16
C PRO C 85 39.78 30.05 -21.13
N PRO C 86 40.11 30.63 -22.31
CA PRO C 86 40.92 29.96 -23.32
C PRO C 86 42.15 29.24 -22.76
N LYS C 87 42.67 29.74 -21.64
CA LYS C 87 43.84 29.11 -21.02
C LYS C 87 43.43 27.84 -20.26
N PHE C 88 42.24 27.85 -19.67
CA PHE C 88 41.76 26.69 -18.92
C PHE C 88 40.87 25.85 -19.82
N ARG C 89 41.01 26.08 -21.11
CA ARG C 89 40.25 25.38 -22.15
C ARG C 89 41.22 24.45 -22.89
N PRO C 90 40.97 23.13 -22.90
CA PRO C 90 39.85 22.38 -22.30
C PRO C 90 40.08 21.99 -20.84
N LEU C 91 39.00 21.59 -20.15
CA LEU C 91 39.08 21.19 -18.76
C LEU C 91 39.95 19.94 -18.63
N PRO C 92 40.98 20.00 -17.79
CA PRO C 92 41.94 18.92 -17.50
C PRO C 92 41.39 17.54 -17.11
N GLY C 93 42.13 16.50 -17.50
CA GLY C 93 41.78 15.12 -17.20
C GLY C 93 40.39 14.59 -17.51
N ARG C 94 39.66 15.28 -18.39
CA ARG C 94 38.31 14.89 -18.78
C ARG C 94 38.16 15.03 -20.29
N LEU C 95 37.19 14.32 -20.85
CA LEU C 95 36.90 14.43 -22.26
C LEU C 95 35.84 15.54 -22.33
N ASN C 96 36.14 16.65 -22.99
CA ASN C 96 35.16 17.71 -23.10
C ASN C 96 34.31 17.52 -24.37
N VAL C 97 33.02 17.27 -24.18
CA VAL C 97 32.06 17.10 -25.28
C VAL C 97 31.21 18.40 -25.35
N VAL C 98 31.26 19.10 -26.47
CA VAL C 98 30.50 20.34 -26.61
C VAL C 98 29.36 20.21 -27.61
N LEU C 99 28.16 20.67 -27.21
CA LEU C 99 27.01 20.60 -28.10
C LEU C 99 26.99 21.89 -28.90
N SER C 100 26.84 21.77 -30.21
CA SER C 100 26.82 22.94 -31.07
C SER C 100 26.34 22.57 -32.45
N SER C 101 25.57 23.46 -33.06
CA SER C 101 25.05 23.23 -34.38
C SER C 101 25.81 24.09 -35.37
N THR C 102 26.73 24.89 -34.87
CA THR C 102 27.53 25.78 -35.70
C THR C 102 29.01 25.44 -35.71
N LEU C 103 29.55 25.18 -34.52
CA LEU C 103 30.96 24.85 -34.37
C LEU C 103 31.27 23.38 -34.51
N THR C 104 32.41 23.10 -35.12
CA THR C 104 32.87 21.74 -35.35
C THR C 104 33.93 21.37 -34.34
N THR C 105 34.28 20.10 -34.30
CA THR C 105 35.31 19.65 -33.38
C THR C 105 36.58 20.45 -33.66
N GLN C 106 36.85 20.66 -34.95
CA GLN C 106 38.04 21.39 -35.36
C GLN C 106 37.97 22.85 -34.94
N HIS C 107 36.82 23.50 -35.15
CA HIS C 107 36.70 24.89 -34.74
C HIS C 107 37.06 25.02 -33.27
N LEU C 108 36.42 24.23 -32.42
CA LEU C 108 36.70 24.27 -30.99
C LEU C 108 38.23 24.22 -30.75
N LEU C 109 38.90 23.36 -31.50
CA LEU C 109 40.35 23.21 -31.38
C LEU C 109 41.09 24.52 -31.72
N ASP C 110 40.63 25.21 -32.77
CA ASP C 110 41.22 26.47 -33.19
C ASP C 110 40.92 27.56 -32.15
N GLY C 111 40.07 27.22 -31.19
CA GLY C 111 39.72 28.18 -30.16
C GLY C 111 40.84 28.36 -29.15
N LEU C 112 41.77 27.41 -29.12
CA LEU C 112 42.89 27.49 -28.19
C LEU C 112 43.91 28.48 -28.72
N PRO C 113 44.54 29.23 -27.81
CA PRO C 113 45.56 30.24 -28.13
C PRO C 113 46.77 29.73 -28.93
N ASP C 114 47.69 29.06 -28.26
CA ASP C 114 48.89 28.54 -28.90
C ASP C 114 48.67 27.23 -29.64
N GLU C 115 49.75 26.67 -30.18
CA GLU C 115 49.67 25.41 -30.93
C GLU C 115 50.03 24.16 -30.15
N GLU C 116 51.13 24.21 -29.40
CA GLU C 116 51.58 23.06 -28.61
C GLU C 116 50.47 22.65 -27.62
N LYS C 117 49.45 23.49 -27.54
CA LYS C 117 48.30 23.25 -26.68
C LYS C 117 47.28 22.45 -27.47
N ARG C 118 47.06 22.86 -28.72
CA ARG C 118 46.10 22.19 -29.59
C ARG C 118 46.55 20.77 -29.96
N ASN C 119 47.86 20.54 -29.97
CA ASN C 119 48.41 19.23 -30.31
C ASN C 119 48.16 18.19 -29.23
N LEU C 120 48.33 18.59 -27.98
CA LEU C 120 48.13 17.71 -26.83
C LEU C 120 46.66 17.47 -26.51
N HIS C 121 45.82 18.44 -26.89
CA HIS C 121 44.39 18.37 -26.62
C HIS C 121 43.47 17.95 -27.75
N ALA C 122 44.01 17.27 -28.77
CA ALA C 122 43.18 16.80 -29.87
C ALA C 122 42.38 15.60 -29.37
N ASP C 123 42.96 14.92 -28.38
CA ASP C 123 42.35 13.74 -27.77
C ASP C 123 41.31 14.10 -26.72
N SER C 124 41.15 15.38 -26.41
CA SER C 124 40.21 15.77 -25.36
C SER C 124 38.96 16.55 -25.74
N ILE C 125 38.83 16.93 -27.01
CA ILE C 125 37.67 17.71 -27.43
C ILE C 125 36.95 17.04 -28.58
N VAL C 126 35.61 17.17 -28.60
CA VAL C 126 34.79 16.62 -29.67
C VAL C 126 33.48 17.37 -29.68
N ALA C 127 33.07 17.85 -30.86
CA ALA C 127 31.83 18.60 -30.96
C ALA C 127 30.72 17.68 -31.39
N VAL C 128 29.50 18.02 -30.96
CA VAL C 128 28.35 17.21 -31.28
C VAL C 128 27.27 18.12 -31.84
N ASN C 129 26.86 17.83 -33.07
CA ASN C 129 25.85 18.63 -33.72
C ASN C 129 24.49 18.15 -33.25
N GLY C 130 24.15 18.52 -32.02
CA GLY C 130 22.88 18.12 -31.45
C GLY C 130 22.89 18.32 -29.96
N GLY C 131 21.81 17.93 -29.31
CA GLY C 131 21.71 18.10 -27.87
C GLY C 131 22.26 16.95 -27.03
N LEU C 132 22.13 17.11 -25.72
CA LEU C 132 22.59 16.10 -24.79
C LEU C 132 22.26 14.71 -25.31
N GLU C 133 21.04 14.54 -25.80
CA GLU C 133 20.60 13.24 -26.32
C GLU C 133 21.49 12.70 -27.45
N GLN C 134 22.02 13.59 -28.28
CA GLN C 134 22.89 13.15 -29.39
C GLN C 134 24.26 12.81 -28.87
N ALA C 135 24.65 13.44 -27.76
CA ALA C 135 25.96 13.19 -27.17
C ALA C 135 25.89 11.91 -26.37
N LEU C 136 24.77 11.70 -25.70
CA LEU C 136 24.59 10.49 -24.91
C LEU C 136 24.63 9.28 -25.85
N ARG C 137 24.17 9.47 -27.08
CA ARG C 137 24.17 8.39 -28.07
C ARG C 137 25.54 8.22 -28.73
N LEU C 138 26.26 9.32 -28.91
CA LEU C 138 27.59 9.23 -29.50
C LEU C 138 28.40 8.50 -28.43
N LEU C 139 28.29 9.01 -27.21
CA LEU C 139 28.97 8.48 -26.04
C LEU C 139 28.74 6.99 -25.76
N ALA C 140 27.62 6.44 -26.22
CA ALA C 140 27.31 5.02 -25.99
C ALA C 140 28.02 4.11 -26.98
N SER C 141 28.62 4.72 -28.02
CA SER C 141 29.35 3.98 -29.06
C SER C 141 30.52 3.23 -28.42
N PRO C 142 31.06 2.21 -29.12
CA PRO C 142 32.18 1.42 -28.60
C PRO C 142 33.41 2.22 -28.23
N ASN C 143 33.90 3.06 -29.14
CA ASN C 143 35.11 3.82 -28.83
C ASN C 143 35.04 4.70 -27.59
N TYR C 144 33.85 4.94 -27.06
CA TYR C 144 33.72 5.74 -25.84
C TYR C 144 33.20 4.88 -24.66
N THR C 145 32.50 3.79 -24.95
CA THR C 145 31.97 2.91 -23.91
C THR C 145 32.63 1.53 -23.98
N PRO C 146 33.22 1.05 -22.88
CA PRO C 146 33.31 1.68 -21.55
C PRO C 146 34.56 2.52 -21.20
N SER C 147 35.43 2.79 -22.16
CA SER C 147 36.63 3.58 -21.86
C SER C 147 36.33 4.80 -21.00
N ILE C 148 35.14 5.39 -21.18
CA ILE C 148 34.71 6.56 -20.39
C ILE C 148 34.01 6.03 -19.14
N GLU C 149 34.55 6.29 -17.96
CA GLU C 149 33.93 5.77 -16.74
C GLU C 149 32.60 6.41 -16.30
N THR C 150 32.53 7.74 -16.29
CA THR C 150 31.28 8.37 -15.90
C THR C 150 31.05 9.64 -16.69
N VAL C 151 29.85 9.80 -17.20
CA VAL C 151 29.52 10.97 -17.98
C VAL C 151 28.86 12.00 -17.07
N TYR C 152 29.32 13.23 -17.18
CA TYR C 152 28.80 14.33 -16.38
C TYR C 152 28.22 15.44 -17.24
N CYS C 153 26.92 15.71 -17.05
CA CYS C 153 26.26 16.80 -17.74
C CYS C 153 26.67 17.93 -16.81
N ILE C 154 27.37 18.93 -17.36
CA ILE C 154 27.87 20.02 -16.54
C ILE C 154 27.32 21.40 -16.79
N GLY C 155 26.45 21.58 -17.77
CA GLY C 155 25.98 22.94 -17.92
C GLY C 155 25.21 23.42 -19.12
N GLY C 156 24.51 24.52 -18.87
CA GLY C 156 23.68 25.16 -19.86
C GLY C 156 22.22 24.90 -19.55
N GLY C 157 21.44 25.96 -19.49
CA GLY C 157 20.03 25.80 -19.23
C GLY C 157 19.39 24.88 -20.27
N SER C 158 19.66 25.12 -21.55
CA SER C 158 19.11 24.30 -22.63
C SER C 158 19.48 22.82 -22.46
N VAL C 159 20.61 22.56 -21.83
CA VAL C 159 21.10 21.20 -21.64
C VAL C 159 20.47 20.58 -20.40
N TYR C 160 20.60 21.27 -19.26
CA TYR C 160 20.02 20.77 -18.02
C TYR C 160 18.55 20.43 -18.29
N ALA C 161 17.88 21.27 -19.07
CA ALA C 161 16.48 21.06 -19.40
C ALA C 161 16.25 19.72 -20.07
N GLU C 162 17.16 19.36 -20.98
CA GLU C 162 17.07 18.08 -21.69
C GLU C 162 17.34 16.92 -20.73
N ALA C 163 18.39 17.05 -19.93
CA ALA C 163 18.73 16.00 -18.96
C ALA C 163 17.55 15.59 -18.09
N LEU C 164 16.72 16.57 -17.72
CA LEU C 164 15.60 16.33 -16.83
C LEU C 164 14.26 15.91 -17.44
N ARG C 165 14.22 15.66 -18.74
CA ARG C 165 12.98 15.21 -19.37
C ARG C 165 13.21 13.96 -20.24
N PRO C 166 12.17 13.15 -20.45
CA PRO C 166 12.40 11.96 -21.27
C PRO C 166 12.94 12.35 -22.64
N PRO C 167 13.76 11.49 -23.26
CA PRO C 167 14.24 10.18 -22.84
C PRO C 167 15.44 10.17 -21.88
N CYS C 168 16.23 11.23 -21.91
CA CYS C 168 17.43 11.35 -21.10
C CYS C 168 17.35 11.13 -19.58
N VAL C 169 16.27 11.53 -18.90
CA VAL C 169 16.16 11.34 -17.44
C VAL C 169 16.18 9.90 -16.96
N HIS C 170 15.68 9.01 -17.80
CA HIS C 170 15.63 7.60 -17.44
C HIS C 170 17.05 7.06 -17.36
N LEU C 171 18.02 7.92 -17.71
CA LEU C 171 19.42 7.55 -17.62
C LEU C 171 20.19 8.42 -16.63
N LEU C 172 19.52 9.41 -16.05
CA LEU C 172 20.16 10.27 -15.07
C LEU C 172 20.34 9.47 -13.78
N GLN C 173 21.59 9.12 -13.47
CA GLN C 173 21.90 8.33 -12.29
C GLN C 173 21.99 9.15 -10.99
N ALA C 174 22.42 10.39 -11.08
CA ALA C 174 22.55 11.23 -9.90
C ALA C 174 22.57 12.72 -10.21
N ILE C 175 22.07 13.53 -9.26
CA ILE C 175 22.08 14.97 -9.41
C ILE C 175 22.89 15.56 -8.27
N TYR C 176 24.04 16.14 -8.57
CA TYR C 176 24.87 16.77 -7.54
C TYR C 176 24.54 18.24 -7.68
N ARG C 177 23.86 18.80 -6.71
CA ARG C 177 23.52 20.19 -6.82
C ARG C 177 24.09 20.95 -5.65
N THR C 178 24.65 22.12 -5.96
CA THR C 178 25.22 22.97 -4.92
C THR C 178 24.29 24.15 -4.78
N THR C 179 23.94 24.50 -3.54
CA THR C 179 23.09 25.65 -3.33
C THR C 179 23.83 26.75 -2.59
N ILE C 180 23.94 27.89 -3.25
CA ILE C 180 24.62 29.04 -2.71
C ILE C 180 23.58 30.10 -2.34
N ARG C 181 23.72 30.72 -1.18
CA ARG C 181 22.78 31.76 -0.78
C ARG C 181 23.38 33.08 -1.25
N ALA C 182 23.15 33.38 -2.53
CA ALA C 182 23.63 34.61 -3.16
C ALA C 182 22.72 35.80 -2.86
N SER C 183 23.32 36.87 -2.36
CA SER C 183 22.59 38.08 -2.01
C SER C 183 21.94 38.84 -3.17
N GLU C 184 20.64 38.63 -3.36
CA GLU C 184 19.88 39.31 -4.41
C GLU C 184 20.42 39.11 -5.83
N SER C 185 20.16 37.94 -6.40
CA SER C 185 20.61 37.60 -7.73
C SER C 185 19.74 38.20 -8.83
N SER C 186 19.80 37.58 -10.02
CA SER C 186 19.03 37.99 -11.19
C SER C 186 19.20 36.85 -12.19
N CYS C 187 18.34 35.84 -12.08
CA CYS C 187 18.46 34.67 -12.95
C CYS C 187 17.19 34.24 -13.66
N SER C 188 17.12 34.54 -14.94
CA SER C 188 15.96 34.20 -15.75
C SER C 188 15.77 32.69 -15.94
N VAL C 189 16.84 31.92 -15.79
CA VAL C 189 16.79 30.46 -15.98
C VAL C 189 16.81 29.66 -14.68
N PHE C 190 15.77 28.87 -14.47
CA PHE C 190 15.68 28.06 -13.25
C PHE C 190 15.88 26.57 -13.47
N PHE C 191 16.67 25.97 -12.59
CA PHE C 191 16.94 24.53 -12.59
C PHE C 191 15.97 23.97 -11.58
N ARG C 192 14.99 23.22 -12.05
CA ARG C 192 14.00 22.65 -11.13
C ARG C 192 13.83 21.14 -11.32
N VAL C 193 13.99 20.39 -10.22
CA VAL C 193 13.85 18.94 -10.22
C VAL C 193 12.36 18.62 -10.09
N PRO C 194 11.79 17.87 -11.05
CA PRO C 194 10.37 17.50 -11.03
C PRO C 194 10.03 16.71 -9.77
N GLU C 195 8.92 17.08 -9.12
CA GLU C 195 8.48 16.43 -7.90
C GLU C 195 7.84 15.07 -8.12
N SER C 196 7.91 14.23 -7.10
CA SER C 196 7.35 12.89 -7.14
C SER C 196 5.86 12.88 -7.52
N GLY C 197 5.47 11.89 -8.32
CA GLY C 197 4.08 11.78 -8.72
C GLY C 197 3.66 12.63 -9.90
N THR C 198 4.27 13.80 -10.05
CA THR C 198 3.93 14.70 -11.15
C THR C 198 4.31 14.14 -12.51
N GLU C 199 3.67 14.67 -13.55
CA GLU C 199 3.93 14.24 -14.91
C GLU C 199 5.38 14.41 -15.30
N ALA C 200 5.91 15.61 -15.06
CA ALA C 200 7.29 15.90 -15.41
C ALA C 200 8.29 14.85 -14.90
N ALA C 201 7.99 14.25 -13.75
CA ALA C 201 8.90 13.25 -13.16
C ALA C 201 8.91 11.93 -13.93
N ALA C 202 8.15 11.87 -15.02
CA ALA C 202 8.09 10.66 -15.85
C ALA C 202 8.11 9.33 -15.07
N GLY C 203 7.55 9.36 -13.86
CA GLY C 203 7.48 8.17 -13.02
C GLY C 203 8.68 7.94 -12.13
N ILE C 204 9.64 8.88 -12.17
CA ILE C 204 10.86 8.79 -11.37
C ILE C 204 10.66 9.55 -10.04
N GLU C 205 11.28 9.04 -8.97
CA GLU C 205 11.15 9.66 -7.65
C GLU C 205 12.50 10.09 -7.08
N TRP C 206 12.87 11.35 -7.33
CA TRP C 206 14.12 11.93 -6.86
C TRP C 206 14.13 12.17 -5.36
N GLN C 207 15.19 11.66 -4.72
CA GLN C 207 15.35 11.81 -3.28
C GLN C 207 16.82 12.09 -3.00
N ARG C 208 17.10 12.50 -1.77
CA ARG C 208 18.47 12.80 -1.34
C ARG C 208 19.16 11.54 -0.86
N GLU C 209 20.46 11.47 -1.11
CA GLU C 209 21.25 10.36 -0.62
C GLU C 209 22.02 11.02 0.51
N THR C 210 22.50 12.22 0.22
CA THR C 210 23.28 12.99 1.17
C THR C 210 23.04 14.48 0.98
N ILE C 211 23.10 15.19 2.10
CA ILE C 211 22.90 16.63 2.14
C ILE C 211 23.78 17.18 3.26
N SER C 212 24.67 18.08 2.88
CA SER C 212 25.61 18.69 3.81
C SER C 212 24.99 19.70 4.75
N GLU C 213 25.75 20.05 5.79
CA GLU C 213 25.35 21.07 6.75
C GLU C 213 25.49 22.37 5.97
N GLU C 214 24.97 23.45 6.53
CA GLU C 214 25.10 24.74 5.87
C GLU C 214 26.55 25.10 6.05
N LEU C 215 27.26 25.30 4.94
CA LEU C 215 28.67 25.60 4.99
C LEU C 215 28.96 27.07 4.69
N THR C 216 30.05 27.57 5.25
CA THR C 216 30.44 28.95 5.07
C THR C 216 31.70 29.05 4.22
N SER C 217 31.56 29.65 3.05
CA SER C 217 32.66 29.82 2.13
C SER C 217 33.82 30.63 2.72
N ALA C 218 35.04 30.29 2.32
CA ALA C 218 36.22 30.98 2.78
C ALA C 218 36.46 32.27 2.01
N ASN C 219 35.65 32.52 0.99
CA ASN C 219 35.81 33.75 0.22
C ASN C 219 35.66 34.95 1.16
N GLY C 220 35.77 36.15 0.62
CA GLY C 220 35.65 37.33 1.46
C GLY C 220 34.30 37.53 2.12
N ASN C 221 33.23 37.20 1.39
CA ASN C 221 31.86 37.38 1.90
C ASN C 221 31.29 36.33 2.85
N GLU C 222 31.98 35.21 3.05
CA GLU C 222 31.46 34.18 3.94
C GLU C 222 30.10 33.76 3.39
N THR C 223 30.10 33.42 2.11
CA THR C 223 28.90 33.01 1.41
C THR C 223 28.37 31.71 1.95
N LYS C 224 27.06 31.66 2.14
CA LYS C 224 26.43 30.46 2.65
C LYS C 224 26.13 29.51 1.50
N TYR C 225 26.30 28.21 1.75
CA TYR C 225 26.05 27.23 0.72
C TYR C 225 26.02 25.81 1.29
N TYR C 226 25.54 24.87 0.49
CA TYR C 226 25.49 23.47 0.88
C TYR C 226 25.40 22.56 -0.33
N PHE C 227 25.79 21.29 -0.14
CA PHE C 227 25.77 20.32 -1.22
C PHE C 227 24.58 19.34 -1.10
N GLU C 228 24.24 18.74 -2.22
CA GLU C 228 23.14 17.78 -2.29
C GLU C 228 23.41 16.70 -3.34
N LYS C 229 23.23 15.43 -2.98
CA LYS C 229 23.38 14.39 -3.98
C LYS C 229 21.97 13.83 -4.09
N LEU C 230 21.39 13.91 -5.28
CA LEU C 230 20.06 13.35 -5.49
C LEU C 230 20.16 12.14 -6.41
N ILE C 231 19.41 11.09 -6.12
CA ILE C 231 19.44 9.87 -6.92
C ILE C 231 18.01 9.43 -7.27
N PRO C 232 17.85 8.61 -8.32
CA PRO C 232 16.50 8.16 -8.72
C PRO C 232 16.08 6.95 -7.85
N ARG C 233 15.17 7.16 -6.91
CA ARG C 233 14.73 6.08 -6.01
C ARG C 233 14.70 4.68 -6.66
N ASN C 234 15.34 3.71 -6.02
CA ASN C 234 15.38 2.37 -6.60
C ASN C 234 14.51 1.40 -5.81
N ARG C 235 13.23 1.36 -6.14
CA ARG C 235 12.27 0.48 -5.49
C ARG C 235 12.64 -0.97 -5.72
N GLU C 236 13.09 -1.29 -6.94
CA GLU C 236 13.47 -2.64 -7.29
C GLU C 236 14.40 -3.27 -6.27
N GLU C 237 15.46 -2.55 -5.91
CA GLU C 237 16.40 -3.04 -4.91
C GLU C 237 15.80 -2.94 -3.50
N GLU C 238 14.83 -2.06 -3.30
CA GLU C 238 14.21 -1.93 -1.99
C GLU C 238 13.37 -3.16 -1.65
N GLN C 239 12.88 -3.85 -2.70
CA GLN C 239 12.09 -5.06 -2.51
C GLN C 239 12.96 -5.99 -1.69
N TYR C 240 14.14 -6.23 -2.22
CA TYR C 240 15.12 -7.10 -1.59
C TYR C 240 15.44 -6.65 -0.15
N LEU C 241 15.73 -5.37 0.03
CA LEU C 241 16.03 -4.85 1.36
C LEU C 241 14.88 -5.07 2.34
N SER C 242 13.67 -4.71 1.94
CA SER C 242 12.51 -4.88 2.79
C SER C 242 12.39 -6.32 3.30
N LEU C 243 12.63 -7.27 2.39
CA LEU C 243 12.54 -8.70 2.71
C LEU C 243 13.55 -9.11 3.78
N VAL C 244 14.82 -8.73 3.62
CA VAL C 244 15.84 -9.06 4.60
C VAL C 244 15.33 -8.49 5.92
N ASP C 245 14.76 -7.29 5.82
CA ASP C 245 14.23 -6.63 6.98
C ASP C 245 13.13 -7.48 7.63
N ARG C 246 12.20 -7.99 6.84
CA ARG C 246 11.13 -8.82 7.39
C ARG C 246 11.76 -10.08 7.97
N ILE C 247 12.65 -10.68 7.21
CA ILE C 247 13.31 -11.90 7.66
C ILE C 247 13.99 -11.71 9.01
N ILE C 248 14.69 -10.60 9.18
CA ILE C 248 15.38 -10.35 10.44
C ILE C 248 14.36 -10.10 11.55
N ARG C 249 13.40 -9.21 11.27
CA ARG C 249 12.35 -8.80 12.20
C ARG C 249 11.27 -9.84 12.53
N GLU C 250 10.78 -10.54 11.51
CA GLU C 250 9.72 -11.54 11.69
C GLU C 250 10.13 -12.98 11.38
N GLY C 251 11.17 -13.16 10.57
CA GLY C 251 11.61 -14.50 10.21
C GLY C 251 11.67 -15.49 11.36
N ASN C 252 11.57 -16.77 11.05
CA ASN C 252 11.62 -17.79 12.08
C ASN C 252 13.07 -18.21 12.30
N VAL C 253 13.42 -18.50 13.53
CA VAL C 253 14.78 -18.90 13.86
C VAL C 253 14.87 -20.43 13.88
N LYS C 254 15.79 -20.97 13.08
CA LYS C 254 15.99 -22.41 13.04
C LYS C 254 17.47 -22.71 13.13
N HIS C 255 17.80 -23.87 13.67
CA HIS C 255 19.19 -24.29 13.77
C HIS C 255 19.23 -25.70 13.18
N ASP C 256 20.07 -25.91 12.16
CA ASP C 256 20.15 -27.24 11.54
C ASP C 256 20.99 -28.25 12.33
N ARG C 257 21.42 -29.32 11.67
CA ARG C 257 22.21 -30.36 12.31
C ARG C 257 23.63 -29.95 12.72
N THR C 258 24.27 -29.10 11.92
CA THR C 258 25.63 -28.68 12.22
C THR C 258 25.66 -27.49 13.16
N GLY C 259 24.49 -27.16 13.72
CA GLY C 259 24.38 -26.04 14.64
C GLY C 259 24.36 -24.69 13.94
N VAL C 260 24.06 -24.70 12.65
CA VAL C 260 23.99 -23.49 11.84
C VAL C 260 22.58 -22.90 11.87
N GLY C 261 22.44 -21.69 12.41
CA GLY C 261 21.12 -21.08 12.50
C GLY C 261 20.70 -20.06 11.43
N THR C 262 19.41 -19.94 11.18
CA THR C 262 18.92 -18.98 10.20
C THR C 262 17.60 -18.34 10.60
N LEU C 263 17.35 -17.17 10.02
CA LEU C 263 16.11 -16.44 10.23
C LEU C 263 15.47 -16.56 8.86
N SER C 264 14.29 -17.17 8.79
CA SER C 264 13.66 -17.32 7.49
C SER C 264 12.15 -17.12 7.44
N ILE C 265 11.63 -17.09 6.22
CA ILE C 265 10.21 -16.96 5.90
C ILE C 265 10.06 -17.74 4.61
N PHE C 266 8.84 -18.16 4.28
CA PHE C 266 8.59 -18.98 3.10
C PHE C 266 7.76 -18.31 2.01
N GLY C 267 8.23 -18.41 0.76
CA GLY C 267 7.50 -17.82 -0.35
C GLY C 267 7.54 -16.30 -0.42
N ALA C 268 8.12 -15.78 -1.49
CA ALA C 268 8.24 -14.34 -1.68
C ALA C 268 8.51 -14.13 -3.17
N GLN C 269 8.43 -12.88 -3.64
CA GLN C 269 8.65 -12.63 -5.07
C GLN C 269 9.14 -11.21 -5.37
N MET C 270 10.00 -11.08 -6.37
CA MET C 270 10.53 -9.78 -6.74
C MET C 270 10.55 -9.63 -8.25
N ARG C 271 10.56 -8.38 -8.72
CA ARG C 271 10.58 -8.10 -10.13
C ARG C 271 11.72 -7.17 -10.42
N PHE C 272 12.37 -7.40 -11.56
CA PHE C 272 13.48 -6.57 -11.99
C PHE C 272 13.32 -6.30 -13.48
N SER C 273 13.47 -5.04 -13.86
CA SER C 273 13.37 -4.67 -15.25
C SER C 273 14.75 -4.86 -15.89
N LEU C 274 14.77 -5.48 -17.08
CA LEU C 274 16.02 -5.69 -17.78
C LEU C 274 16.03 -4.80 -19.01
N ARG C 275 15.08 -3.87 -19.10
CA ARG C 275 14.97 -2.99 -20.28
C ARG C 275 16.03 -1.91 -20.46
N ASN C 276 16.48 -1.77 -21.71
CA ASN C 276 17.48 -0.78 -22.13
C ASN C 276 18.85 -1.02 -21.52
N ASN C 277 19.27 -2.28 -21.52
CA ASN C 277 20.57 -2.65 -20.99
C ASN C 277 20.72 -2.60 -19.48
N ARG C 278 19.66 -2.24 -18.76
CA ARG C 278 19.81 -2.17 -17.31
C ARG C 278 20.03 -3.57 -16.73
N LEU C 279 20.83 -3.63 -15.67
CA LEU C 279 21.18 -4.88 -15.00
C LEU C 279 21.03 -4.66 -13.49
N PRO C 280 20.26 -5.53 -12.82
CA PRO C 280 20.06 -5.36 -11.38
C PRO C 280 21.16 -5.88 -10.46
N LEU C 281 22.35 -5.30 -10.54
CA LEU C 281 23.40 -5.73 -9.63
C LEU C 281 23.17 -4.83 -8.44
N LEU C 282 22.60 -5.37 -7.37
CA LEU C 282 22.29 -4.55 -6.19
C LEU C 282 23.40 -3.55 -5.90
N THR C 283 23.01 -2.38 -5.40
CA THR C 283 23.99 -1.34 -5.11
C THR C 283 24.40 -1.23 -3.65
N THR C 284 23.51 -1.55 -2.71
CA THR C 284 23.87 -1.45 -1.31
C THR C 284 25.00 -2.40 -0.89
N LYS C 285 25.47 -3.19 -1.85
CA LYS C 285 26.58 -4.12 -1.60
C LYS C 285 26.99 -4.80 -2.88
N ARG C 286 28.19 -4.47 -3.36
CA ARG C 286 28.73 -5.04 -4.60
C ARG C 286 28.51 -6.54 -4.72
N VAL C 287 28.12 -6.96 -5.91
CA VAL C 287 27.91 -8.36 -6.20
C VAL C 287 29.15 -8.80 -7.02
N PHE C 288 29.50 -10.08 -6.94
CA PHE C 288 30.66 -10.63 -7.65
C PHE C 288 30.30 -10.87 -9.12
N TRP C 289 30.12 -9.80 -9.90
CA TRP C 289 29.75 -9.97 -11.31
C TRP C 289 30.63 -10.91 -12.14
N ARG C 290 31.95 -10.77 -12.08
CA ARG C 290 32.78 -11.66 -12.88
C ARG C 290 32.50 -13.08 -12.43
N GLY C 291 32.19 -13.23 -11.15
CA GLY C 291 31.90 -14.55 -10.62
C GLY C 291 30.58 -15.03 -11.16
N VAL C 292 29.61 -14.13 -11.20
CA VAL C 292 28.29 -14.46 -11.70
C VAL C 292 28.37 -14.94 -13.13
N CYS C 293 28.96 -14.09 -13.96
CA CYS C 293 29.12 -14.34 -15.39
C CYS C 293 29.72 -15.72 -15.72
N GLU C 294 30.94 -15.97 -15.26
CA GLU C 294 31.62 -17.23 -15.52
C GLU C 294 30.76 -18.44 -15.16
N GLU C 295 30.01 -18.35 -14.07
CA GLU C 295 29.18 -19.48 -13.66
C GLU C 295 27.95 -19.64 -14.55
N LEU C 296 27.38 -18.51 -14.97
CA LEU C 296 26.20 -18.51 -15.83
C LEU C 296 26.53 -19.12 -17.18
N LEU C 297 27.64 -18.69 -17.77
CA LEU C 297 28.10 -19.19 -19.05
C LEU C 297 28.52 -20.65 -18.88
N TRP C 298 29.07 -20.95 -17.71
CA TRP C 298 29.52 -22.30 -17.38
C TRP C 298 28.30 -23.23 -17.47
N PHE C 299 27.16 -22.80 -16.93
CA PHE C 299 25.93 -23.61 -16.94
C PHE C 299 25.39 -23.85 -18.35
N LEU C 300 25.22 -22.77 -19.11
CA LEU C 300 24.70 -22.87 -20.45
C LEU C 300 25.52 -23.86 -21.27
N ARG C 301 26.82 -23.82 -21.09
CA ARG C 301 27.69 -24.74 -21.81
C ARG C 301 27.41 -26.17 -21.31
N GLY C 302 26.76 -26.27 -20.16
CA GLY C 302 26.42 -27.57 -19.59
C GLY C 302 27.55 -28.27 -18.83
N GLU C 303 28.41 -27.48 -18.19
CA GLU C 303 29.54 -28.02 -17.46
C GLU C 303 29.18 -28.61 -16.08
N THR C 304 30.07 -29.45 -15.58
CA THR C 304 29.85 -30.07 -14.28
C THR C 304 31.17 -30.16 -13.52
N TYR C 305 32.24 -29.66 -14.13
CA TYR C 305 33.57 -29.68 -13.52
C TYR C 305 33.90 -28.30 -13.03
N ALA C 306 33.72 -28.10 -11.74
CA ALA C 306 33.97 -26.81 -11.11
C ALA C 306 35.39 -26.32 -11.27
N LYS C 307 36.31 -27.23 -11.55
CA LYS C 307 37.69 -26.81 -11.70
C LYS C 307 37.76 -25.81 -12.85
N LYS C 308 36.99 -26.04 -13.91
CA LYS C 308 37.00 -25.09 -15.03
C LYS C 308 36.69 -23.70 -14.51
N LEU C 309 36.08 -23.63 -13.32
CA LEU C 309 35.77 -22.35 -12.69
C LEU C 309 36.87 -21.93 -11.72
N SER C 310 37.30 -22.87 -10.87
CA SER C 310 38.37 -22.60 -9.91
C SER C 310 39.53 -21.91 -10.62
N ASP C 311 40.10 -22.59 -11.61
CA ASP C 311 41.24 -22.06 -12.37
C ASP C 311 41.02 -20.65 -12.89
N LYS C 312 39.79 -20.15 -12.76
CA LYS C 312 39.47 -18.80 -13.24
C LYS C 312 39.21 -17.79 -12.14
N GLY C 313 39.51 -18.17 -10.90
CA GLY C 313 39.31 -17.26 -9.79
C GLY C 313 37.93 -17.30 -9.16
N VAL C 314 37.15 -18.31 -9.54
CA VAL C 314 35.82 -18.47 -9.01
C VAL C 314 35.79 -19.76 -8.20
N HIS C 315 35.75 -19.59 -6.89
CA HIS C 315 35.78 -20.71 -5.95
C HIS C 315 34.44 -20.99 -5.26
N ILE C 316 33.37 -20.47 -5.83
CA ILE C 316 32.04 -20.66 -5.24
C ILE C 316 31.58 -22.12 -5.21
N TRP C 317 32.39 -23.04 -5.72
CA TRP C 317 32.00 -24.44 -5.74
C TRP C 317 32.99 -25.37 -5.03
N ASP C 318 34.13 -24.82 -4.60
CA ASP C 318 35.13 -25.60 -3.91
C ASP C 318 34.58 -26.46 -2.77
N ASP C 319 33.88 -25.84 -1.82
CA ASP C 319 33.32 -26.59 -0.70
C ASP C 319 32.47 -27.77 -1.17
N ASN C 320 31.53 -27.49 -2.07
CA ASN C 320 30.65 -28.53 -2.59
C ASN C 320 31.34 -29.41 -3.64
N GLY C 321 32.62 -29.15 -3.89
CA GLY C 321 33.36 -29.95 -4.86
C GLY C 321 34.56 -30.66 -4.27
N SER C 322 34.71 -30.57 -2.96
CA SER C 322 35.82 -31.19 -2.23
C SER C 322 35.74 -32.71 -2.15
N ARG C 323 36.90 -33.33 -1.90
CA ARG C 323 37.00 -34.78 -1.76
C ARG C 323 36.14 -35.22 -0.59
N ALA C 324 36.28 -34.51 0.54
CA ALA C 324 35.53 -34.81 1.76
C ALA C 324 34.02 -34.73 1.57
N PHE C 325 33.55 -33.60 1.03
CA PHE C 325 32.12 -33.41 0.80
C PHE C 325 31.65 -34.45 -0.20
N LEU C 326 32.33 -34.50 -1.34
CA LEU C 326 32.00 -35.46 -2.37
C LEU C 326 31.88 -36.84 -1.70
N ASP C 327 32.96 -37.29 -1.06
CA ASP C 327 32.96 -38.61 -0.40
C ASP C 327 31.84 -38.80 0.62
N SER C 328 31.43 -37.71 1.26
CA SER C 328 30.36 -37.76 2.25
C SER C 328 28.99 -37.77 1.60
N ARG C 329 28.95 -37.49 0.31
CA ARG C 329 27.70 -37.49 -0.41
C ARG C 329 27.52 -38.85 -1.07
N GLY C 330 28.60 -39.63 -1.11
CA GLY C 330 28.55 -40.96 -1.71
C GLY C 330 29.37 -41.06 -2.99
N LEU C 331 29.63 -39.91 -3.60
CA LEU C 331 30.39 -39.84 -4.85
C LEU C 331 31.87 -40.14 -4.62
N THR C 332 32.14 -41.33 -4.09
CA THR C 332 33.49 -41.80 -3.79
C THR C 332 34.24 -42.02 -5.10
N GLU C 333 33.48 -42.20 -6.16
CA GLU C 333 34.01 -42.44 -7.50
C GLU C 333 34.25 -41.14 -8.27
N TYR C 334 33.77 -40.03 -7.73
CA TYR C 334 33.94 -38.74 -8.39
C TYR C 334 35.31 -38.12 -8.16
N GLU C 335 35.90 -37.59 -9.21
CA GLU C 335 37.19 -36.93 -9.10
C GLU C 335 36.88 -35.57 -8.49
N GLU C 336 37.72 -35.12 -7.56
CA GLU C 336 37.50 -33.84 -6.90
C GLU C 336 37.08 -32.77 -7.91
N MET C 337 36.18 -31.90 -7.46
CA MET C 337 35.62 -30.82 -8.27
C MET C 337 34.51 -31.31 -9.20
N ASP C 338 34.49 -32.61 -9.52
CA ASP C 338 33.46 -33.16 -10.40
C ASP C 338 32.12 -33.25 -9.64
N LEU C 339 31.27 -32.24 -9.86
CA LEU C 339 29.97 -32.10 -9.22
C LEU C 339 28.85 -33.05 -9.64
N GLY C 340 29.08 -33.87 -10.65
CA GLY C 340 28.02 -34.76 -11.09
C GLY C 340 27.14 -34.04 -12.08
N PRO C 341 25.95 -34.57 -12.36
CA PRO C 341 24.98 -33.99 -13.31
C PRO C 341 24.17 -32.81 -12.80
N VAL C 342 24.85 -31.85 -12.18
CA VAL C 342 24.17 -30.66 -11.67
C VAL C 342 23.82 -29.64 -12.75
N TYR C 343 23.04 -28.64 -12.31
CA TYR C 343 22.61 -27.53 -13.13
C TYR C 343 22.67 -27.65 -14.67
N GLY C 344 23.74 -27.07 -15.24
CA GLY C 344 23.94 -27.08 -16.68
C GLY C 344 23.67 -28.41 -17.35
N PHE C 345 24.25 -29.48 -16.83
CA PHE C 345 24.06 -30.82 -17.38
C PHE C 345 22.57 -31.20 -17.48
N GLN C 346 21.73 -30.70 -16.57
CA GLN C 346 20.30 -31.01 -16.63
C GLN C 346 19.63 -30.08 -17.62
N TRP C 347 20.26 -28.92 -17.85
CA TRP C 347 19.72 -27.95 -18.77
C TRP C 347 19.90 -28.40 -20.23
N ARG C 348 21.06 -29.00 -20.53
CA ARG C 348 21.38 -29.43 -21.89
C ARG C 348 21.33 -30.95 -22.09
N HIS C 349 21.22 -31.71 -21.00
CA HIS C 349 21.21 -33.17 -21.09
C HIS C 349 20.30 -33.80 -20.04
N PHE C 350 19.17 -33.14 -19.76
CA PHE C 350 18.25 -33.65 -18.74
C PHE C 350 17.94 -35.13 -18.91
N GLY C 351 18.31 -35.92 -17.92
CA GLY C 351 18.07 -37.35 -17.95
C GLY C 351 19.24 -38.21 -18.44
N ALA C 352 20.22 -37.58 -19.05
CA ALA C 352 21.37 -38.32 -19.55
C ALA C 352 22.12 -39.09 -18.46
N ALA C 353 22.47 -40.34 -18.77
CA ALA C 353 23.23 -41.16 -17.83
C ALA C 353 24.57 -40.48 -17.61
N TYR C 354 24.86 -40.16 -16.35
CA TYR C 354 26.11 -39.49 -16.00
C TYR C 354 27.11 -40.47 -15.40
N THR C 355 28.36 -40.41 -15.88
CA THR C 355 29.43 -41.26 -15.36
C THR C 355 30.56 -40.39 -14.81
N HIS C 356 31.11 -39.54 -15.67
CA HIS C 356 32.18 -38.63 -15.30
C HIS C 356 32.05 -37.36 -16.13
N HIS C 357 32.61 -36.27 -15.63
CA HIS C 357 32.51 -34.99 -16.32
C HIS C 357 33.28 -34.94 -17.64
N ASP C 358 34.32 -35.78 -17.74
CA ASP C 358 35.13 -35.82 -18.95
C ASP C 358 34.51 -36.62 -20.10
N ALA C 359 33.50 -37.44 -19.81
CA ALA C 359 32.85 -38.24 -20.86
C ALA C 359 32.20 -37.37 -21.92
N ASN C 360 31.65 -37.99 -22.96
CA ASN C 360 31.00 -37.23 -24.03
C ASN C 360 29.49 -37.33 -23.95
N TYR C 361 28.84 -36.20 -23.67
CA TYR C 361 27.39 -36.17 -23.53
C TYR C 361 26.65 -35.54 -24.68
N ASP C 362 27.40 -35.12 -25.70
CA ASP C 362 26.80 -34.49 -26.87
C ASP C 362 25.63 -35.34 -27.38
N GLY C 363 24.50 -34.67 -27.62
CA GLY C 363 23.34 -35.36 -28.12
C GLY C 363 22.62 -36.19 -27.08
N GLN C 364 23.24 -36.42 -25.94
CA GLN C 364 22.62 -37.21 -24.89
C GLN C 364 21.67 -36.38 -24.01
N GLY C 365 20.46 -36.89 -23.80
CA GLY C 365 19.50 -36.18 -22.97
C GLY C 365 18.66 -35.16 -23.71
N VAL C 366 17.69 -34.56 -22.99
CA VAL C 366 16.82 -33.54 -23.57
C VAL C 366 17.42 -32.17 -23.33
N ASP C 367 17.84 -31.53 -24.42
CA ASP C 367 18.44 -30.20 -24.35
C ASP C 367 17.31 -29.18 -24.22
N GLN C 368 16.94 -28.89 -22.97
CA GLN C 368 15.87 -27.95 -22.66
C GLN C 368 16.09 -26.53 -23.20
N ILE C 369 17.32 -26.04 -23.07
CA ILE C 369 17.69 -24.70 -23.53
C ILE C 369 17.49 -24.55 -25.05
N LYS C 370 18.13 -25.41 -25.82
CA LYS C 370 18.02 -25.36 -27.28
C LYS C 370 16.57 -25.41 -27.74
N ALA C 371 15.77 -26.21 -27.03
CA ALA C 371 14.36 -26.35 -27.36
C ALA C 371 13.58 -25.05 -27.19
N ILE C 372 13.84 -24.33 -26.10
CA ILE C 372 13.17 -23.06 -25.82
C ILE C 372 13.52 -22.02 -26.86
N VAL C 373 14.81 -21.88 -27.13
CA VAL C 373 15.33 -20.94 -28.13
C VAL C 373 14.58 -21.11 -29.46
N GLU C 374 14.25 -22.36 -29.78
CA GLU C 374 13.51 -22.66 -31.00
C GLU C 374 12.05 -22.20 -30.90
N THR C 375 11.39 -22.53 -29.80
CA THR C 375 9.99 -22.16 -29.60
C THR C 375 9.79 -20.65 -29.46
N LEU C 376 10.73 -20.01 -28.79
CA LEU C 376 10.72 -18.58 -28.58
C LEU C 376 10.69 -17.87 -29.94
N LYS C 377 11.39 -18.42 -30.92
CA LYS C 377 11.48 -17.83 -32.24
C LYS C 377 10.30 -18.11 -33.16
N THR C 378 9.66 -19.26 -32.98
CA THR C 378 8.55 -19.65 -33.84
C THR C 378 7.16 -19.62 -33.22
N ASN C 379 7.10 -19.50 -31.90
CA ASN C 379 5.81 -19.48 -31.22
C ASN C 379 6.01 -18.91 -29.82
N PRO C 380 6.31 -17.59 -29.73
CA PRO C 380 6.54 -16.84 -28.49
C PRO C 380 5.37 -16.78 -27.51
N ASP C 381 4.25 -17.40 -27.88
CA ASP C 381 3.09 -17.42 -27.01
C ASP C 381 2.95 -18.79 -26.34
N ASP C 382 3.92 -19.68 -26.56
CA ASP C 382 3.87 -21.01 -25.95
C ASP C 382 4.01 -20.89 -24.45
N ARG C 383 3.18 -21.64 -23.72
CA ARG C 383 3.18 -21.59 -22.28
C ARG C 383 3.87 -22.75 -21.59
N ARG C 384 4.78 -23.41 -22.30
CA ARG C 384 5.47 -24.54 -21.72
C ARG C 384 6.98 -24.36 -21.91
N MET C 385 7.40 -23.11 -22.06
CA MET C 385 8.80 -22.79 -22.25
C MET C 385 9.61 -22.65 -20.96
N LEU C 386 9.90 -23.76 -20.31
CA LEU C 386 10.71 -23.68 -19.10
C LEU C 386 11.65 -24.85 -18.94
N PHE C 387 12.77 -24.59 -18.29
CA PHE C 387 13.74 -25.64 -18.04
C PHE C 387 13.82 -25.88 -16.55
N THR C 388 14.28 -27.07 -16.18
CA THR C 388 14.39 -27.43 -14.80
C THR C 388 15.59 -28.30 -14.55
N ALA C 389 16.35 -27.97 -13.51
CA ALA C 389 17.50 -28.79 -13.18
C ALA C 389 17.02 -29.83 -12.20
N TRP C 390 15.77 -29.71 -11.75
CA TRP C 390 15.24 -30.65 -10.77
C TRP C 390 14.84 -31.99 -11.37
N ASN C 391 15.69 -32.97 -11.14
CA ASN C 391 15.53 -34.34 -11.63
C ASN C 391 15.60 -35.30 -10.43
N PRO C 392 14.43 -35.73 -9.92
CA PRO C 392 14.36 -36.65 -8.78
C PRO C 392 15.20 -37.93 -8.94
N SER C 393 15.51 -38.29 -10.19
CA SER C 393 16.29 -39.50 -10.49
C SER C 393 17.79 -39.27 -10.53
N ALA C 394 18.20 -38.04 -10.83
CA ALA C 394 19.61 -37.70 -10.92
C ALA C 394 20.12 -37.08 -9.64
N LEU C 395 19.20 -36.57 -8.83
CA LEU C 395 19.52 -35.93 -7.56
C LEU C 395 20.63 -36.64 -6.76
N PRO C 396 20.42 -37.93 -6.44
CA PRO C 396 21.43 -38.67 -5.67
C PRO C 396 22.83 -38.68 -6.25
N ARG C 397 22.96 -38.42 -7.55
CA ARG C 397 24.27 -38.42 -8.19
C ARG C 397 24.95 -37.05 -8.15
N MET C 398 24.19 -36.00 -7.87
CA MET C 398 24.74 -34.65 -7.80
C MET C 398 25.37 -34.40 -6.43
N ALA C 399 26.34 -33.49 -6.40
CA ALA C 399 27.00 -33.16 -5.14
C ALA C 399 25.94 -32.54 -4.26
N LEU C 400 25.12 -31.70 -4.87
CA LEU C 400 24.06 -30.99 -4.18
C LEU C 400 22.89 -30.79 -5.15
N PRO C 401 21.65 -30.79 -4.65
CA PRO C 401 20.52 -30.58 -5.57
C PRO C 401 20.53 -29.10 -5.93
N PRO C 402 20.02 -28.74 -7.12
CA PRO C 402 19.99 -27.34 -7.59
C PRO C 402 19.21 -26.39 -6.69
N CYS C 403 19.80 -25.25 -6.33
CA CYS C 403 19.11 -24.27 -5.49
C CYS C 403 18.10 -23.47 -6.35
N HIS C 404 18.52 -23.03 -7.53
CA HIS C 404 17.59 -22.37 -8.45
C HIS C 404 17.34 -23.53 -9.40
N LEU C 405 16.22 -24.20 -9.20
CA LEU C 405 15.87 -25.39 -9.97
C LEU C 405 14.93 -25.26 -11.16
N LEU C 406 14.31 -24.10 -11.32
CA LEU C 406 13.37 -23.92 -12.41
C LEU C 406 13.40 -22.48 -12.92
N ALA C 407 12.88 -22.28 -14.13
CA ALA C 407 12.79 -20.97 -14.75
C ALA C 407 11.91 -21.12 -16.00
N GLN C 408 10.95 -20.21 -16.14
CA GLN C 408 10.05 -20.23 -17.28
C GLN C 408 10.12 -18.94 -18.08
N PHE C 409 9.88 -19.03 -19.38
CA PHE C 409 9.93 -17.85 -20.21
C PHE C 409 8.56 -17.39 -20.68
N TYR C 410 8.47 -16.08 -20.88
CA TYR C 410 7.24 -15.44 -21.34
C TYR C 410 7.63 -14.36 -22.33
N VAL C 411 6.72 -14.04 -23.24
CA VAL C 411 7.01 -13.04 -24.26
C VAL C 411 5.84 -12.13 -24.57
N SER C 412 6.15 -10.84 -24.67
CA SER C 412 5.16 -9.81 -24.96
C SER C 412 5.81 -8.64 -25.69
N ASN C 413 5.13 -8.15 -26.74
CA ASN C 413 5.59 -7.03 -27.54
C ASN C 413 7.06 -7.16 -27.97
N GLY C 414 7.54 -8.40 -28.08
CA GLY C 414 8.91 -8.63 -28.48
C GLY C 414 9.88 -8.60 -27.33
N GLU C 415 9.36 -8.62 -26.11
CA GLU C 415 10.21 -8.59 -24.91
C GLU C 415 10.16 -9.90 -24.19
N LEU C 416 11.34 -10.48 -23.93
CA LEU C 416 11.42 -11.75 -23.24
C LEU C 416 11.41 -11.58 -21.73
N SER C 417 10.49 -12.29 -21.08
CA SER C 417 10.43 -12.23 -19.62
C SER C 417 10.82 -13.59 -19.10
N CYS C 418 11.38 -13.61 -17.90
CA CYS C 418 11.79 -14.85 -17.26
C CYS C 418 11.41 -14.85 -15.79
N MET C 419 10.94 -16.00 -15.33
CA MET C 419 10.55 -16.23 -13.95
C MET C 419 11.42 -17.33 -13.39
N LEU C 420 12.08 -17.04 -12.28
CA LEU C 420 12.97 -17.99 -11.64
C LEU C 420 12.38 -18.58 -10.37
N TYR C 421 12.51 -19.90 -10.20
CA TYR C 421 12.04 -20.54 -8.98
C TYR C 421 13.23 -21.08 -8.17
N GLN C 422 13.40 -20.57 -6.95
CA GLN C 422 14.50 -20.98 -6.08
C GLN C 422 14.01 -21.47 -4.71
N ARG C 423 14.10 -22.78 -4.50
CA ARG C 423 13.66 -23.49 -3.29
C ARG C 423 14.25 -22.98 -1.97
N SER C 424 15.51 -22.54 -2.03
CA SER C 424 16.16 -22.01 -0.84
C SER C 424 17.01 -20.85 -1.28
N CYS C 425 16.87 -19.71 -0.61
CA CYS C 425 17.58 -18.51 -0.96
C CYS C 425 18.29 -17.90 0.23
N ASP C 426 19.58 -17.63 0.06
CA ASP C 426 20.41 -17.02 1.09
C ASP C 426 20.43 -15.55 0.76
N MET C 427 19.52 -14.80 1.39
CA MET C 427 19.38 -13.37 1.17
C MET C 427 20.67 -12.56 1.25
N GLY C 428 21.61 -13.03 2.08
CA GLY C 428 22.87 -12.33 2.24
C GLY C 428 23.82 -12.41 1.04
N LEU C 429 24.02 -13.60 0.48
CA LEU C 429 24.95 -13.71 -0.64
C LEU C 429 24.47 -14.43 -1.89
N GLY C 430 23.52 -15.35 -1.73
CA GLY C 430 23.02 -16.07 -2.87
C GLY C 430 22.07 -15.25 -3.71
N VAL C 431 21.18 -14.51 -3.07
CA VAL C 431 20.19 -13.70 -3.79
C VAL C 431 20.74 -12.63 -4.77
N PRO C 432 21.50 -11.63 -4.28
CA PRO C 432 21.99 -10.64 -5.25
C PRO C 432 22.63 -11.35 -6.44
N PHE C 433 23.41 -12.39 -6.12
CA PHE C 433 24.13 -13.21 -7.08
C PHE C 433 23.19 -13.90 -8.07
N ASN C 434 22.19 -14.61 -7.53
CA ASN C 434 21.23 -15.32 -8.35
C ASN C 434 20.50 -14.38 -9.29
N ILE C 435 20.09 -13.22 -8.77
CA ILE C 435 19.38 -12.22 -9.54
C ILE C 435 20.19 -11.77 -10.75
N ALA C 436 21.49 -11.58 -10.53
CA ALA C 436 22.38 -11.15 -11.60
C ALA C 436 22.53 -12.26 -12.65
N SER C 437 22.66 -13.49 -12.17
CA SER C 437 22.81 -14.67 -13.02
C SER C 437 21.70 -14.79 -14.04
N TYR C 438 20.47 -14.92 -13.56
CA TYR C 438 19.31 -15.08 -14.43
C TYR C 438 19.00 -13.86 -15.26
N ALA C 439 19.33 -12.67 -14.75
CA ALA C 439 19.08 -11.47 -15.52
C ALA C 439 19.97 -11.64 -16.75
N LEU C 440 21.19 -12.14 -16.51
CA LEU C 440 22.15 -12.38 -17.57
C LEU C 440 21.67 -13.45 -18.55
N LEU C 441 21.03 -14.52 -18.06
CA LEU C 441 20.56 -15.57 -18.95
C LEU C 441 19.40 -15.07 -19.82
N THR C 442 18.56 -14.24 -19.22
CA THR C 442 17.43 -13.67 -19.94
C THR C 442 17.97 -12.80 -21.10
N ILE C 443 18.99 -12.00 -20.82
CA ILE C 443 19.57 -11.17 -21.86
C ILE C 443 20.19 -12.03 -22.96
N LEU C 444 20.93 -13.07 -22.57
CA LEU C 444 21.58 -13.94 -23.55
C LEU C 444 20.59 -14.73 -24.42
N ILE C 445 19.45 -15.12 -23.85
CA ILE C 445 18.46 -15.86 -24.61
C ILE C 445 17.74 -14.88 -25.52
N ALA C 446 17.56 -13.66 -25.00
CA ALA C 446 16.90 -12.59 -25.76
C ALA C 446 17.74 -12.36 -27.00
N LYS C 447 19.05 -12.29 -26.80
CA LYS C 447 20.00 -12.08 -27.90
C LYS C 447 20.08 -13.28 -28.85
N ALA C 448 19.58 -14.42 -28.40
CA ALA C 448 19.61 -15.63 -29.21
C ALA C 448 18.33 -15.85 -30.01
N THR C 449 17.23 -15.26 -29.58
CA THR C 449 15.96 -15.47 -30.27
C THR C 449 15.39 -14.22 -30.92
N GLY C 450 16.26 -13.27 -31.24
CA GLY C 450 15.85 -12.02 -31.88
C GLY C 450 14.90 -11.15 -31.07
N LEU C 451 14.94 -11.30 -29.74
CA LEU C 451 14.07 -10.55 -28.84
C LEU C 451 14.80 -9.48 -28.02
N ARG C 452 14.05 -8.74 -27.22
CA ARG C 452 14.65 -7.73 -26.37
C ARG C 452 14.39 -8.15 -24.95
N PRO C 453 15.36 -7.90 -24.05
CA PRO C 453 15.22 -8.25 -22.64
C PRO C 453 13.99 -7.56 -22.04
N GLY C 454 13.21 -8.31 -21.27
CA GLY C 454 12.01 -7.77 -20.66
C GLY C 454 12.13 -7.65 -19.15
N GLU C 455 11.50 -8.57 -18.43
CA GLU C 455 11.56 -8.54 -16.96
C GLU C 455 11.99 -9.87 -16.40
N LEU C 456 12.60 -9.81 -15.23
CA LEU C 456 13.02 -11.02 -14.55
C LEU C 456 12.22 -11.04 -13.25
N VAL C 457 11.45 -12.11 -13.05
CA VAL C 457 10.67 -12.26 -11.83
C VAL C 457 11.34 -13.37 -11.05
N HIS C 458 11.55 -13.10 -9.77
CA HIS C 458 12.22 -14.03 -8.88
C HIS C 458 11.28 -14.55 -7.80
N THR C 459 11.10 -15.87 -7.77
CA THR C 459 10.24 -16.47 -6.77
C THR C 459 11.11 -17.18 -5.75
N LEU C 460 10.91 -16.84 -4.48
CA LEU C 460 11.66 -17.42 -3.38
C LEU C 460 10.82 -18.42 -2.58
N GLY C 461 11.47 -19.49 -2.11
CA GLY C 461 10.81 -20.51 -1.30
C GLY C 461 11.15 -20.27 0.16
N ASP C 462 12.17 -20.96 0.65
CA ASP C 462 12.64 -20.82 2.03
C ASP C 462 13.73 -19.74 2.02
N ALA C 463 13.34 -18.48 2.11
CA ALA C 463 14.32 -17.39 2.10
C ALA C 463 14.82 -17.19 3.53
N HIS C 464 16.14 -17.23 3.70
CA HIS C 464 16.72 -17.08 5.01
C HIS C 464 17.89 -16.12 5.15
N VAL C 465 18.20 -15.81 6.39
CA VAL C 465 19.30 -14.92 6.74
C VAL C 465 20.02 -15.60 7.89
N TYR C 466 21.26 -16.00 7.67
CA TYR C 466 22.01 -16.66 8.73
C TYR C 466 22.14 -15.69 9.89
N SER C 467 22.28 -16.23 11.09
CA SER C 467 22.42 -15.42 12.29
C SER C 467 23.73 -14.63 12.23
N ASN C 468 24.74 -15.22 11.61
CA ASN C 468 26.04 -14.58 11.48
C ASN C 468 26.01 -13.50 10.41
N HIS C 469 24.82 -13.07 10.02
CA HIS C 469 24.66 -12.04 9.02
C HIS C 469 23.69 -10.98 9.49
N VAL C 470 23.01 -11.26 10.60
CA VAL C 470 22.04 -10.32 11.15
C VAL C 470 22.62 -8.92 11.21
N GLU C 471 23.81 -8.84 11.79
CA GLU C 471 24.55 -7.57 11.96
C GLU C 471 24.93 -6.88 10.66
N PRO C 472 25.63 -7.60 9.76
CA PRO C 472 26.07 -7.04 8.47
C PRO C 472 24.87 -6.67 7.58
N CYS C 473 23.81 -7.44 7.69
CA CYS C 473 22.62 -7.19 6.90
C CYS C 473 21.86 -6.04 7.51
N ASN C 474 22.02 -5.85 8.81
CA ASN C 474 21.34 -4.74 9.47
C ASN C 474 22.04 -3.43 9.09
N GLU C 475 23.37 -3.51 8.92
CA GLU C 475 24.15 -2.34 8.54
C GLU C 475 23.76 -1.91 7.14
N GLN C 476 23.87 -2.83 6.20
CA GLN C 476 23.53 -2.59 4.80
C GLN C 476 22.16 -1.91 4.68
N LEU C 477 21.24 -2.24 5.58
CA LEU C 477 19.89 -1.67 5.57
C LEU C 477 19.86 -0.18 5.86
N LYS C 478 20.99 0.34 6.32
CA LYS C 478 21.11 1.77 6.61
C LYS C 478 21.37 2.53 5.31
N ARG C 479 21.71 1.78 4.26
CA ARG C 479 22.04 2.33 2.94
C ARG C 479 20.85 2.51 1.98
N VAL C 480 20.83 3.64 1.28
CA VAL C 480 19.76 3.91 0.34
C VAL C 480 20.19 3.54 -1.09
N PRO C 481 19.45 2.63 -1.72
CA PRO C 481 19.68 2.12 -3.08
C PRO C 481 19.90 3.19 -4.16
N ARG C 482 20.95 3.00 -4.95
CA ARG C 482 21.26 3.94 -6.03
C ARG C 482 20.76 3.36 -7.31
N ALA C 483 20.99 4.08 -8.41
CA ALA C 483 20.55 3.58 -9.72
C ALA C 483 21.37 2.37 -10.10
N PHE C 484 20.74 1.45 -10.81
CA PHE C 484 21.42 0.23 -11.24
C PHE C 484 22.37 0.52 -12.40
N PRO C 485 23.30 -0.39 -12.65
CA PRO C 485 24.25 -0.19 -13.75
C PRO C 485 23.61 -0.68 -15.06
N TYR C 486 24.46 -1.00 -16.05
CA TYR C 486 24.02 -1.48 -17.36
C TYR C 486 24.95 -2.56 -17.93
N LEU C 487 24.46 -3.27 -18.94
CA LEU C 487 25.25 -4.33 -19.54
C LEU C 487 25.36 -4.19 -21.04
N VAL C 488 26.58 -4.03 -21.54
CA VAL C 488 26.81 -3.93 -22.97
C VAL C 488 27.76 -5.03 -23.42
N PHE C 489 27.76 -5.31 -24.71
CA PHE C 489 28.63 -6.33 -25.29
C PHE C 489 29.62 -5.67 -26.24
N ARG C 490 30.91 -5.88 -25.99
CA ARG C 490 31.94 -5.30 -26.85
C ARG C 490 32.06 -6.20 -28.08
N ARG C 491 31.62 -7.43 -27.95
CA ARG C 491 31.66 -8.37 -29.06
C ARG C 491 30.56 -9.40 -28.98
N GLU C 492 30.25 -9.98 -30.13
CA GLU C 492 29.22 -11.01 -30.21
C GLU C 492 29.88 -12.34 -30.57
N ARG C 493 29.08 -13.39 -30.50
CA ARG C 493 29.57 -14.72 -30.79
C ARG C 493 28.70 -15.41 -31.83
N GLU C 494 29.18 -16.51 -32.38
CA GLU C 494 28.44 -17.24 -33.39
C GLU C 494 27.53 -18.29 -32.77
N PHE C 495 27.88 -18.75 -31.58
CA PHE C 495 27.07 -19.73 -30.86
C PHE C 495 26.97 -19.28 -29.41
N LEU C 496 25.79 -19.46 -28.82
CA LEU C 496 25.55 -19.10 -27.42
C LEU C 496 26.60 -19.69 -26.48
N GLU C 497 27.18 -20.83 -26.87
CA GLU C 497 28.17 -21.51 -26.05
C GLU C 497 29.58 -20.93 -26.10
N ASP C 498 29.83 -20.04 -27.05
CA ASP C 498 31.16 -19.45 -27.20
C ASP C 498 31.35 -18.13 -26.46
N TYR C 499 30.32 -17.65 -25.78
CA TYR C 499 30.47 -16.38 -25.08
C TYR C 499 31.48 -16.44 -23.94
N GLU C 500 32.15 -15.32 -23.72
CA GLU C 500 33.15 -15.24 -22.66
C GLU C 500 32.93 -14.01 -21.79
N GLU C 501 33.16 -14.19 -20.50
CA GLU C 501 32.97 -13.11 -19.52
C GLU C 501 33.49 -11.76 -20.01
N GLY C 502 34.57 -11.79 -20.79
CA GLY C 502 35.18 -10.57 -21.30
C GLY C 502 34.48 -9.97 -22.49
N ASP C 503 33.48 -10.67 -23.01
CA ASP C 503 32.74 -10.16 -24.14
C ASP C 503 31.77 -9.08 -23.65
N MET C 504 31.55 -9.03 -22.33
CA MET C 504 30.61 -8.06 -21.75
C MET C 504 31.17 -7.24 -20.58
N GLU C 505 30.82 -5.96 -20.56
CA GLU C 505 31.26 -5.04 -19.52
C GLU C 505 30.08 -4.38 -18.81
N VAL C 506 30.12 -4.38 -17.48
CA VAL C 506 29.08 -3.76 -16.70
C VAL C 506 29.58 -2.34 -16.56
N ILE C 507 28.71 -1.37 -16.84
CA ILE C 507 29.11 0.04 -16.75
C ILE C 507 28.24 0.80 -15.77
N ASP C 508 28.82 1.86 -15.21
CA ASP C 508 28.13 2.73 -14.25
C ASP C 508 27.66 2.03 -12.98
N TYR C 509 28.45 1.06 -12.53
CA TYR C 509 28.12 0.35 -11.32
C TYR C 509 28.79 1.15 -10.24
N ALA C 510 27.99 1.78 -9.39
CA ALA C 510 28.55 2.58 -8.32
C ALA C 510 27.95 2.14 -7.00
N PRO C 511 28.32 0.94 -6.54
CA PRO C 511 27.83 0.38 -5.28
C PRO C 511 28.53 1.05 -4.11
N TYR C 512 27.93 0.95 -2.93
CA TYR C 512 28.53 1.53 -1.72
C TYR C 512 29.71 0.68 -1.29
N PRO C 513 30.66 1.29 -0.55
CA PRO C 513 31.86 0.59 -0.06
C PRO C 513 31.52 -0.65 0.78
N PRO C 514 32.51 -1.53 1.02
CA PRO C 514 32.42 -2.79 1.77
C PRO C 514 31.86 -2.83 3.21
N ILE C 515 31.28 -3.99 3.52
CA ILE C 515 30.73 -4.34 4.82
C ILE C 515 31.36 -5.69 5.16
N SER C 516 31.84 -5.84 6.39
CA SER C 516 32.47 -7.08 6.83
C SER C 516 31.43 -8.19 6.99
N MET C 517 30.57 -8.32 5.98
CA MET C 517 29.50 -9.33 5.96
C MET C 517 30.02 -10.74 5.77
N LEU D 3 2.21 -52.02 1.06
CA LEU D 3 3.69 -51.81 1.27
C LEU D 3 4.22 -50.57 0.51
N PHE D 4 3.54 -50.19 -0.57
CA PHE D 4 3.94 -49.02 -1.36
C PHE D 4 3.03 -47.85 -1.00
N LYS D 5 2.24 -48.01 0.06
CA LYS D 5 1.30 -46.98 0.52
C LYS D 5 1.84 -46.21 1.72
N ILE D 6 1.37 -44.98 1.89
CA ILE D 6 1.79 -44.14 3.01
C ILE D 6 0.85 -44.38 4.18
N ARG D 7 1.42 -44.70 5.35
CA ARG D 7 0.61 -44.97 6.52
C ARG D 7 0.30 -43.73 7.37
N MET D 8 -0.98 -43.51 7.65
CA MET D 8 -1.38 -42.36 8.46
C MET D 8 -0.89 -42.56 9.89
N PRO D 9 -0.32 -41.53 10.51
CA PRO D 9 0.16 -41.65 11.89
C PRO D 9 -1.04 -41.77 12.82
N GLU D 10 -0.81 -42.05 14.11
CA GLU D 10 -1.92 -42.18 15.05
C GLU D 10 -2.46 -40.82 15.52
N THR D 11 -1.73 -39.76 15.19
CA THR D 11 -2.13 -38.40 15.53
C THR D 11 -2.89 -37.88 14.31
N VAL D 12 -3.57 -38.77 13.61
CA VAL D 12 -4.28 -38.39 12.40
C VAL D 12 -5.55 -37.55 12.61
N ALA D 13 -6.38 -37.98 13.56
CA ALA D 13 -7.63 -37.30 13.84
C ALA D 13 -7.49 -35.92 14.49
N GLU D 14 -6.58 -35.84 15.46
CA GLU D 14 -6.34 -34.62 16.22
C GLU D 14 -6.01 -33.30 15.48
N GLY D 15 -4.84 -33.25 14.87
CA GLY D 15 -4.39 -32.06 14.16
C GLY D 15 -5.34 -31.25 13.30
N THR D 16 -6.52 -31.79 13.02
CA THR D 16 -7.48 -31.06 12.20
C THR D 16 -8.91 -31.26 12.69
N ARG D 17 -9.05 -31.47 13.99
CA ARG D 17 -10.37 -31.66 14.60
C ARG D 17 -11.02 -30.28 14.78
N LEU D 18 -12.18 -30.08 14.17
CA LEU D 18 -12.85 -28.79 14.27
C LEU D 18 -13.01 -28.33 15.71
N ALA D 19 -12.30 -27.28 16.09
CA ALA D 19 -12.35 -26.75 17.45
C ALA D 19 -13.70 -26.14 17.78
N LEU D 20 -14.14 -25.21 16.95
CA LEU D 20 -15.43 -24.57 17.16
C LEU D 20 -16.10 -24.51 15.82
N ARG D 21 -17.42 -24.63 15.81
CA ARG D 21 -18.20 -24.60 14.58
C ARG D 21 -18.55 -23.16 14.21
N ALA D 22 -18.28 -22.78 12.97
CA ALA D 22 -18.55 -21.43 12.48
C ALA D 22 -20.01 -21.09 12.69
N PHE D 23 -20.32 -19.80 12.75
CA PHE D 23 -21.69 -19.38 12.98
C PHE D 23 -22.00 -17.98 12.48
N SER D 24 -23.30 -17.68 12.35
CA SER D 24 -23.78 -16.37 11.92
C SER D 24 -24.54 -15.74 13.11
N LEU D 25 -24.80 -14.44 13.05
CA LEU D 25 -25.49 -13.73 14.14
C LEU D 25 -26.63 -12.81 13.69
N VAL D 26 -27.79 -12.94 14.35
CA VAL D 26 -28.96 -12.14 14.00
C VAL D 26 -29.39 -11.29 15.19
N VAL D 27 -29.73 -10.03 14.94
CA VAL D 27 -30.12 -9.15 16.03
C VAL D 27 -30.93 -7.93 15.59
N ALA D 28 -31.91 -7.54 16.41
CA ALA D 28 -32.69 -6.34 16.09
C ALA D 28 -32.15 -5.28 17.05
N VAL D 29 -32.14 -4.03 16.62
CA VAL D 29 -31.59 -2.99 17.48
C VAL D 29 -32.25 -1.67 17.17
N ASP D 30 -32.29 -0.75 18.14
CA ASP D 30 -32.89 0.56 17.89
C ASP D 30 -31.85 1.48 17.25
N GLU D 31 -32.14 2.78 17.19
CA GLU D 31 -31.22 3.72 16.56
C GLU D 31 -30.04 4.15 17.44
N HIS D 32 -29.94 3.57 18.62
CA HIS D 32 -28.88 3.86 19.58
C HIS D 32 -28.07 2.61 19.84
N GLY D 33 -28.51 1.51 19.22
CA GLY D 33 -27.85 0.24 19.36
C GLY D 33 -28.38 -0.61 20.50
N GLY D 34 -29.45 -0.18 21.16
CA GLY D 34 -30.00 -0.94 22.25
C GLY D 34 -30.76 -2.15 21.76
N ILE D 35 -30.49 -3.31 22.35
CA ILE D 35 -31.16 -4.54 21.94
C ILE D 35 -32.48 -4.71 22.63
N GLY D 36 -33.33 -3.69 22.56
CA GLY D 36 -34.61 -3.73 23.25
C GLY D 36 -34.25 -3.22 24.63
N ASP D 37 -32.94 -3.31 24.87
CA ASP D 37 -32.26 -2.94 26.11
C ASP D 37 -32.31 -4.20 26.97
N GLY D 38 -32.08 -4.08 28.28
CA GLY D 38 -32.12 -5.26 29.13
C GLY D 38 -33.48 -5.70 29.65
N ARG D 39 -34.54 -5.02 29.20
CA ARG D 39 -35.91 -5.33 29.62
C ARG D 39 -36.49 -6.51 28.83
N SER D 40 -36.81 -6.25 27.56
CA SER D 40 -37.36 -7.28 26.68
C SER D 40 -37.03 -6.84 25.27
N ILE D 41 -38.02 -6.90 24.39
CA ILE D 41 -37.87 -6.42 23.04
C ILE D 41 -38.93 -5.33 23.00
N PRO D 42 -38.76 -4.27 23.82
CA PRO D 42 -39.72 -3.16 23.87
C PRO D 42 -39.90 -2.45 22.53
N TRP D 43 -40.36 -3.23 21.55
CA TRP D 43 -40.63 -2.81 20.18
C TRP D 43 -40.82 -4.06 19.32
N ASN D 44 -41.94 -4.12 18.61
CA ASN D 44 -42.20 -5.29 17.78
C ASN D 44 -42.58 -4.91 16.37
N VAL D 45 -41.67 -5.20 15.45
CA VAL D 45 -41.90 -4.89 14.05
C VAL D 45 -42.08 -6.19 13.27
N PRO D 46 -43.32 -6.48 12.84
CA PRO D 46 -43.63 -7.71 12.09
C PRO D 46 -42.69 -8.05 10.92
N GLU D 47 -42.47 -7.12 10.00
CA GLU D 47 -41.60 -7.42 8.87
C GLU D 47 -40.30 -8.05 9.32
N ASP D 48 -39.80 -7.62 10.47
CA ASP D 48 -38.54 -8.14 11.00
C ASP D 48 -38.69 -9.51 11.64
N MET D 49 -39.85 -9.78 12.23
CA MET D 49 -40.10 -11.08 12.85
C MET D 49 -40.06 -12.13 11.76
N LYS D 50 -40.54 -11.76 10.57
CA LYS D 50 -40.59 -12.66 9.41
C LYS D 50 -39.18 -12.88 8.85
N PHE D 51 -38.32 -11.86 8.96
CA PHE D 51 -36.96 -11.97 8.48
C PHE D 51 -36.20 -12.96 9.37
N PHE D 52 -36.31 -12.76 10.68
CA PHE D 52 -35.66 -13.64 11.63
C PHE D 52 -36.03 -15.08 11.33
N ARG D 53 -37.34 -15.34 11.28
CA ARG D 53 -37.87 -16.67 11.00
C ARG D 53 -37.39 -17.23 9.67
N ASP D 54 -37.55 -16.45 8.59
CA ASP D 54 -37.12 -16.91 7.27
C ASP D 54 -35.63 -17.26 7.28
N LEU D 55 -34.82 -16.26 7.62
CA LEU D 55 -33.36 -16.40 7.66
C LEU D 55 -32.85 -17.60 8.44
N THR D 56 -33.32 -17.76 9.68
CA THR D 56 -32.87 -18.85 10.53
C THR D 56 -33.42 -20.25 10.23
N THR D 57 -34.56 -20.31 9.56
CA THR D 57 -35.16 -21.60 9.28
C THR D 57 -34.83 -22.15 7.89
N LYS D 58 -34.88 -21.30 6.86
CA LYS D 58 -34.59 -21.78 5.51
C LYS D 58 -33.17 -22.32 5.36
N LEU D 59 -33.02 -23.31 4.48
CA LEU D 59 -31.72 -23.89 4.19
C LEU D 59 -31.33 -23.36 2.81
N ARG D 60 -30.04 -23.14 2.57
CA ARG D 60 -29.60 -22.61 1.29
C ARG D 60 -29.58 -23.67 0.18
N GLY D 61 -29.84 -24.92 0.51
CA GLY D 61 -29.85 -25.97 -0.50
C GLY D 61 -30.88 -25.75 -1.60
N LYS D 62 -31.08 -26.78 -2.42
CA LYS D 62 -32.04 -26.72 -3.51
C LYS D 62 -33.44 -26.94 -2.97
N ASN D 63 -33.51 -27.28 -1.68
CA ASN D 63 -34.75 -27.56 -0.98
C ASN D 63 -34.71 -26.79 0.36
N VAL D 64 -35.34 -25.61 0.40
CA VAL D 64 -35.32 -24.76 1.59
C VAL D 64 -35.93 -25.29 2.89
N LYS D 65 -36.75 -26.34 2.80
CA LYS D 65 -37.38 -26.90 3.98
C LYS D 65 -36.42 -27.69 4.86
N PRO D 66 -36.37 -27.35 6.15
CA PRO D 66 -35.48 -28.05 7.07
C PRO D 66 -36.07 -29.40 7.50
N SER D 67 -35.19 -30.29 7.95
CA SER D 67 -35.60 -31.61 8.39
C SER D 67 -34.73 -32.00 9.57
N PRO D 68 -35.20 -32.94 10.40
CA PRO D 68 -34.39 -33.34 11.55
C PRO D 68 -32.93 -33.65 11.17
N ALA D 69 -32.75 -34.29 10.01
CA ALA D 69 -31.42 -34.67 9.52
C ALA D 69 -30.61 -33.52 8.93
N LYS D 70 -31.30 -32.44 8.54
CA LYS D 70 -30.65 -31.28 7.97
C LYS D 70 -31.44 -30.02 8.31
N ARG D 71 -30.91 -29.21 9.22
CA ARG D 71 -31.61 -27.99 9.62
C ARG D 71 -30.58 -27.05 10.24
N ASN D 72 -31.05 -25.88 10.66
CA ASN D 72 -30.17 -24.89 11.28
C ASN D 72 -30.19 -24.95 12.79
N ALA D 73 -29.14 -24.42 13.41
CA ALA D 73 -29.05 -24.39 14.85
C ALA D 73 -29.25 -22.96 15.29
N VAL D 74 -29.77 -22.80 16.50
CA VAL D 74 -30.01 -21.48 17.07
C VAL D 74 -29.55 -21.46 18.53
N VAL D 75 -28.68 -20.52 18.83
CA VAL D 75 -28.12 -20.36 20.17
C VAL D 75 -28.58 -19.05 20.80
N MET D 76 -29.15 -19.16 22.00
CA MET D 76 -29.66 -18.01 22.71
C MET D 76 -29.37 -18.21 24.19
N GLY D 77 -29.14 -17.10 24.89
CA GLY D 77 -28.88 -17.20 26.31
C GLY D 77 -30.12 -17.75 26.98
N ARG D 78 -30.04 -17.99 28.29
CA ARG D 78 -31.15 -18.53 29.07
C ARG D 78 -32.31 -17.53 29.24
N LYS D 79 -32.01 -16.23 29.24
CA LYS D 79 -33.09 -15.26 29.38
C LYS D 79 -33.83 -15.09 28.06
N THR D 80 -33.10 -15.22 26.95
CA THR D 80 -33.73 -15.10 25.64
C THR D 80 -34.64 -16.30 25.43
N TRP D 81 -34.30 -17.43 26.07
CA TRP D 81 -35.13 -18.61 25.95
C TRP D 81 -36.41 -18.32 26.72
N ASP D 82 -36.24 -17.68 27.89
CA ASP D 82 -37.35 -17.34 28.75
C ASP D 82 -38.33 -16.31 28.18
N SER D 83 -37.90 -15.54 27.18
CA SER D 83 -38.81 -14.54 26.60
C SER D 83 -39.63 -15.05 25.43
N ILE D 84 -39.71 -16.37 25.25
CA ILE D 84 -40.50 -16.97 24.18
C ILE D 84 -41.72 -17.64 24.79
N PRO D 85 -42.92 -17.06 24.57
CA PRO D 85 -44.13 -17.64 25.14
C PRO D 85 -44.10 -19.16 25.13
N PRO D 86 -44.24 -19.79 26.31
CA PRO D 86 -44.23 -21.25 26.48
C PRO D 86 -44.89 -22.01 25.33
N LYS D 87 -45.84 -21.38 24.64
CA LYS D 87 -46.53 -22.02 23.51
C LYS D 87 -45.67 -22.01 22.24
N PHE D 88 -44.90 -20.92 22.05
CA PHE D 88 -44.04 -20.80 20.87
C PHE D 88 -42.69 -21.50 21.03
N ARG D 89 -42.45 -22.07 22.20
CA ARG D 89 -41.20 -22.80 22.44
C ARG D 89 -41.42 -24.24 22.01
N PRO D 90 -40.45 -24.84 21.30
CA PRO D 90 -39.17 -24.24 20.90
C PRO D 90 -39.32 -23.62 19.51
N LEU D 91 -38.38 -22.75 19.12
CA LEU D 91 -38.43 -22.16 17.79
C LEU D 91 -38.39 -23.32 16.80
N PRO D 92 -39.45 -23.48 16.01
CA PRO D 92 -39.68 -24.52 14.98
C PRO D 92 -38.69 -24.64 13.81
N GLY D 93 -38.59 -25.87 13.29
CA GLY D 93 -37.72 -26.17 12.17
C GLY D 93 -36.25 -26.05 12.51
N ARG D 94 -35.98 -25.59 13.72
CA ARG D 94 -34.61 -25.41 14.16
C ARG D 94 -34.28 -26.16 15.44
N LEU D 95 -32.99 -26.26 15.71
CA LEU D 95 -32.45 -26.91 16.90
C LEU D 95 -32.26 -25.73 17.84
N ASN D 96 -32.81 -25.80 19.05
CA ASN D 96 -32.66 -24.70 20.00
C ASN D 96 -31.61 -25.00 21.04
N VAL D 97 -30.54 -24.22 21.02
CA VAL D 97 -29.46 -24.42 21.97
C VAL D 97 -29.51 -23.31 23.00
N VAL D 98 -29.67 -23.68 24.28
CA VAL D 98 -29.75 -22.71 25.36
C VAL D 98 -28.57 -22.72 26.35
N LEU D 99 -27.88 -21.59 26.45
CA LEU D 99 -26.77 -21.48 27.38
C LEU D 99 -27.45 -21.18 28.71
N SER D 100 -27.10 -21.94 29.75
CA SER D 100 -27.66 -21.78 31.07
C SER D 100 -26.86 -22.61 32.05
N SER D 101 -26.75 -22.15 33.29
CA SER D 101 -26.01 -22.90 34.29
C SER D 101 -26.97 -23.17 35.45
N THR D 102 -28.25 -23.29 35.10
CA THR D 102 -29.27 -23.54 36.09
C THR D 102 -30.30 -24.48 35.51
N LEU D 103 -30.49 -24.37 34.20
CA LEU D 103 -31.44 -25.22 33.50
C LEU D 103 -30.69 -26.33 32.75
N THR D 104 -31.21 -27.55 32.81
CA THR D 104 -30.59 -28.66 32.10
C THR D 104 -31.56 -29.00 30.97
N THR D 105 -31.14 -29.85 30.04
CA THR D 105 -31.99 -30.21 28.92
C THR D 105 -33.43 -30.47 29.37
N GLN D 106 -33.64 -31.49 30.19
CA GLN D 106 -34.98 -31.83 30.67
C GLN D 106 -35.70 -30.67 31.33
N HIS D 107 -34.97 -29.79 32.01
CA HIS D 107 -35.59 -28.62 32.66
C HIS D 107 -36.41 -27.88 31.61
N LEU D 108 -35.80 -27.66 30.45
CA LEU D 108 -36.44 -26.96 29.36
C LEU D 108 -37.67 -27.70 28.84
N LEU D 109 -37.56 -29.01 28.64
CA LEU D 109 -38.69 -29.81 28.15
C LEU D 109 -39.92 -29.65 29.03
N ASP D 110 -39.76 -30.00 30.30
CA ASP D 110 -40.85 -29.93 31.28
C ASP D 110 -41.65 -28.62 31.23
N GLY D 111 -40.96 -27.49 31.34
CA GLY D 111 -41.64 -26.21 31.32
C GLY D 111 -42.45 -25.92 30.07
N LEU D 112 -42.61 -26.94 29.21
CA LEU D 112 -43.38 -26.78 27.97
C LEU D 112 -44.78 -27.32 28.21
N PRO D 113 -45.79 -26.42 28.21
CA PRO D 113 -47.21 -26.73 28.42
C PRO D 113 -47.70 -28.17 28.14
N ASP D 114 -47.83 -28.54 26.87
CA ASP D 114 -48.30 -29.88 26.51
C ASP D 114 -47.28 -30.96 26.90
N GLU D 115 -47.73 -31.98 27.63
CA GLU D 115 -46.86 -33.06 28.10
C GLU D 115 -46.28 -33.95 26.99
N GLU D 116 -47.00 -34.08 25.88
CA GLU D 116 -46.50 -34.87 24.78
C GLU D 116 -45.83 -33.92 23.79
N LYS D 117 -46.12 -32.63 23.96
CA LYS D 117 -45.50 -31.60 23.12
C LYS D 117 -44.05 -31.63 23.59
N ARG D 118 -43.87 -31.68 24.91
CA ARG D 118 -42.54 -31.75 25.52
C ARG D 118 -42.06 -33.19 25.32
N ASN D 119 -42.55 -33.80 24.23
CA ASN D 119 -42.23 -35.17 23.85
C ASN D 119 -42.10 -35.24 22.33
N LEU D 120 -42.87 -34.39 21.65
CA LEU D 120 -42.85 -34.32 20.19
C LEU D 120 -41.61 -33.57 19.72
N HIS D 121 -41.09 -32.72 20.60
CA HIS D 121 -39.88 -31.94 20.32
C HIS D 121 -38.72 -32.67 20.99
N ALA D 122 -38.54 -33.92 20.59
CA ALA D 122 -37.48 -34.78 21.12
C ALA D 122 -36.12 -34.09 21.06
N ASP D 123 -35.39 -34.34 19.98
CA ASP D 123 -34.07 -33.75 19.80
C ASP D 123 -34.14 -32.37 19.15
N SER D 124 -35.16 -31.59 19.49
CA SER D 124 -35.27 -30.26 18.92
C SER D 124 -34.78 -29.21 19.91
N ILE D 125 -34.46 -29.66 21.12
CA ILE D 125 -33.99 -28.78 22.17
C ILE D 125 -32.74 -29.31 22.88
N VAL D 126 -31.94 -28.41 23.44
CA VAL D 126 -30.73 -28.80 24.16
C VAL D 126 -30.15 -27.64 24.96
N ALA D 127 -29.62 -27.95 26.14
CA ALA D 127 -29.06 -26.91 27.02
C ALA D 127 -27.57 -27.09 27.32
N VAL D 128 -26.79 -26.06 27.02
CA VAL D 128 -25.37 -26.10 27.28
C VAL D 128 -25.05 -25.31 28.52
N ASN D 129 -24.23 -25.86 29.40
CA ASN D 129 -23.86 -25.14 30.62
C ASN D 129 -22.50 -24.44 30.45
N GLY D 130 -22.55 -23.37 29.67
CA GLY D 130 -21.37 -22.57 29.40
C GLY D 130 -21.78 -21.43 28.48
N GLY D 131 -20.81 -20.72 27.93
CA GLY D 131 -21.13 -19.63 27.02
C GLY D 131 -21.21 -20.07 25.57
N LEU D 132 -21.27 -19.09 24.68
CA LEU D 132 -21.36 -19.34 23.24
C LEU D 132 -20.25 -20.27 22.78
N GLU D 133 -19.04 -19.97 23.24
CA GLU D 133 -17.87 -20.76 22.87
C GLU D 133 -18.10 -22.24 23.18
N GLN D 134 -18.82 -22.52 24.25
CA GLN D 134 -19.09 -23.89 24.62
C GLN D 134 -20.12 -24.47 23.64
N ALA D 135 -21.18 -23.72 23.39
CA ALA D 135 -22.21 -24.17 22.46
C ALA D 135 -21.63 -24.49 21.10
N LEU D 136 -20.62 -23.71 20.70
CA LEU D 136 -19.95 -23.88 19.42
C LEU D 136 -19.14 -25.15 19.38
N ARG D 137 -18.52 -25.50 20.50
CA ARG D 137 -17.75 -26.73 20.54
C ARG D 137 -18.73 -27.87 20.35
N LEU D 138 -19.83 -27.84 21.09
CA LEU D 138 -20.86 -28.86 20.98
C LEU D 138 -21.26 -29.00 19.51
N LEU D 139 -21.63 -27.88 18.90
CA LEU D 139 -22.01 -27.87 17.49
C LEU D 139 -20.87 -28.24 16.54
N ALA D 140 -19.74 -28.68 17.09
CA ALA D 140 -18.60 -29.06 16.28
C ALA D 140 -18.40 -30.57 16.25
N SER D 141 -19.10 -31.30 17.11
CA SER D 141 -18.96 -32.75 17.13
C SER D 141 -19.57 -33.33 15.86
N PRO D 142 -19.41 -34.64 15.64
CA PRO D 142 -19.95 -35.32 14.47
C PRO D 142 -21.48 -35.35 14.45
N ASN D 143 -22.11 -35.14 15.59
CA ASN D 143 -23.57 -35.16 15.65
C ASN D 143 -24.28 -33.92 15.11
N TYR D 144 -23.60 -32.78 15.17
CA TYR D 144 -24.18 -31.53 14.67
C TYR D 144 -23.47 -31.07 13.39
N THR D 145 -22.18 -31.40 13.27
CA THR D 145 -21.40 -31.04 12.08
C THR D 145 -21.19 -32.31 11.24
N PRO D 146 -21.65 -32.30 9.98
CA PRO D 146 -22.35 -31.24 9.27
C PRO D 146 -23.87 -31.31 9.19
N SER D 147 -24.52 -32.09 10.05
CA SER D 147 -25.98 -32.18 10.01
C SER D 147 -26.65 -30.82 10.26
N ILE D 148 -25.93 -29.90 10.90
CA ILE D 148 -26.45 -28.56 11.14
C ILE D 148 -25.83 -27.62 10.11
N GLU D 149 -26.60 -27.32 9.06
CA GLU D 149 -26.15 -26.45 7.98
C GLU D 149 -25.51 -25.18 8.50
N THR D 150 -26.33 -24.33 9.10
CA THR D 150 -25.85 -23.08 9.65
C THR D 150 -26.29 -22.84 11.08
N VAL D 151 -25.38 -22.32 11.88
CA VAL D 151 -25.66 -21.98 13.28
C VAL D 151 -25.90 -20.47 13.39
N TYR D 152 -26.96 -20.09 14.10
CA TYR D 152 -27.28 -18.67 14.28
C TYR D 152 -27.36 -18.27 15.74
N CYS D 153 -26.57 -17.27 16.10
CA CYS D 153 -26.59 -16.74 17.46
C CYS D 153 -27.79 -15.79 17.39
N ILE D 154 -28.82 -16.06 18.18
CA ILE D 154 -30.01 -15.24 18.09
C ILE D 154 -30.42 -14.36 19.26
N GLY D 155 -29.49 -14.08 20.17
CA GLY D 155 -29.91 -13.25 21.27
C GLY D 155 -29.23 -13.40 22.60
N GLY D 156 -29.24 -12.29 23.32
CA GLY D 156 -28.62 -12.23 24.62
C GLY D 156 -27.51 -11.21 24.59
N GLY D 157 -27.69 -10.13 25.34
CA GLY D 157 -26.67 -9.10 25.38
C GLY D 157 -25.36 -9.74 25.80
N SER D 158 -25.45 -10.87 26.47
CA SER D 158 -24.25 -11.56 26.92
C SER D 158 -23.74 -12.53 25.86
N VAL D 159 -24.65 -13.08 25.07
CA VAL D 159 -24.25 -14.02 24.04
C VAL D 159 -23.72 -13.29 22.81
N TYR D 160 -24.11 -12.03 22.63
CA TYR D 160 -23.60 -11.23 21.50
C TYR D 160 -22.21 -10.72 21.88
N ALA D 161 -22.04 -10.41 23.16
CA ALA D 161 -20.76 -9.92 23.65
C ALA D 161 -19.71 -11.01 23.48
N GLU D 162 -20.09 -12.25 23.77
CA GLU D 162 -19.14 -13.35 23.65
C GLU D 162 -18.89 -13.64 22.16
N ALA D 163 -19.92 -13.40 21.35
CA ALA D 163 -19.80 -13.63 19.91
C ALA D 163 -18.82 -12.63 19.29
N LEU D 164 -18.93 -11.36 19.70
CA LEU D 164 -18.09 -10.29 19.17
C LEU D 164 -16.73 -10.08 19.85
N ARG D 165 -16.14 -11.16 20.36
CA ARG D 165 -14.83 -11.08 20.99
C ARG D 165 -14.05 -12.38 20.77
N PRO D 166 -12.72 -12.31 20.73
CA PRO D 166 -12.06 -13.59 20.51
C PRO D 166 -12.28 -14.40 21.81
N PRO D 167 -12.36 -15.74 21.71
CA PRO D 167 -12.26 -16.61 20.53
C PRO D 167 -13.42 -16.68 19.51
N CYS D 168 -14.65 -16.73 19.99
CA CYS D 168 -15.80 -16.88 19.09
C CYS D 168 -15.88 -15.96 17.86
N VAL D 169 -15.43 -14.71 17.96
CA VAL D 169 -15.57 -13.81 16.82
C VAL D 169 -14.85 -14.20 15.55
N HIS D 170 -13.78 -14.98 15.65
CA HIS D 170 -13.05 -15.41 14.46
C HIS D 170 -13.83 -16.44 13.66
N LEU D 171 -14.91 -16.93 14.25
CA LEU D 171 -15.75 -17.93 13.60
C LEU D 171 -17.12 -17.37 13.21
N LEU D 172 -17.27 -16.06 13.34
CA LEU D 172 -18.50 -15.38 12.99
C LEU D 172 -18.44 -15.02 11.50
N GLN D 173 -19.26 -15.71 10.71
CA GLN D 173 -19.31 -15.52 9.27
C GLN D 173 -20.13 -14.33 8.77
N ALA D 174 -21.16 -13.94 9.50
CA ALA D 174 -22.00 -12.82 9.09
C ALA D 174 -22.85 -12.25 10.23
N ILE D 175 -23.14 -10.96 10.15
CA ILE D 175 -23.94 -10.24 11.13
C ILE D 175 -25.18 -9.64 10.46
N TYR D 176 -26.37 -10.12 10.83
CA TYR D 176 -27.60 -9.60 10.26
C TYR D 176 -28.25 -8.67 11.28
N ARG D 177 -28.16 -7.37 11.02
CA ARG D 177 -28.72 -6.38 11.93
C ARG D 177 -29.84 -5.52 11.37
N THR D 178 -30.93 -5.48 12.11
CA THR D 178 -32.08 -4.70 11.75
C THR D 178 -32.07 -3.51 12.70
N THR D 179 -32.17 -2.31 12.17
CA THR D 179 -32.20 -1.11 12.99
C THR D 179 -33.63 -0.59 12.95
N ILE D 180 -34.20 -0.34 14.12
CA ILE D 180 -35.57 0.11 14.23
C ILE D 180 -35.70 1.42 14.99
N ARG D 181 -36.21 2.46 14.31
CA ARG D 181 -36.41 3.75 14.94
C ARG D 181 -37.59 3.54 15.88
N ALA D 182 -37.27 3.14 17.10
CA ALA D 182 -38.29 2.88 18.10
C ALA D 182 -38.48 4.08 19.02
N SER D 183 -38.77 3.80 20.29
CA SER D 183 -38.96 4.82 21.33
C SER D 183 -38.26 4.31 22.59
N GLU D 184 -36.94 4.19 22.53
CA GLU D 184 -36.10 3.69 23.63
C GLU D 184 -36.85 3.32 24.90
N SER D 185 -36.63 2.08 25.33
CA SER D 185 -37.31 1.58 26.53
C SER D 185 -36.40 1.45 27.74
N SER D 186 -36.87 0.68 28.73
CA SER D 186 -36.16 0.47 29.98
C SER D 186 -34.75 -0.06 29.82
N CYS D 187 -33.91 0.19 30.84
CA CYS D 187 -32.52 -0.24 30.85
C CYS D 187 -31.76 -0.01 29.55
N SER D 188 -30.55 -0.55 29.47
CA SER D 188 -29.72 -0.36 28.29
C SER D 188 -28.65 -1.44 28.08
N VAL D 189 -28.63 -2.01 26.88
CA VAL D 189 -27.67 -3.04 26.48
C VAL D 189 -27.39 -2.87 24.99
N PHE D 190 -26.24 -2.30 24.67
CA PHE D 190 -25.90 -2.00 23.28
C PHE D 190 -25.11 -3.00 22.45
N PHE D 191 -25.56 -3.18 21.20
CA PHE D 191 -24.92 -4.05 20.23
C PHE D 191 -23.92 -3.19 19.47
N ARG D 192 -22.68 -3.64 19.37
CA ARG D 192 -21.69 -2.86 18.67
C ARG D 192 -20.71 -3.73 17.90
N VAL D 193 -20.57 -3.43 16.61
CA VAL D 193 -19.66 -4.19 15.74
C VAL D 193 -18.25 -3.61 15.89
N PRO D 194 -17.32 -4.41 16.43
CA PRO D 194 -15.96 -3.89 16.60
C PRO D 194 -15.53 -3.06 15.39
N GLU D 195 -15.00 -1.88 15.68
CA GLU D 195 -14.57 -0.97 14.62
C GLU D 195 -13.27 -1.44 13.97
N SER D 196 -13.16 -1.23 12.66
CA SER D 196 -11.97 -1.63 11.92
C SER D 196 -10.71 -1.03 12.52
N GLY D 197 -9.61 -1.80 12.46
CA GLY D 197 -8.35 -1.33 12.98
C GLY D 197 -8.26 -1.21 14.49
N THR D 198 -9.39 -1.28 15.19
CA THR D 198 -9.33 -1.18 16.63
C THR D 198 -8.82 -2.50 17.20
N GLU D 199 -8.41 -2.48 18.46
CA GLU D 199 -7.89 -3.66 19.11
C GLU D 199 -9.00 -4.68 19.33
N ALA D 200 -10.19 -4.19 19.64
CA ALA D 200 -11.34 -5.04 19.89
C ALA D 200 -11.77 -5.80 18.63
N ALA D 201 -11.42 -5.26 17.47
CA ALA D 201 -11.76 -5.89 16.20
C ALA D 201 -10.83 -7.08 15.98
N ALA D 202 -9.83 -7.19 16.84
CA ALA D 202 -8.87 -8.27 16.75
C ALA D 202 -8.47 -8.64 15.33
N GLY D 203 -8.24 -7.62 14.49
CA GLY D 203 -7.82 -7.85 13.11
C GLY D 203 -8.90 -8.07 12.07
N ILE D 204 -10.15 -8.13 12.49
CA ILE D 204 -11.25 -8.33 11.56
C ILE D 204 -11.84 -6.99 11.10
N GLU D 205 -11.95 -6.81 9.79
CA GLU D 205 -12.50 -5.59 9.20
C GLU D 205 -13.96 -5.84 8.80
N TRP D 206 -14.91 -5.33 9.59
CA TRP D 206 -16.31 -5.54 9.28
C TRP D 206 -16.81 -4.56 8.21
N GLN D 207 -17.51 -5.07 7.22
CA GLN D 207 -17.99 -4.25 6.12
C GLN D 207 -19.36 -4.73 5.66
N ARG D 208 -20.13 -3.80 5.10
CA ARG D 208 -21.46 -4.11 4.63
C ARG D 208 -21.45 -4.86 3.30
N GLU D 209 -22.40 -5.76 3.14
CA GLU D 209 -22.51 -6.49 1.88
C GLU D 209 -23.75 -5.89 1.26
N THR D 210 -24.76 -5.75 2.10
CA THR D 210 -26.06 -5.20 1.71
C THR D 210 -26.67 -4.36 2.83
N ILE D 211 -27.43 -3.36 2.43
CA ILE D 211 -28.13 -2.49 3.34
C ILE D 211 -29.36 -2.02 2.59
N SER D 212 -30.52 -2.29 3.17
CA SER D 212 -31.81 -1.94 2.59
C SER D 212 -32.11 -0.46 2.54
N GLU D 213 -33.10 -0.11 1.71
CA GLU D 213 -33.56 1.27 1.64
C GLU D 213 -34.31 1.38 2.96
N GLU D 214 -34.50 2.60 3.45
CA GLU D 214 -35.23 2.77 4.69
C GLU D 214 -36.68 2.28 4.44
N LEU D 215 -37.13 1.35 5.27
CA LEU D 215 -38.47 0.80 5.12
C LEU D 215 -39.43 1.29 6.19
N THR D 216 -40.71 1.28 5.85
CA THR D 216 -41.75 1.70 6.77
C THR D 216 -42.58 0.45 7.08
N SER D 217 -42.88 0.24 8.35
CA SER D 217 -43.64 -0.91 8.77
C SER D 217 -45.13 -0.87 8.44
N ALA D 218 -45.74 -2.05 8.44
CA ALA D 218 -47.17 -2.18 8.16
C ALA D 218 -47.89 -2.33 9.50
N ASN D 219 -47.14 -2.28 10.60
CA ASN D 219 -47.72 -2.42 11.93
C ASN D 219 -48.61 -1.26 12.34
N GLY D 220 -49.22 -0.61 11.36
CA GLY D 220 -50.12 0.48 11.65
C GLY D 220 -49.51 1.55 12.53
N ASN D 221 -48.19 1.56 12.65
CA ASN D 221 -47.49 2.55 13.46
C ASN D 221 -46.46 3.20 12.55
N GLU D 222 -46.43 2.71 11.32
CA GLU D 222 -45.52 3.20 10.29
C GLU D 222 -44.08 3.30 10.81
N THR D 223 -43.59 2.20 11.38
CA THR D 223 -42.24 2.13 11.94
C THR D 223 -41.15 2.01 10.89
N LYS D 224 -40.18 2.91 10.96
CA LYS D 224 -39.06 2.94 10.02
C LYS D 224 -37.96 1.96 10.44
N TYR D 225 -37.59 1.08 9.52
CA TYR D 225 -36.55 0.09 9.78
C TYR D 225 -35.76 -0.23 8.49
N TYR D 226 -34.54 -0.72 8.65
CA TYR D 226 -33.72 -1.08 7.50
C TYR D 226 -32.87 -2.30 7.84
N PHE D 227 -32.27 -2.90 6.83
CA PHE D 227 -31.48 -4.11 7.03
C PHE D 227 -30.02 -3.90 6.69
N GLU D 228 -29.18 -4.74 7.28
CA GLU D 228 -27.75 -4.71 7.00
C GLU D 228 -27.22 -6.14 7.16
N LYS D 229 -26.35 -6.54 6.24
CA LYS D 229 -25.70 -7.84 6.33
C LYS D 229 -24.21 -7.48 6.35
N LEU D 230 -23.56 -7.73 7.49
CA LEU D 230 -22.14 -7.42 7.69
C LEU D 230 -21.27 -8.68 7.59
N ILE D 231 -20.18 -8.57 6.85
CA ILE D 231 -19.28 -9.70 6.65
C ILE D 231 -17.82 -9.37 6.96
N PRO D 232 -17.04 -10.38 7.36
CA PRO D 232 -15.63 -10.08 7.65
C PRO D 232 -14.89 -10.02 6.31
N ARG D 233 -14.27 -8.88 6.02
CA ARG D 233 -13.58 -8.73 4.75
C ARG D 233 -12.65 -9.90 4.54
N ASN D 234 -12.58 -10.37 3.30
CA ASN D 234 -11.74 -11.50 2.95
C ASN D 234 -10.55 -11.10 2.08
N ARG D 235 -9.60 -10.38 2.67
CA ARG D 235 -8.40 -9.92 1.97
C ARG D 235 -7.80 -10.96 1.02
N GLU D 236 -8.03 -12.24 1.30
CA GLU D 236 -7.49 -13.29 0.47
C GLU D 236 -8.19 -13.39 -0.87
N GLU D 237 -9.50 -13.62 -0.86
CA GLU D 237 -10.20 -13.75 -2.13
C GLU D 237 -9.98 -12.51 -2.99
N GLU D 238 -9.69 -11.39 -2.33
CA GLU D 238 -9.48 -10.16 -3.05
C GLU D 238 -8.15 -10.18 -3.78
N GLN D 239 -7.26 -11.08 -3.39
CA GLN D 239 -5.97 -11.21 -4.08
C GLN D 239 -6.31 -11.70 -5.50
N TYR D 240 -7.19 -12.70 -5.56
CA TYR D 240 -7.61 -13.29 -6.81
C TYR D 240 -8.49 -12.39 -7.64
N LEU D 241 -9.27 -11.51 -7.01
CA LEU D 241 -10.14 -10.61 -7.76
C LEU D 241 -9.35 -9.43 -8.31
N SER D 242 -8.46 -8.87 -7.49
CA SER D 242 -7.64 -7.73 -7.92
C SER D 242 -6.76 -8.14 -9.10
N LEU D 243 -6.43 -9.42 -9.14
CA LEU D 243 -5.60 -10.00 -10.19
C LEU D 243 -6.36 -10.17 -11.50
N VAL D 244 -7.57 -10.73 -11.43
CA VAL D 244 -8.34 -10.90 -12.65
C VAL D 244 -8.54 -9.50 -13.21
N ASP D 245 -8.72 -8.57 -12.27
CA ASP D 245 -8.95 -7.18 -12.60
C ASP D 245 -7.80 -6.50 -13.32
N ARG D 246 -6.59 -6.64 -12.77
CA ARG D 246 -5.42 -6.02 -13.39
C ARG D 246 -5.32 -6.60 -14.80
N ILE D 247 -5.50 -7.91 -14.90
CA ILE D 247 -5.42 -8.61 -16.17
C ILE D 247 -6.47 -8.12 -17.19
N ILE D 248 -7.74 -8.14 -16.84
CA ILE D 248 -8.73 -7.69 -17.82
C ILE D 248 -8.44 -6.25 -18.20
N ARG D 249 -8.17 -5.42 -17.20
CA ARG D 249 -7.86 -4.00 -17.38
C ARG D 249 -6.56 -3.69 -18.13
N GLU D 250 -5.46 -4.33 -17.72
CA GLU D 250 -4.15 -4.11 -18.33
C GLU D 250 -3.53 -5.29 -19.05
N GLY D 251 -4.13 -6.46 -18.91
CA GLY D 251 -3.59 -7.65 -19.55
C GLY D 251 -3.13 -7.54 -21.00
N ASN D 252 -2.09 -8.30 -21.34
CA ASN D 252 -1.55 -8.33 -22.69
C ASN D 252 -2.50 -9.21 -23.52
N VAL D 253 -2.89 -8.74 -24.70
CA VAL D 253 -3.80 -9.53 -25.52
C VAL D 253 -3.05 -10.49 -26.44
N LYS D 254 -3.50 -11.74 -26.51
CA LYS D 254 -2.87 -12.76 -27.35
C LYS D 254 -3.90 -13.66 -27.99
N HIS D 255 -3.61 -14.14 -29.19
CA HIS D 255 -4.54 -15.02 -29.90
C HIS D 255 -3.88 -16.34 -30.32
N ASP D 256 -4.57 -17.45 -30.08
CA ASP D 256 -4.08 -18.78 -30.40
C ASP D 256 -3.96 -18.98 -31.90
N ARG D 257 -3.67 -20.22 -32.28
CA ARG D 257 -3.57 -20.61 -33.67
C ARG D 257 -5.00 -20.98 -34.05
N THR D 258 -5.78 -21.29 -33.02
CA THR D 258 -7.18 -21.66 -33.19
C THR D 258 -8.00 -20.39 -33.25
N GLY D 259 -7.41 -19.29 -32.78
CA GLY D 259 -8.12 -18.03 -32.78
C GLY D 259 -8.74 -17.74 -31.42
N VAL D 260 -8.35 -18.51 -30.41
CA VAL D 260 -8.87 -18.31 -29.07
C VAL D 260 -8.06 -17.27 -28.31
N GLY D 261 -8.65 -16.11 -28.08
CA GLY D 261 -7.95 -15.04 -27.41
C GLY D 261 -7.93 -15.01 -25.90
N THR D 262 -6.88 -14.41 -25.35
CA THR D 262 -6.69 -14.24 -23.91
C THR D 262 -6.00 -12.91 -23.61
N LEU D 263 -6.08 -12.50 -22.35
CA LEU D 263 -5.44 -11.28 -21.85
C LEU D 263 -4.58 -11.84 -20.74
N SER D 264 -3.31 -11.47 -20.72
CA SER D 264 -2.44 -12.04 -19.70
C SER D 264 -1.39 -11.11 -19.18
N ILE D 265 -0.86 -11.50 -18.03
CA ILE D 265 0.21 -10.80 -17.35
C ILE D 265 1.11 -11.96 -16.91
N PHE D 266 2.35 -11.67 -16.55
CA PHE D 266 3.29 -12.73 -16.17
C PHE D 266 3.85 -12.54 -14.78
N GLY D 267 3.96 -13.63 -14.04
CA GLY D 267 4.47 -13.57 -12.68
C GLY D 267 3.49 -12.92 -11.73
N ALA D 268 3.15 -13.62 -10.65
CA ALA D 268 2.22 -13.10 -9.65
C ALA D 268 2.24 -14.05 -8.46
N GLN D 269 1.66 -13.63 -7.34
CA GLN D 269 1.67 -14.51 -6.18
C GLN D 269 0.59 -14.22 -5.14
N MET D 270 -0.13 -15.26 -4.76
CA MET D 270 -1.20 -15.18 -3.76
C MET D 270 -0.86 -16.12 -2.62
N ARG D 271 -1.46 -15.87 -1.46
CA ARG D 271 -1.20 -16.67 -0.29
C ARG D 271 -2.49 -16.82 0.51
N PHE D 272 -2.76 -18.04 0.93
CA PHE D 272 -3.97 -18.35 1.69
C PHE D 272 -3.66 -19.08 2.97
N SER D 273 -4.49 -18.85 3.99
CA SER D 273 -4.32 -19.52 5.26
C SER D 273 -5.18 -20.77 5.31
N LEU D 274 -4.59 -21.88 5.75
CA LEU D 274 -5.28 -23.16 5.89
C LEU D 274 -5.39 -23.52 7.38
N ARG D 275 -5.23 -22.52 8.23
CA ARG D 275 -5.31 -22.75 9.67
C ARG D 275 -6.69 -23.01 10.24
N ASN D 276 -6.71 -23.86 11.25
CA ASN D 276 -7.93 -24.15 11.98
C ASN D 276 -9.10 -24.56 11.11
N ASN D 277 -8.81 -25.43 10.17
CA ASN D 277 -9.85 -25.94 9.29
C ASN D 277 -10.32 -25.01 8.18
N ARG D 278 -9.77 -23.80 8.10
CA ARG D 278 -10.16 -22.85 7.05
C ARG D 278 -9.91 -23.41 5.64
N LEU D 279 -10.94 -23.41 4.81
CA LEU D 279 -10.78 -23.90 3.46
C LEU D 279 -11.02 -22.73 2.53
N PRO D 280 -9.98 -22.33 1.78
CA PRO D 280 -10.07 -21.22 0.84
C PRO D 280 -10.79 -21.52 -0.48
N LEU D 281 -12.09 -21.75 -0.41
CA LEU D 281 -12.91 -22.00 -1.58
C LEU D 281 -13.54 -20.66 -1.90
N LEU D 282 -13.02 -20.02 -2.95
CA LEU D 282 -13.48 -18.70 -3.38
C LEU D 282 -14.99 -18.69 -3.38
N THR D 283 -15.58 -17.58 -2.94
CA THR D 283 -17.02 -17.49 -2.85
C THR D 283 -17.73 -16.62 -3.90
N THR D 284 -17.02 -15.78 -4.65
CA THR D 284 -17.72 -14.96 -5.64
C THR D 284 -18.18 -15.85 -6.78
N LYS D 285 -17.77 -17.11 -6.74
CA LYS D 285 -18.13 -18.09 -7.76
C LYS D 285 -17.88 -19.50 -7.22
N ARG D 286 -18.91 -20.34 -7.23
CA ARG D 286 -18.80 -21.72 -6.73
C ARG D 286 -17.70 -22.50 -7.43
N VAL D 287 -17.13 -23.46 -6.71
CA VAL D 287 -16.05 -24.31 -7.21
C VAL D 287 -16.48 -25.78 -7.16
N PHE D 288 -16.03 -26.56 -8.14
CA PHE D 288 -16.38 -27.98 -8.21
C PHE D 288 -15.55 -28.75 -7.17
N TRP D 289 -15.93 -28.63 -5.90
CA TRP D 289 -15.23 -29.28 -4.80
C TRP D 289 -15.09 -30.79 -4.95
N ARG D 290 -16.17 -31.45 -5.32
CA ARG D 290 -16.16 -32.89 -5.48
C ARG D 290 -15.08 -33.29 -6.49
N GLY D 291 -15.02 -32.57 -7.62
CA GLY D 291 -14.02 -32.87 -8.64
C GLY D 291 -12.62 -32.52 -8.16
N VAL D 292 -12.51 -31.40 -7.45
CA VAL D 292 -11.22 -30.97 -6.91
C VAL D 292 -10.74 -32.15 -6.08
N CYS D 293 -11.61 -32.56 -5.16
CA CYS D 293 -11.31 -33.65 -4.23
C CYS D 293 -11.03 -35.02 -4.84
N GLU D 294 -11.72 -35.39 -5.91
CA GLU D 294 -11.49 -36.68 -6.55
C GLU D 294 -10.18 -36.61 -7.33
N GLU D 295 -10.04 -35.57 -8.13
CA GLU D 295 -8.83 -35.41 -8.92
C GLU D 295 -7.61 -35.48 -8.02
N LEU D 296 -7.65 -34.79 -6.89
CA LEU D 296 -6.52 -34.81 -5.98
C LEU D 296 -6.23 -36.23 -5.45
N LEU D 297 -7.27 -36.97 -5.10
CA LEU D 297 -7.08 -38.34 -4.61
C LEU D 297 -6.46 -39.14 -5.75
N TRP D 298 -7.01 -38.92 -6.95
CA TRP D 298 -6.58 -39.54 -8.19
C TRP D 298 -5.09 -39.24 -8.36
N PHE D 299 -4.67 -38.02 -8.00
CA PHE D 299 -3.26 -37.64 -8.12
C PHE D 299 -2.41 -38.41 -7.09
N LEU D 300 -2.73 -38.25 -5.80
CA LEU D 300 -1.98 -38.93 -4.76
C LEU D 300 -1.83 -40.41 -5.07
N ARG D 301 -2.90 -41.01 -5.59
CA ARG D 301 -2.90 -42.43 -5.93
C ARG D 301 -2.02 -42.82 -7.12
N GLY D 302 -1.38 -41.81 -7.74
CA GLY D 302 -0.51 -42.06 -8.88
C GLY D 302 -1.24 -42.49 -10.12
N GLU D 303 -2.55 -42.25 -10.13
CA GLU D 303 -3.41 -42.63 -11.25
C GLU D 303 -2.96 -42.02 -12.59
N THR D 304 -3.49 -42.56 -13.69
CA THR D 304 -3.17 -42.08 -15.03
C THR D 304 -4.35 -42.24 -16.00
N TYR D 305 -5.34 -43.03 -15.59
CA TYR D 305 -6.53 -43.33 -16.39
C TYR D 305 -7.64 -42.37 -16.00
N ALA D 306 -7.96 -41.43 -16.88
CA ALA D 306 -9.00 -40.44 -16.59
C ALA D 306 -10.41 -41.01 -16.40
N LYS D 307 -10.67 -42.18 -16.98
CA LYS D 307 -12.00 -42.78 -16.85
C LYS D 307 -12.41 -43.03 -15.39
N LYS D 308 -11.45 -43.37 -14.54
CA LYS D 308 -11.75 -43.59 -13.13
C LYS D 308 -12.35 -42.30 -12.59
N LEU D 309 -12.05 -41.20 -13.29
CA LEU D 309 -12.57 -39.90 -12.92
C LEU D 309 -13.90 -39.68 -13.63
N SER D 310 -13.95 -39.99 -14.91
CA SER D 310 -15.18 -39.81 -15.69
C SER D 310 -16.28 -40.68 -15.09
N ASP D 311 -15.89 -41.81 -14.52
CA ASP D 311 -16.82 -42.75 -13.90
C ASP D 311 -17.48 -42.16 -12.66
N LYS D 312 -16.92 -41.07 -12.15
CA LYS D 312 -17.48 -40.48 -10.95
C LYS D 312 -18.21 -39.16 -11.17
N GLY D 313 -18.65 -38.93 -12.41
CA GLY D 313 -19.36 -37.69 -12.70
C GLY D 313 -18.39 -36.53 -12.73
N VAL D 314 -17.15 -36.82 -13.10
CA VAL D 314 -16.10 -35.80 -13.20
C VAL D 314 -15.55 -35.93 -14.62
N HIS D 315 -15.98 -35.03 -15.51
CA HIS D 315 -15.57 -35.08 -16.92
C HIS D 315 -14.49 -34.07 -17.31
N ILE D 316 -13.80 -33.53 -16.30
CA ILE D 316 -12.75 -32.53 -16.50
C ILE D 316 -11.56 -32.99 -17.37
N TRP D 317 -11.32 -34.29 -17.44
CA TRP D 317 -10.22 -34.82 -18.24
C TRP D 317 -10.72 -35.38 -19.57
N ASP D 318 -12.02 -35.31 -19.80
CA ASP D 318 -12.60 -35.82 -21.03
C ASP D 318 -11.97 -35.24 -22.31
N ASP D 319 -12.06 -33.92 -22.49
CA ASP D 319 -11.51 -33.27 -23.69
C ASP D 319 -10.10 -33.71 -24.05
N ASN D 320 -9.31 -34.10 -23.05
CA ASN D 320 -7.95 -34.53 -23.31
C ASN D 320 -7.79 -36.03 -23.52
N GLY D 321 -8.61 -36.82 -22.83
CA GLY D 321 -8.52 -38.26 -22.97
C GLY D 321 -9.14 -38.81 -24.24
N SER D 322 -9.86 -37.97 -24.98
CA SER D 322 -10.54 -38.40 -26.21
C SER D 322 -9.59 -39.07 -27.21
N ARG D 323 -10.17 -39.88 -28.10
CA ARG D 323 -9.39 -40.58 -29.10
C ARG D 323 -8.70 -39.57 -30.03
N ALA D 324 -9.46 -38.59 -30.48
CA ALA D 324 -8.95 -37.55 -31.37
C ALA D 324 -7.71 -36.88 -30.80
N PHE D 325 -7.86 -36.33 -29.60
CA PHE D 325 -6.77 -35.63 -28.93
C PHE D 325 -5.55 -36.53 -28.72
N LEU D 326 -5.80 -37.73 -28.18
CA LEU D 326 -4.75 -38.70 -27.92
C LEU D 326 -3.97 -38.97 -29.19
N ASP D 327 -4.69 -39.21 -30.28
CA ASP D 327 -4.06 -39.45 -31.57
C ASP D 327 -3.33 -38.16 -31.92
N SER D 328 -4.05 -37.05 -31.75
CA SER D 328 -3.52 -35.73 -32.04
C SER D 328 -2.14 -35.43 -31.44
N ARG D 329 -1.80 -36.11 -30.34
CA ARG D 329 -0.51 -35.92 -29.65
C ARG D 329 0.52 -36.98 -30.01
N GLY D 330 0.16 -37.87 -30.94
CA GLY D 330 1.07 -38.93 -31.35
C GLY D 330 0.93 -40.17 -30.49
N LEU D 331 0.03 -40.11 -29.52
CA LEU D 331 -0.21 -41.22 -28.61
C LEU D 331 -1.35 -42.08 -29.17
N THR D 332 -1.01 -42.96 -30.10
CA THR D 332 -2.02 -43.81 -30.74
C THR D 332 -2.17 -45.15 -30.05
N GLU D 333 -1.19 -45.54 -29.27
CA GLU D 333 -1.24 -46.81 -28.56
C GLU D 333 -1.93 -46.70 -27.19
N TYR D 334 -2.60 -45.57 -26.96
CA TYR D 334 -3.28 -45.33 -25.69
C TYR D 334 -4.79 -45.58 -25.71
N GLU D 335 -5.24 -46.42 -24.78
CA GLU D 335 -6.66 -46.70 -24.65
C GLU D 335 -7.31 -45.35 -24.39
N GLU D 336 -8.51 -45.17 -24.91
CA GLU D 336 -9.27 -43.95 -24.72
C GLU D 336 -9.18 -43.55 -23.24
N MET D 337 -8.86 -42.28 -22.99
CA MET D 337 -8.74 -41.75 -21.64
C MET D 337 -7.46 -42.09 -20.89
N ASP D 338 -6.53 -42.80 -21.52
CA ASP D 338 -5.26 -43.12 -20.86
C ASP D 338 -4.33 -41.95 -21.18
N LEU D 339 -4.01 -41.16 -20.17
CA LEU D 339 -3.21 -39.96 -20.34
C LEU D 339 -1.70 -40.10 -20.44
N GLY D 340 -1.14 -41.24 -20.04
CA GLY D 340 0.30 -41.39 -20.07
C GLY D 340 0.89 -41.07 -18.71
N PRO D 341 2.22 -40.97 -18.57
CA PRO D 341 2.89 -40.67 -17.29
C PRO D 341 2.72 -39.24 -16.78
N VAL D 342 1.46 -38.79 -16.74
CA VAL D 342 1.09 -37.44 -16.30
C VAL D 342 1.02 -37.26 -14.77
N TYR D 343 0.80 -36.02 -14.34
CA TYR D 343 0.70 -35.66 -12.93
C TYR D 343 1.13 -36.72 -11.91
N GLY D 344 0.17 -37.14 -11.07
CA GLY D 344 0.41 -38.13 -10.03
C GLY D 344 1.37 -39.27 -10.36
N PHE D 345 1.38 -39.72 -11.62
CA PHE D 345 2.29 -40.79 -12.03
C PHE D 345 3.72 -40.39 -11.75
N GLN D 346 4.06 -39.14 -12.02
CA GLN D 346 5.41 -38.65 -11.75
C GLN D 346 5.67 -38.49 -10.26
N TRP D 347 4.72 -37.92 -9.51
CA TRP D 347 4.94 -37.74 -8.07
C TRP D 347 5.23 -39.07 -7.37
N ARG D 348 4.54 -40.14 -7.75
CA ARG D 348 4.75 -41.45 -7.13
C ARG D 348 5.71 -42.37 -7.88
N HIS D 349 5.86 -42.18 -9.19
CA HIS D 349 6.75 -43.02 -9.98
C HIS D 349 7.55 -42.17 -10.97
N PHE D 350 8.18 -41.11 -10.46
CA PHE D 350 8.95 -40.23 -11.32
C PHE D 350 10.01 -41.01 -12.09
N GLY D 351 10.07 -40.77 -13.38
CA GLY D 351 11.06 -41.45 -14.19
C GLY D 351 10.68 -42.84 -14.63
N ALA D 352 9.71 -43.46 -13.96
CA ALA D 352 9.27 -44.80 -14.31
C ALA D 352 8.95 -44.91 -15.80
N ALA D 353 9.29 -46.05 -16.39
CA ALA D 353 9.01 -46.26 -17.81
C ALA D 353 7.53 -46.60 -17.93
N TYR D 354 6.77 -45.79 -18.69
CA TYR D 354 5.32 -45.99 -18.85
C TYR D 354 4.92 -46.80 -20.09
N THR D 355 3.86 -47.58 -19.93
CA THR D 355 3.33 -48.44 -20.99
C THR D 355 1.83 -48.17 -21.14
N HIS D 356 1.07 -48.61 -20.13
CA HIS D 356 -0.38 -48.42 -20.09
C HIS D 356 -0.82 -48.21 -18.65
N HIS D 357 -1.98 -47.62 -18.46
CA HIS D 357 -2.46 -47.39 -17.11
C HIS D 357 -2.48 -48.69 -16.29
N ASP D 358 -3.40 -49.60 -16.61
CA ASP D 358 -3.51 -50.86 -15.87
C ASP D 358 -2.22 -51.68 -15.65
N ALA D 359 -1.07 -51.15 -16.07
CA ALA D 359 0.19 -51.86 -15.87
C ALA D 359 0.48 -51.84 -14.38
N ASN D 360 1.67 -52.25 -13.96
CA ASN D 360 2.01 -52.26 -12.54
C ASN D 360 3.29 -51.50 -12.25
N TYR D 361 3.17 -50.32 -11.66
CA TYR D 361 4.33 -49.48 -11.37
C TYR D 361 4.86 -49.48 -9.93
N ASP D 362 4.44 -50.44 -9.12
CA ASP D 362 4.91 -50.51 -7.74
C ASP D 362 6.41 -50.61 -7.70
N GLY D 363 7.06 -49.73 -6.94
CA GLY D 363 8.50 -49.74 -6.83
C GLY D 363 9.26 -49.07 -7.96
N GLN D 364 8.58 -48.75 -9.05
CA GLN D 364 9.22 -48.10 -10.21
C GLN D 364 9.26 -46.59 -10.05
N GLY D 365 10.42 -45.99 -10.34
CA GLY D 365 10.53 -44.55 -10.23
C GLY D 365 10.70 -44.10 -8.81
N VAL D 366 10.81 -42.80 -8.60
CA VAL D 366 10.99 -42.25 -7.27
C VAL D 366 9.64 -41.91 -6.65
N ASP D 367 9.42 -42.39 -5.43
CA ASP D 367 8.18 -42.08 -4.76
C ASP D 367 8.48 -40.82 -3.93
N GLN D 368 8.14 -39.68 -4.49
CA GLN D 368 8.39 -38.38 -3.87
C GLN D 368 7.51 -38.05 -2.66
N ILE D 369 6.21 -38.29 -2.79
CA ILE D 369 5.31 -37.99 -1.70
C ILE D 369 5.70 -38.80 -0.47
N LYS D 370 6.10 -40.04 -0.69
CA LYS D 370 6.48 -40.89 0.44
C LYS D 370 7.72 -40.33 1.11
N ALA D 371 8.71 -39.95 0.31
CA ALA D 371 9.96 -39.40 0.86
C ALA D 371 9.76 -38.06 1.59
N ILE D 372 9.05 -37.14 0.95
CA ILE D 372 8.79 -35.85 1.55
C ILE D 372 8.11 -36.09 2.89
N VAL D 373 7.03 -36.88 2.84
CA VAL D 373 6.24 -37.24 4.02
C VAL D 373 7.08 -37.82 5.16
N GLU D 374 8.21 -38.43 4.81
CA GLU D 374 9.09 -39.00 5.82
C GLU D 374 10.03 -37.91 6.36
N THR D 375 10.63 -37.15 5.45
CA THR D 375 11.53 -36.08 5.85
C THR D 375 10.78 -35.14 6.82
N LEU D 376 9.51 -34.89 6.53
CA LEU D 376 8.67 -34.01 7.35
C LEU D 376 8.56 -34.39 8.84
N LYS D 377 8.41 -35.69 9.10
CA LYS D 377 8.25 -36.19 10.47
C LYS D 377 9.55 -36.28 11.25
N THR D 378 10.64 -36.55 10.54
CA THR D 378 11.93 -36.65 11.19
C THR D 378 12.76 -35.37 11.14
N ASN D 379 12.85 -34.77 9.96
CA ASN D 379 13.64 -33.54 9.76
C ASN D 379 12.90 -32.48 8.95
N PRO D 380 11.86 -31.86 9.54
CA PRO D 380 11.00 -30.83 8.94
C PRO D 380 11.67 -29.55 8.42
N ASP D 381 12.89 -29.24 8.86
CA ASP D 381 13.50 -28.03 8.36
C ASP D 381 14.35 -28.27 7.13
N ASP D 382 14.23 -29.46 6.58
CA ASP D 382 14.99 -29.82 5.41
C ASP D 382 14.52 -28.89 4.29
N ARG D 383 15.45 -28.20 3.63
CA ARG D 383 15.09 -27.27 2.57
C ARG D 383 14.90 -27.91 1.19
N ARG D 384 14.74 -29.22 1.14
CA ARG D 384 14.61 -29.88 -0.13
C ARG D 384 13.36 -30.70 -0.32
N MET D 385 12.32 -30.38 0.43
CA MET D 385 11.10 -31.14 0.31
C MET D 385 10.16 -30.59 -0.73
N LEU D 386 10.29 -31.09 -1.95
CA LEU D 386 9.39 -30.67 -3.02
C LEU D 386 9.38 -31.71 -4.11
N PHE D 387 8.20 -32.01 -4.61
CA PHE D 387 8.05 -32.99 -5.65
C PHE D 387 7.69 -32.26 -6.95
N THR D 388 8.00 -32.88 -8.07
CA THR D 388 7.73 -32.29 -9.37
C THR D 388 7.06 -33.26 -10.31
N ALA D 389 6.24 -32.74 -11.21
CA ALA D 389 5.59 -33.57 -12.20
C ALA D 389 6.26 -33.28 -13.54
N TRP D 390 6.98 -32.18 -13.57
CA TRP D 390 7.69 -31.72 -14.77
C TRP D 390 8.94 -32.54 -15.12
N ASN D 391 8.74 -33.51 -16.01
CA ASN D 391 9.81 -34.39 -16.47
C ASN D 391 9.96 -34.23 -18.00
N PRO D 392 10.97 -33.47 -18.44
CA PRO D 392 11.16 -33.29 -19.88
C PRO D 392 11.22 -34.63 -20.59
N SER D 393 11.82 -35.62 -19.94
CA SER D 393 11.94 -36.96 -20.51
C SER D 393 10.60 -37.62 -20.80
N ALA D 394 9.53 -37.18 -20.13
CA ALA D 394 8.22 -37.81 -20.34
C ALA D 394 7.11 -36.96 -20.92
N LEU D 395 7.27 -35.64 -20.96
CA LEU D 395 6.21 -34.81 -21.51
C LEU D 395 5.62 -35.43 -22.77
N PRO D 396 6.50 -35.83 -23.73
CA PRO D 396 6.10 -36.44 -25.00
C PRO D 396 5.09 -37.58 -24.91
N ARG D 397 5.08 -38.30 -23.78
CA ARG D 397 4.16 -39.41 -23.60
C ARG D 397 2.89 -39.02 -22.83
N MET D 398 2.82 -37.76 -22.42
CA MET D 398 1.67 -37.26 -21.67
C MET D 398 0.63 -36.62 -22.60
N ALA D 399 -0.64 -36.66 -22.20
CA ALA D 399 -1.69 -36.04 -22.99
C ALA D 399 -1.27 -34.58 -23.19
N LEU D 400 -0.85 -33.94 -22.11
CA LEU D 400 -0.37 -32.57 -22.11
C LEU D 400 0.50 -32.47 -20.87
N PRO D 401 1.53 -31.61 -20.91
CA PRO D 401 2.40 -31.48 -19.73
C PRO D 401 1.61 -31.00 -18.52
N PRO D 402 2.16 -31.22 -17.31
CA PRO D 402 1.45 -30.78 -16.11
C PRO D 402 1.35 -29.25 -16.11
N CYS D 403 0.20 -28.72 -15.68
CA CYS D 403 0.00 -27.27 -15.60
C CYS D 403 0.62 -26.81 -14.27
N HIS D 404 0.26 -27.49 -13.19
CA HIS D 404 0.82 -27.17 -11.90
C HIS D 404 1.92 -28.19 -11.71
N LEU D 405 3.13 -27.81 -12.15
CA LEU D 405 4.32 -28.64 -12.16
C LEU D 405 5.05 -29.05 -10.86
N LEU D 406 5.23 -28.11 -9.93
CA LEU D 406 5.90 -28.50 -8.69
C LEU D 406 5.41 -27.74 -7.45
N ALA D 407 5.68 -28.33 -6.28
CA ALA D 407 5.32 -27.75 -4.98
C ALA D 407 6.42 -28.09 -3.97
N GLN D 408 6.74 -27.13 -3.10
CA GLN D 408 7.76 -27.31 -2.07
C GLN D 408 7.06 -27.09 -0.76
N PHE D 409 7.50 -27.80 0.27
CA PHE D 409 6.90 -27.64 1.58
C PHE D 409 7.86 -26.96 2.52
N TYR D 410 7.33 -26.41 3.60
CA TYR D 410 8.12 -25.70 4.59
C TYR D 410 7.35 -25.92 5.87
N VAL D 411 8.07 -25.97 6.98
CA VAL D 411 7.46 -26.20 8.27
C VAL D 411 7.81 -25.12 9.28
N SER D 412 6.80 -24.56 9.93
CA SER D 412 7.03 -23.54 10.95
C SER D 412 6.09 -23.78 12.13
N ASN D 413 6.69 -23.87 13.32
CA ASN D 413 5.93 -24.06 14.56
C ASN D 413 4.95 -25.23 14.53
N GLY D 414 5.30 -26.26 13.76
CA GLY D 414 4.44 -27.43 13.66
C GLY D 414 3.40 -27.29 12.56
N GLU D 415 3.36 -26.12 11.93
CA GLU D 415 2.42 -25.87 10.84
C GLU D 415 3.09 -26.20 9.51
N LEU D 416 2.35 -26.82 8.62
CA LEU D 416 2.88 -27.18 7.32
C LEU D 416 2.46 -26.17 6.26
N SER D 417 3.42 -25.51 5.62
CA SER D 417 3.10 -24.58 4.55
C SER D 417 3.42 -25.23 3.20
N CYS D 418 2.73 -24.80 2.15
CA CYS D 418 2.99 -25.36 0.83
C CYS D 418 3.12 -24.29 -0.27
N MET D 419 4.16 -24.43 -1.10
CA MET D 419 4.41 -23.51 -2.20
C MET D 419 4.08 -24.20 -3.51
N LEU D 420 3.30 -23.55 -4.35
CA LEU D 420 2.88 -24.09 -5.65
C LEU D 420 3.42 -23.29 -6.84
N TYR D 421 3.75 -23.99 -7.92
CA TYR D 421 4.23 -23.32 -9.12
C TYR D 421 3.48 -23.85 -10.35
N GLN D 422 2.69 -22.98 -10.97
CA GLN D 422 1.90 -23.35 -12.15
C GLN D 422 2.37 -22.51 -13.35
N ARG D 423 2.78 -23.16 -14.43
CA ARG D 423 3.28 -22.45 -15.61
C ARG D 423 2.21 -21.67 -16.36
N SER D 424 1.00 -22.19 -16.36
CA SER D 424 -0.08 -21.54 -17.08
C SER D 424 -1.31 -21.67 -16.22
N CYS D 425 -2.11 -20.61 -16.12
CA CYS D 425 -3.31 -20.66 -15.28
C CYS D 425 -4.53 -19.92 -15.82
N ASP D 426 -5.61 -20.66 -16.01
CA ASP D 426 -6.86 -20.07 -16.45
C ASP D 426 -7.48 -19.45 -15.22
N MET D 427 -7.36 -18.14 -15.07
CA MET D 427 -7.91 -17.46 -13.91
C MET D 427 -9.37 -17.84 -13.69
N GLY D 428 -10.13 -17.80 -14.79
CA GLY D 428 -11.55 -18.11 -14.76
C GLY D 428 -12.04 -19.39 -14.10
N LEU D 429 -11.71 -20.54 -14.66
CA LEU D 429 -12.18 -21.79 -14.08
C LEU D 429 -11.08 -22.63 -13.43
N GLY D 430 -9.86 -22.49 -13.94
CA GLY D 430 -8.72 -23.23 -13.45
C GLY D 430 -8.12 -22.81 -12.12
N VAL D 431 -7.70 -21.56 -12.00
CA VAL D 431 -7.07 -21.06 -10.76
C VAL D 431 -7.85 -21.28 -9.46
N PRO D 432 -9.18 -21.10 -9.47
CA PRO D 432 -9.93 -21.32 -8.24
C PRO D 432 -9.97 -22.81 -7.91
N PHE D 433 -9.91 -23.62 -8.96
CA PHE D 433 -9.90 -25.08 -8.84
C PHE D 433 -8.56 -25.58 -8.28
N ASN D 434 -7.47 -24.94 -8.72
CA ASN D 434 -6.12 -25.30 -8.28
C ASN D 434 -5.83 -24.86 -6.86
N ILE D 435 -6.32 -23.67 -6.49
CA ILE D 435 -6.11 -23.19 -5.12
C ILE D 435 -6.69 -24.23 -4.17
N ALA D 436 -7.85 -24.78 -4.54
CA ALA D 436 -8.48 -25.79 -3.73
C ALA D 436 -7.66 -27.08 -3.70
N SER D 437 -7.26 -27.57 -4.87
CA SER D 437 -6.45 -28.78 -4.94
C SER D 437 -5.33 -28.84 -3.92
N TYR D 438 -4.39 -27.90 -4.01
CA TYR D 438 -3.26 -27.85 -3.10
C TYR D 438 -3.63 -27.43 -1.68
N ALA D 439 -4.80 -26.83 -1.53
CA ALA D 439 -5.25 -26.49 -0.19
C ALA D 439 -5.51 -27.87 0.47
N LEU D 440 -6.21 -28.74 -0.25
CA LEU D 440 -6.54 -30.09 0.25
C LEU D 440 -5.34 -31.02 0.32
N LEU D 441 -4.35 -30.78 -0.51
CA LEU D 441 -3.15 -31.59 -0.48
C LEU D 441 -2.32 -31.26 0.74
N THR D 442 -2.11 -29.98 1.02
CA THR D 442 -1.29 -29.65 2.18
C THR D 442 -1.90 -30.16 3.49
N ILE D 443 -3.23 -30.15 3.56
CA ILE D 443 -3.95 -30.61 4.75
C ILE D 443 -3.79 -32.12 4.90
N LEU D 444 -3.87 -32.85 3.79
CA LEU D 444 -3.72 -34.30 3.86
C LEU D 444 -2.29 -34.67 4.25
N ILE D 445 -1.32 -33.91 3.75
CA ILE D 445 0.09 -34.16 4.06
C ILE D 445 0.33 -33.88 5.53
N ALA D 446 -0.25 -32.77 6.00
CA ALA D 446 -0.13 -32.39 7.40
C ALA D 446 -0.64 -33.54 8.26
N LYS D 447 -1.82 -34.03 7.91
CA LYS D 447 -2.44 -35.13 8.63
C LYS D 447 -1.54 -36.38 8.58
N ALA D 448 -0.77 -36.54 7.50
CA ALA D 448 0.11 -37.68 7.35
C ALA D 448 1.42 -37.51 8.11
N THR D 449 1.79 -36.27 8.41
CA THR D 449 3.03 -36.00 9.11
C THR D 449 2.84 -35.43 10.51
N GLY D 450 1.65 -35.64 11.07
CA GLY D 450 1.37 -35.17 12.41
C GLY D 450 1.63 -33.69 12.57
N LEU D 451 1.30 -32.93 11.53
CA LEU D 451 1.49 -31.50 11.58
C LEU D 451 0.13 -30.88 11.36
N ARG D 452 0.08 -29.56 11.40
CA ARG D 452 -1.16 -28.85 11.20
C ARG D 452 -1.01 -27.96 9.99
N PRO D 453 -2.10 -27.78 9.23
CA PRO D 453 -2.07 -26.93 8.04
C PRO D 453 -1.52 -25.52 8.38
N GLY D 454 -0.63 -25.02 7.51
CA GLY D 454 -0.06 -23.69 7.69
C GLY D 454 -0.69 -22.78 6.65
N GLU D 455 0.08 -22.39 5.65
CA GLU D 455 -0.41 -21.52 4.56
C GLU D 455 -0.15 -22.15 3.20
N LEU D 456 -0.97 -21.78 2.21
CA LEU D 456 -0.76 -22.27 0.85
C LEU D 456 -0.22 -21.09 0.02
N VAL D 457 0.96 -21.26 -0.60
CA VAL D 457 1.52 -20.17 -1.39
C VAL D 457 1.37 -20.49 -2.87
N HIS D 458 0.62 -19.66 -3.58
CA HIS D 458 0.41 -19.91 -4.98
C HIS D 458 1.24 -18.98 -5.82
N THR D 459 2.00 -19.55 -6.74
CA THR D 459 2.84 -18.78 -7.63
C THR D 459 2.30 -19.00 -9.03
N LEU D 460 1.89 -17.90 -9.64
CA LEU D 460 1.33 -17.87 -10.97
C LEU D 460 2.38 -17.50 -12.01
N GLY D 461 2.45 -18.26 -13.10
CA GLY D 461 3.40 -17.95 -14.17
C GLY D 461 2.66 -17.10 -15.19
N ASP D 462 2.21 -17.74 -16.27
CA ASP D 462 1.46 -17.06 -17.32
C ASP D 462 -0.02 -17.04 -16.88
N ALA D 463 -0.45 -15.89 -16.37
CA ALA D 463 -1.82 -15.73 -15.90
C ALA D 463 -2.72 -15.13 -16.97
N HIS D 464 -3.63 -15.95 -17.48
CA HIS D 464 -4.55 -15.48 -18.50
C HIS D 464 -6.02 -15.64 -18.14
N VAL D 465 -6.84 -14.74 -18.68
CA VAL D 465 -8.28 -14.76 -18.51
C VAL D 465 -8.64 -14.92 -19.96
N TYR D 466 -9.57 -15.80 -20.29
CA TYR D 466 -9.95 -15.98 -21.69
C TYR D 466 -10.81 -14.83 -22.22
N SER D 467 -10.63 -14.46 -23.49
CA SER D 467 -11.40 -13.35 -24.08
C SER D 467 -12.89 -13.45 -23.77
N ASN D 468 -13.48 -14.61 -24.03
CA ASN D 468 -14.90 -14.86 -23.78
C ASN D 468 -15.31 -14.90 -22.31
N HIS D 469 -14.37 -14.61 -21.40
CA HIS D 469 -14.67 -14.61 -19.98
C HIS D 469 -14.69 -13.19 -19.43
N VAL D 470 -14.34 -12.23 -20.28
CA VAL D 470 -14.32 -10.83 -19.84
C VAL D 470 -15.66 -10.40 -19.28
N GLU D 471 -16.73 -10.57 -20.06
CA GLU D 471 -18.05 -10.18 -19.59
C GLU D 471 -18.45 -10.83 -18.25
N PRO D 472 -18.43 -12.17 -18.18
CA PRO D 472 -18.80 -12.83 -16.92
C PRO D 472 -17.91 -12.52 -15.70
N CYS D 473 -16.59 -12.58 -15.85
CA CYS D 473 -15.71 -12.28 -14.71
C CYS D 473 -15.88 -10.82 -14.29
N ASN D 474 -16.17 -9.96 -15.26
CA ASN D 474 -16.38 -8.55 -14.96
C ASN D 474 -17.57 -8.34 -14.03
N GLU D 475 -18.50 -9.29 -14.02
CA GLU D 475 -19.67 -9.20 -13.15
C GLU D 475 -19.35 -9.84 -11.81
N GLN D 476 -18.45 -10.82 -11.83
CA GLN D 476 -18.05 -11.52 -10.62
C GLN D 476 -17.17 -10.61 -9.76
N LEU D 477 -16.41 -9.72 -10.43
CA LEU D 477 -15.52 -8.77 -9.75
C LEU D 477 -16.31 -7.75 -8.97
N LYS D 478 -17.61 -7.68 -9.22
CA LYS D 478 -18.47 -6.74 -8.53
C LYS D 478 -18.78 -7.21 -7.12
N ARG D 479 -19.05 -8.50 -6.97
CA ARG D 479 -19.39 -9.05 -5.65
C ARG D 479 -18.24 -8.92 -4.66
N VAL D 480 -18.58 -8.75 -3.39
CA VAL D 480 -17.60 -8.63 -2.32
C VAL D 480 -17.38 -10.00 -1.70
N PRO D 481 -16.15 -10.53 -1.80
CA PRO D 481 -15.84 -11.85 -1.25
C PRO D 481 -16.35 -12.04 0.17
N ARG D 482 -16.84 -13.24 0.48
CA ARG D 482 -17.34 -13.53 1.81
C ARG D 482 -16.32 -14.34 2.62
N ALA D 483 -16.72 -14.73 3.82
CA ALA D 483 -15.84 -15.51 4.69
C ALA D 483 -15.67 -16.91 4.09
N PHE D 484 -14.47 -17.44 4.20
CA PHE D 484 -14.20 -18.78 3.67
C PHE D 484 -14.89 -19.83 4.54
N PRO D 485 -15.12 -21.03 3.98
CA PRO D 485 -15.78 -22.10 4.75
C PRO D 485 -14.72 -22.92 5.49
N TYR D 486 -15.03 -24.17 5.79
CA TYR D 486 -14.09 -25.04 6.48
C TYR D 486 -14.22 -26.48 5.99
N LEU D 487 -13.19 -27.28 6.25
CA LEU D 487 -13.15 -28.69 5.86
C LEU D 487 -12.98 -29.62 7.07
N VAL D 488 -13.84 -30.62 7.21
CA VAL D 488 -13.74 -31.56 8.34
C VAL D 488 -13.70 -32.99 7.84
N PHE D 489 -13.22 -33.89 8.69
CA PHE D 489 -13.11 -35.30 8.32
C PHE D 489 -14.07 -36.18 9.11
N ARG D 490 -15.09 -36.72 8.41
CA ARG D 490 -16.10 -37.59 9.03
C ARG D 490 -15.38 -38.73 9.71
N ARG D 491 -14.57 -39.43 8.92
CA ARG D 491 -13.78 -40.54 9.40
C ARG D 491 -12.38 -40.36 8.84
N GLU D 492 -11.45 -41.16 9.34
CA GLU D 492 -10.07 -41.09 8.85
C GLU D 492 -9.76 -42.39 8.11
N ARG D 493 -8.51 -42.54 7.71
CA ARG D 493 -8.13 -43.75 6.99
C ARG D 493 -6.84 -44.28 7.61
N GLU D 494 -6.38 -45.40 7.07
CA GLU D 494 -5.16 -46.03 7.55
C GLU D 494 -4.02 -45.63 6.62
N PHE D 495 -4.31 -45.62 5.32
CA PHE D 495 -3.33 -45.23 4.33
C PHE D 495 -3.83 -44.00 3.58
N LEU D 496 -2.93 -43.09 3.25
CA LEU D 496 -3.31 -41.90 2.51
C LEU D 496 -3.98 -42.26 1.18
N GLU D 497 -3.57 -43.35 0.56
CA GLU D 497 -4.17 -43.76 -0.71
C GLU D 497 -5.61 -44.26 -0.57
N ASP D 498 -6.04 -44.50 0.67
CA ASP D 498 -7.38 -45.01 0.89
C ASP D 498 -8.50 -43.98 1.10
N TYR D 499 -8.14 -42.70 1.10
CA TYR D 499 -9.10 -41.62 1.31
C TYR D 499 -10.12 -41.47 0.23
N GLU D 500 -11.33 -41.10 0.64
CA GLU D 500 -12.41 -40.94 -0.31
C GLU D 500 -13.12 -39.61 -0.18
N GLU D 501 -13.58 -39.07 -1.31
CA GLU D 501 -14.28 -37.78 -1.32
C GLU D 501 -15.38 -37.71 -0.26
N GLY D 502 -15.77 -38.86 0.27
CA GLY D 502 -16.79 -38.90 1.30
C GLY D 502 -16.27 -38.87 2.73
N ASP D 503 -14.94 -38.90 2.90
CA ASP D 503 -14.32 -38.88 4.23
C ASP D 503 -14.21 -37.47 4.78
N MET D 504 -14.44 -36.49 3.92
CA MET D 504 -14.33 -35.09 4.30
C MET D 504 -15.58 -34.36 3.84
N GLU D 505 -15.89 -33.25 4.48
CA GLU D 505 -17.08 -32.47 4.14
C GLU D 505 -16.84 -30.96 4.29
N VAL D 506 -17.30 -30.19 3.33
CA VAL D 506 -17.18 -28.72 3.36
C VAL D 506 -18.43 -28.18 4.04
N ILE D 507 -18.23 -27.46 5.15
CA ILE D 507 -19.34 -26.90 5.91
C ILE D 507 -19.31 -25.38 5.86
N ASP D 508 -20.49 -24.76 6.00
CA ASP D 508 -20.58 -23.30 6.00
C ASP D 508 -20.00 -22.60 4.75
N TYR D 509 -20.35 -23.12 3.57
CA TYR D 509 -19.90 -22.54 2.30
C TYR D 509 -21.11 -21.78 1.77
N ALA D 510 -20.96 -20.47 1.58
CA ALA D 510 -22.06 -19.63 1.11
C ALA D 510 -21.72 -18.83 -0.13
N PRO D 511 -21.42 -19.53 -1.25
CA PRO D 511 -21.07 -18.86 -2.50
C PRO D 511 -22.21 -18.06 -3.12
N TYR D 512 -21.84 -17.09 -3.95
CA TYR D 512 -22.81 -16.26 -4.65
C TYR D 512 -23.46 -17.05 -5.79
N PRO D 513 -24.68 -16.66 -6.18
CA PRO D 513 -25.41 -17.35 -7.26
C PRO D 513 -24.55 -17.47 -8.50
N PRO D 514 -24.81 -18.49 -9.35
CA PRO D 514 -24.03 -18.64 -10.57
C PRO D 514 -24.25 -17.39 -11.41
N ILE D 515 -23.97 -17.48 -12.71
CA ILE D 515 -24.19 -16.35 -13.59
C ILE D 515 -24.03 -16.75 -15.05
N1 1CY E . 13.95 -17.67 32.45
C2 1CY E . 13.10 -16.89 31.90
N3 1CY E . 11.96 -16.58 32.36
C4 1CY E . 11.51 -17.00 33.47
N5 1CY E . 12.27 -17.85 34.26
C6 1CY E . 13.62 -18.29 33.76
N7 1CY E . 13.44 -16.37 30.73
N8 1CY E . 10.30 -16.55 33.83
C9 1CY E . 14.75 -17.89 34.74
C10 1CY E . 13.67 -19.81 33.50
C11 1CY E . 11.70 -18.19 35.49
C12 1CY E . 11.84 -17.33 36.57
C13 1CY E . 11.28 -17.64 37.80
C14 1CY E . 10.59 -18.81 37.95
C15 1CY E . 10.43 -19.68 36.89
C16 1CY E . 10.99 -19.37 35.65
CL17 1CY E . 9.92 -19.18 39.46
PA NDP F . 1.49 -22.55 36.46
O1A NDP F . 0.84 -21.88 35.39
O2A NDP F . 2.74 -22.02 37.09
O5B NDP F . 0.36 -22.68 37.66
C5B NDP F . -0.96 -23.04 37.29
C4B NDP F . -1.77 -22.73 38.53
O4B NDP F . -1.95 -21.26 38.54
C3B NDP F . -3.12 -23.28 38.65
O3B NDP F . -3.26 -24.69 38.87
C2B NDP F . -3.87 -22.35 39.51
O2B NDP F . -3.67 -22.42 40.93
C1B NDP F . -3.34 -21.07 38.88
N9A NDP F . -4.20 -20.49 37.80
C8A NDP F . -3.93 -20.34 36.42
N7A NDP F . -4.96 -19.80 35.79
C5A NDP F . -5.93 -19.58 36.73
C6A NDP F . -7.24 -19.04 36.70
N6A NDP F . -7.77 -18.61 35.57
N1A NDP F . -7.96 -18.95 37.87
C2A NDP F . -7.41 -19.39 39.04
N3A NDP F . -6.19 -19.92 39.18
C4A NDP F . -5.48 -19.99 37.96
O3 NDP F . 1.76 -24.06 36.17
PN NDP F . 1.85 -25.04 34.92
O1N NDP F . 1.74 -26.42 35.43
O2N NDP F . 0.90 -24.48 33.90
O5D NDP F . 3.32 -24.63 34.43
C5D NDP F . 4.48 -24.92 35.27
C4D NDP F . 5.52 -25.64 34.36
O4D NDP F . 6.07 -24.63 33.56
C3D NDP F . 6.70 -26.17 35.19
O3D NDP F . 7.20 -27.40 34.64
C2D NDP F . 7.71 -25.05 35.27
O2D NDP F . 9.02 -25.57 35.43
C1D NDP F . 7.48 -24.48 33.80
N1N NDP F . 7.80 -23.05 33.71
C2N NDP F . 8.76 -22.75 32.73
C3N NDP F . 9.10 -21.35 32.58
C7N NDP F . 10.11 -20.97 31.58
O7N NDP F . 10.47 -19.78 31.37
N7N NDP F . 10.71 -21.92 30.82
C4N NDP F . 8.46 -20.41 33.39
C5N NDP F . 7.51 -20.73 34.35
C6N NDP F . 7.17 -22.06 34.50
P2B NDP F . -4.41 -23.39 41.85
O1X NDP F . -3.95 -22.98 43.18
O2X NDP F . -4.01 -24.78 41.51
O3X NDP F . -5.91 -23.20 41.69
P PO4 G . 6.08 30.22 12.52
O1 PO4 G . 5.21 29.02 11.87
O2 PO4 G . 6.96 30.83 11.36
O3 PO4 G . 5.12 31.30 13.08
O4 PO4 G . 6.99 29.60 13.63
P PO4 H . -24.62 21.26 8.65
O1 PO4 H . -24.35 22.70 7.99
O2 PO4 H . -23.55 21.07 9.80
O3 PO4 H . -26.06 21.23 9.22
O4 PO4 H . -24.42 20.14 7.56
N1 1CY I . -9.53 3.07 -38.15
C2 1CY I . -9.07 3.58 -37.08
N3 1CY I . -8.35 4.62 -36.99
C4 1CY I . -8.01 5.34 -37.99
N5 1CY I . -8.41 4.98 -39.28
C6 1CY I . -9.26 3.76 -39.47
N7 1CY I . -9.36 2.94 -35.96
N8 1CY I . -7.25 6.42 -37.72
C9 1CY I . -10.62 4.09 -40.09
C10 1CY I . -8.53 2.68 -40.33
C11 1CY I . -8.01 5.85 -40.31
C12 1CY I . -8.79 6.96 -40.64
C13 1CY I . -8.40 7.80 -41.65
C14 1CY I . -7.25 7.56 -42.35
C15 1CY I . -6.46 6.47 -42.04
C16 1CY I . -6.84 5.62 -41.02
CL17 1CY I . -6.79 8.63 -43.62
PA NDP J . 2.51 9.44 -41.57
O1A NDP J . 1.34 9.18 -42.34
O2A NDP J . 2.44 10.27 -40.32
O5B NDP J . 3.53 10.17 -42.61
C5B NDP J . 4.72 10.73 -42.09
C4B NDP J . 4.78 12.08 -42.80
O4B NDP J . 4.14 13.03 -41.90
C3B NDP J . 6.12 12.63 -43.05
O3B NDP J . 6.94 12.03 -44.08
C2B NDP J . 5.99 14.08 -42.98
O2B NDP J . 5.60 14.80 -44.15
C1B NDP J . 5.03 14.14 -41.83
N9A NDP J . 5.68 14.33 -40.51
C8A NDP J . 5.84 13.41 -39.45
N7A NDP J . 6.46 13.97 -38.43
C5A NDP J . 6.73 15.26 -38.80
C6A NDP J . 7.37 16.35 -38.17
N6A NDP J . 7.87 16.22 -36.95
N1A NDP J . 7.48 17.53 -38.83
C2A NDP J . 6.97 17.66 -40.08
N3A NDP J . 6.34 16.69 -40.76
C4A NDP J . 6.26 15.50 -40.05
O3 NDP J . 3.34 8.13 -41.16
PN NDP J . 3.93 6.75 -41.75
O1N NDP J . 4.00 5.81 -40.64
O2N NDP J . 5.16 7.10 -42.54
O5D NDP J . 2.78 6.43 -42.82
C5D NDP J . 1.40 6.11 -42.41
C4D NDP J . 0.90 4.90 -43.24
O4D NDP J . 0.05 4.18 -42.39
C3D NDP J . 0.00 5.34 -44.42
O3D NDP J . 0.23 4.50 -45.55
C2D NDP J . -1.41 5.31 -43.91
O2D NDP J . -2.37 4.98 -44.92
C1D NDP J . -1.29 4.13 -42.86
N1N NDP J . -2.19 4.39 -41.70
C2N NDP J . -2.91 3.27 -41.21
C3N NDP J . -3.78 3.51 -40.07
C7N NDP J . -4.57 2.43 -39.49
O7N NDP J . -5.33 2.59 -38.50
N7N NDP J . -4.50 1.18 -40.00
C4N NDP J . -3.84 4.82 -39.55
C5N NDP J . -3.13 5.88 -40.04
C6N NDP J . -2.30 5.68 -41.11
P2B NDP J . 6.60 15.31 -45.21
O1X NDP J . 7.56 16.11 -44.42
O2X NDP J . 5.85 16.08 -46.22
O3X NDP J . 7.31 14.12 -45.84
N1 1CY K . 29.34 24.37 -10.08
C2 1CY K . 28.64 23.33 -10.27
N3 1CY K . 28.43 22.77 -11.39
C4 1CY K . 28.92 23.17 -12.48
N5 1CY K . 29.74 24.29 -12.51
C6 1CY K . 30.00 25.03 -11.23
N7 1CY K . 28.07 22.77 -9.18
N8 1CY K . 28.62 22.45 -13.57
C9 1CY K . 31.51 25.13 -10.89
C10 1CY K . 29.39 26.44 -11.27
C11 1CY K . 30.32 24.59 -13.76
C12 1CY K . 31.55 24.03 -14.09
C13 1CY K . 32.15 24.29 -15.29
C14 1CY K . 31.55 25.11 -16.19
C15 1CY K . 30.32 25.68 -15.88
C16 1CY K . 29.71 25.42 -14.67
CL17 1CY K . 32.31 25.42 -17.70
PA NDP L . 24.30 26.45 -22.92
O1A NDP L . 23.18 25.54 -22.81
O2A NDP L . 25.58 26.25 -22.17
O5B NDP L . 24.69 26.50 -24.52
C5B NDP L . 23.63 26.52 -25.46
C4B NDP L . 24.33 26.27 -26.77
O4B NDP L . 24.70 24.87 -26.75
C3B NDP L . 23.52 26.43 -28.00
O3B NDP L . 23.17 27.76 -28.42
C2B NDP L . 24.07 25.51 -28.98
O2B NDP L . 25.21 25.93 -29.72
C1B NDP L . 24.29 24.36 -28.04
N9A NDP L . 23.15 23.40 -28.00
C8A NDP L . 22.27 23.06 -26.94
N7A NDP L . 21.37 22.17 -27.34
C5A NDP L . 21.64 21.90 -28.64
C6A NDP L . 21.06 21.07 -29.61
N6A NDP L . 20.00 20.34 -29.31
N1A NDP L . 21.59 21.02 -30.88
C2A NDP L . 22.67 21.78 -31.18
N3A NDP L . 23.29 22.61 -30.33
C4A NDP L . 22.72 22.63 -29.06
O3 NDP L . 23.87 27.94 -22.64
PN NDP L . 22.70 28.77 -21.89
O1N NDP L . 21.47 27.99 -22.10
O2N NDP L . 22.84 30.21 -22.33
O5D NDP L . 23.31 28.72 -20.40
C5D NDP L . 24.76 28.76 -20.20
C4D NDP L . 25.09 30.02 -19.34
O4D NDP L . 24.87 29.60 -18.00
C3D NDP L . 26.60 30.37 -19.43
O3D NDP L . 26.79 31.77 -19.35
C2D NDP L . 27.26 29.60 -18.33
O2D NDP L . 28.42 30.22 -17.80
C1D NDP L . 26.08 29.56 -17.25
N1N NDP L . 26.10 28.28 -16.50
C2N NDP L . 25.80 28.39 -15.12
C3N NDP L . 25.79 27.15 -14.37
C7N NDP L . 25.48 27.17 -12.94
O7N NDP L . 25.46 26.12 -12.24
N7N NDP L . 25.22 28.33 -12.30
C4N NDP L . 26.07 25.93 -15.06
C5N NDP L . 26.36 25.86 -16.40
C6N NDP L . 26.37 27.02 -17.13
P2B NDP L . 25.16 26.78 -31.01
O1X NDP L . 24.32 25.99 -31.93
O2X NDP L . 24.56 28.11 -30.70
O3X NDP L . 26.60 26.93 -31.52
P PO4 M . -1.80 -24.54 -22.42
O1 PO4 M . -1.74 -26.10 -22.82
O2 PO4 M . -0.46 -24.20 -21.66
O3 PO4 M . -1.92 -23.71 -23.74
O4 PO4 M . -3.02 -24.32 -21.48
N1 1CY N . -35.02 -9.79 15.30
C2 1CY N . -33.82 -10.07 15.03
N3 1CY N . -33.08 -10.91 15.63
C4 1CY N . -33.48 -11.60 16.63
N5 1CY N . -34.77 -11.46 17.10
C6 1CY N . -35.69 -10.48 16.44
N7 1CY N . -33.29 -9.41 14.00
N8 1CY N . -32.59 -12.45 17.15
C9 1CY N . -36.94 -11.18 15.84
C10 1CY N . -36.14 -9.36 17.42
C11 1CY N . -35.12 -12.30 18.16
C12 1CY N . -35.63 -13.55 17.89
C13 1CY N . -36.00 -14.40 18.90
C14 1CY N . -35.87 -14.02 20.21
C15 1CY N . -35.35 -12.76 20.51
C16 1CY N . -34.98 -11.91 19.49
CL17 1CY N . -36.35 -15.12 21.45
PA NDP O . -29.15 -13.50 27.59
O1A NDP O . -27.82 -13.38 27.10
O2A NDP O . -30.30 -13.83 26.69
O5B NDP O . -29.13 -14.70 28.70
C5B NDP O . -28.21 -14.58 29.78
C4B NDP O . -28.33 -15.92 30.48
O4B NDP O . -27.82 -16.92 29.53
C3B NDP O . -27.56 -16.13 31.70
O3B NDP O . -27.98 -15.46 32.91
C2B NDP O . -27.31 -17.55 31.78
O2B NDP O . -28.37 -18.36 32.26
C1B NDP O . -26.96 -17.75 30.33
N9A NDP O . -25.51 -17.62 30.00
C8A NDP O . -24.87 -16.68 29.18
N7A NDP O . -23.57 -16.88 29.14
C5A NDP O . -23.32 -17.95 29.95
C6A NDP O . -22.14 -18.67 30.34
N6A NDP O . -20.95 -18.29 29.88
N1A NDP O . -22.24 -19.73 31.19
C2A NDP O . -23.46 -20.11 31.65
N3A NDP O . -24.63 -19.51 31.35
C4A NDP O . -24.49 -18.43 30.48
O3 NDP O . -29.62 -12.27 28.49
PN NDP O . -29.62 -10.66 28.49
O1N NDP O . -28.21 -10.25 28.41
O2N NDP O . -30.48 -10.21 29.63
O5D NDP O . -30.53 -10.50 27.17
C5D NDP O . -30.92 -9.17 26.64
C4D NDP O . -32.51 -8.99 26.65
O4D NDP O . -32.84 -8.51 25.36
C3D NDP O . -33.34 -10.29 26.81
O3D NDP O . -34.52 -10.02 27.58
C2D NDP O . -33.61 -10.79 25.42
O2D NDP O . -34.86 -11.46 25.33
C1D NDP O . -33.69 -9.40 24.65
N1N NDP O . -33.20 -9.49 23.24
C2N NDP O . -33.65 -8.44 22.42
C3N NDP O . -33.21 -8.46 21.04
C7N NDP O . -33.65 -7.39 20.13
O7N NDP O . -33.31 -7.35 18.95
N7N NDP O . -34.47 -6.39 20.57
C4N NDP O . -32.37 -9.50 20.61
C5N NDP O . -31.94 -10.51 21.42
C6N NDP O . -32.34 -10.52 22.75
P2B NDP O . -28.58 -18.66 33.74
O1X NDP O . -29.35 -19.92 33.71
O2X NDP O . -27.23 -18.77 34.38
O3X NDP O . -29.38 -17.54 34.40
P PO4 P . 20.69 -26.24 1.32
O1 PO4 P . 19.97 -27.45 0.53
O2 PO4 P . 19.79 -24.95 1.15
O3 PO4 P . 20.81 -26.65 2.82
O4 PO4 P . 22.09 -25.99 0.69
#